data_1RND
# 
_entry.id   1RND 
# 
_audit_conform.dict_name       mmcif_pdbx.dic 
_audit_conform.dict_version    5.397 
_audit_conform.dict_location   http://mmcif.pdb.org/dictionaries/ascii/mmcif_pdbx.dic 
# 
loop_
_database_2.database_id 
_database_2.database_code 
_database_2.pdbx_database_accession 
_database_2.pdbx_DOI 
PDB   1RND         pdb_00001rnd 10.2210/pdb1rnd/pdb 
WWPDB D_1000176134 ?            ?                   
# 
loop_
_pdbx_audit_revision_history.ordinal 
_pdbx_audit_revision_history.data_content_type 
_pdbx_audit_revision_history.major_revision 
_pdbx_audit_revision_history.minor_revision 
_pdbx_audit_revision_history.revision_date 
1 'Structure model' 1 0 1994-01-31 
2 'Structure model' 1 1 2008-03-03 
3 'Structure model' 1 2 2011-07-13 
4 'Structure model' 1 3 2017-11-29 
5 'Structure model' 1 4 2024-10-16 
# 
_pdbx_audit_revision_details.ordinal             1 
_pdbx_audit_revision_details.revision_ordinal    1 
_pdbx_audit_revision_details.data_content_type   'Structure model' 
_pdbx_audit_revision_details.provider            repository 
_pdbx_audit_revision_details.type                'Initial release' 
_pdbx_audit_revision_details.description         ? 
_pdbx_audit_revision_details.details             ? 
# 
loop_
_pdbx_audit_revision_group.ordinal 
_pdbx_audit_revision_group.revision_ordinal 
_pdbx_audit_revision_group.data_content_type 
_pdbx_audit_revision_group.group 
1 2 'Structure model' 'Version format compliance' 
2 3 'Structure model' 'Non-polymer description'   
3 3 'Structure model' 'Version format compliance' 
4 4 'Structure model' 'Derived calculations'      
5 4 'Structure model' Other                       
6 5 'Structure model' 'Data collection'           
7 5 'Structure model' 'Database references'       
8 5 'Structure model' 'Derived calculations'      
9 5 'Structure model' 'Structure summary'         
# 
loop_
_pdbx_audit_revision_category.ordinal 
_pdbx_audit_revision_category.revision_ordinal 
_pdbx_audit_revision_category.data_content_type 
_pdbx_audit_revision_category.category 
1  4 'Structure model' pdbx_database_status      
2  4 'Structure model' struct_conf               
3  4 'Structure model' struct_conf_type          
4  5 'Structure model' chem_comp                 
5  5 'Structure model' chem_comp_atom            
6  5 'Structure model' chem_comp_bond            
7  5 'Structure model' database_2                
8  5 'Structure model' pdbx_entry_details        
9  5 'Structure model' pdbx_modification_feature 
10 5 'Structure model' struct_site               
# 
loop_
_pdbx_audit_revision_item.ordinal 
_pdbx_audit_revision_item.revision_ordinal 
_pdbx_audit_revision_item.data_content_type 
_pdbx_audit_revision_item.item 
1 4 'Structure model' '_pdbx_database_status.process_site'           
2 5 'Structure model' '_chem_comp.type'                              
3 5 'Structure model' '_database_2.pdbx_DOI'                         
4 5 'Structure model' '_database_2.pdbx_database_accession'          
5 5 'Structure model' '_pdbx_entry_details.has_protein_modification' 
6 5 'Structure model' '_struct_site.pdbx_auth_asym_id'               
7 5 'Structure model' '_struct_site.pdbx_auth_comp_id'               
8 5 'Structure model' '_struct_site.pdbx_auth_seq_id'                
# 
_pdbx_database_status.status_code                     REL 
_pdbx_database_status.entry_id                        1RND 
_pdbx_database_status.recvd_initial_deposition_date   1991-10-21 
_pdbx_database_status.deposit_site                    ? 
_pdbx_database_status.process_site                    BNL 
_pdbx_database_status.status_code_sf                  REL 
_pdbx_database_status.status_code_mr                  ? 
_pdbx_database_status.SG_entry                        ? 
_pdbx_database_status.pdb_format_compatible           Y 
_pdbx_database_status.status_code_cs                  ? 
_pdbx_database_status.methods_development_category    ? 
_pdbx_database_status.status_code_nmr_data            ? 
# 
loop_
_audit_author.name 
_audit_author.pdbx_ordinal 
'Aguilar, C.F.' 1 
'Thomas, P.J.'  2 
'Mills, A.'     3 
'Moss, D.S.'    4 
'Palmer, R.A.'  5 
# 
loop_
_citation.id 
_citation.title 
_citation.journal_abbrev 
_citation.journal_volume 
_citation.page_first 
_citation.page_last 
_citation.year 
_citation.journal_id_ASTM 
_citation.country 
_citation.journal_id_ISSN 
_citation.journal_id_CSD 
_citation.book_publisher 
_citation.pdbx_database_id_PubMed 
_citation.pdbx_database_id_DOI 
primary 'Newly observed binding mode in pancreatic ribonuclease.' J.Mol.Biol.                  224  265 267 1992 JMOBAK UK 
0022-2836 0070 ? 1548704 '10.1016/0022-2836(92)90589-C' 
1       
;Novel Non-Productively Bound Ribonuclease Inhibitor Complexes-High Resolution X-Ray Refinement Studies on the Binding of Rnase-A to Cytidylyl-2',5'-Guanosine (2',5'Cpg) and Deoxycytidylyl-3',5'-Guanosine (3',5'Dcpdg)
;
Biochim.Biophys.Acta         1118 6   ?   1991 BBACAQ NE 0006-3002 0113 ? ?       ?                              
2       
;X-Ray Refinement Study on the Binding of Cytidylic Acid (2'-Cmp) to Ribonuclease-A
;
J.Mol.Biol.                  196  159 ?   1987 JMOBAK UK 0022-2836 0070 ? ?       ?                              
3       
;An X-Ray Refinement Study on the Binding of Ribonuclease-A to Cytidine-N(3)-Oxide 2'-Phosphate
;
Biochim.Biophys.Acta         785  81  ?   1984 BBACAQ NE 0006-3002 0113 ? ?       ?                              
4       'The Refined Structure of Ribonuclease-A at 1.45 Angstroms Resolution' J.Crystallogr.Spectrosc.Res. 14   467 ?   1984 
JCREDB US 0277-8068 0582 ? ?       ?                              
# 
loop_
_citation_author.citation_id 
_citation_author.name 
_citation_author.ordinal 
_citation_author.identifier_ORCID 
primary 'Aguilar, C.F.'  1  ? 
primary 'Thomas, P.J.'   2  ? 
primary 'Mills, A.'      3  ? 
primary 'Moss, D.S.'     4  ? 
primary 'Palmer, R.A.'   5  ? 
1       'Aguilar, C.F.'  6  ? 
1       'Thomas, P.J.'   7  ? 
1       'Moss, D.S.'     8  ? 
1       'Mills, A.'      9  ? 
1       'Palmer, R.A.'   10 ? 
2       'Howlin, B.'     11 ? 
2       'Harris, G.W.'   12 ? 
2       'Moss, D.S.'     13 ? 
2       'Palmer, R.A.'   14 ? 
3       'Palmer, R.A.'   15 ? 
3       'Moss, D.S.'     16 ? 
3       'Haneef, I.'     17 ? 
3       'Borkakoti, N.'  18 ? 
4       'Borkakoti, N.'  19 ? 
4       'Moss, D.S.'     20 ? 
4       'Stanford, M.J.' 21 ? 
4       'Palmer, R.A.'   22 ? 
# 
loop_
_entity.id 
_entity.type 
_entity.src_method 
_entity.pdbx_description 
_entity.formula_weight 
_entity.pdbx_number_of_molecules 
_entity.pdbx_ec 
_entity.pdbx_mutation 
_entity.pdbx_fragment 
_entity.details 
1 polymer     man 'RIBONUCLEASE A'                     13708.326 1  3.1.27.5 ? ? ? 
2 non-polymer syn 'SULFATE ION'                        96.063    1  ?        ? ? ? 
3 non-polymer syn "2'-DEOXYGUANOSINE-5'-MONOPHOSPHATE" 347.221   1  ?        ? ? ? 
4 water       nat water                                18.015    96 ?        ? ? ? 
# 
_entity_poly.entity_id                      1 
_entity_poly.type                           'polypeptide(L)' 
_entity_poly.nstd_linkage                   no 
_entity_poly.nstd_monomer                   no 
_entity_poly.pdbx_seq_one_letter_code       
;KETAAAKFERQHMDSSTSAASSSNYCNQMMKSRNLTKDRCKPVNTFVHESLADVQAVCSQKNVACKNGQTNCYQSYSTMS
ITDCRETGSSKYPNCAYKTTQANKHIIVACEGNPYVPVHFDASV
;
_entity_poly.pdbx_seq_one_letter_code_can   
;KETAAAKFERQHMDSSTSAASSSNYCNQMMKSRNLTKDRCKPVNTFVHESLADVQAVCSQKNVACKNGQTNCYQSYSTMS
ITDCRETGSSKYPNCAYKTTQANKHIIVACEGNPYVPVHFDASV
;
_entity_poly.pdbx_strand_id                 A 
_entity_poly.pdbx_target_identifier         ? 
# 
loop_
_pdbx_entity_nonpoly.entity_id 
_pdbx_entity_nonpoly.name 
_pdbx_entity_nonpoly.comp_id 
2 'SULFATE ION'                        SO4 
3 "2'-DEOXYGUANOSINE-5'-MONOPHOSPHATE" DGP 
4 water                                HOH 
# 
loop_
_entity_poly_seq.entity_id 
_entity_poly_seq.num 
_entity_poly_seq.mon_id 
_entity_poly_seq.hetero 
1 1   LYS n 
1 2   GLU n 
1 3   THR n 
1 4   ALA n 
1 5   ALA n 
1 6   ALA n 
1 7   LYS n 
1 8   PHE n 
1 9   GLU n 
1 10  ARG n 
1 11  GLN n 
1 12  HIS n 
1 13  MET n 
1 14  ASP n 
1 15  SER n 
1 16  SER n 
1 17  THR n 
1 18  SER n 
1 19  ALA n 
1 20  ALA n 
1 21  SER n 
1 22  SER n 
1 23  SER n 
1 24  ASN n 
1 25  TYR n 
1 26  CYS n 
1 27  ASN n 
1 28  GLN n 
1 29  MET n 
1 30  MET n 
1 31  LYS n 
1 32  SER n 
1 33  ARG n 
1 34  ASN n 
1 35  LEU n 
1 36  THR n 
1 37  LYS n 
1 38  ASP n 
1 39  ARG n 
1 40  CYS n 
1 41  LYS n 
1 42  PRO n 
1 43  VAL n 
1 44  ASN n 
1 45  THR n 
1 46  PHE n 
1 47  VAL n 
1 48  HIS n 
1 49  GLU n 
1 50  SER n 
1 51  LEU n 
1 52  ALA n 
1 53  ASP n 
1 54  VAL n 
1 55  GLN n 
1 56  ALA n 
1 57  VAL n 
1 58  CYS n 
1 59  SER n 
1 60  GLN n 
1 61  LYS n 
1 62  ASN n 
1 63  VAL n 
1 64  ALA n 
1 65  CYS n 
1 66  LYS n 
1 67  ASN n 
1 68  GLY n 
1 69  GLN n 
1 70  THR n 
1 71  ASN n 
1 72  CYS n 
1 73  TYR n 
1 74  GLN n 
1 75  SER n 
1 76  TYR n 
1 77  SER n 
1 78  THR n 
1 79  MET n 
1 80  SER n 
1 81  ILE n 
1 82  THR n 
1 83  ASP n 
1 84  CYS n 
1 85  ARG n 
1 86  GLU n 
1 87  THR n 
1 88  GLY n 
1 89  SER n 
1 90  SER n 
1 91  LYS n 
1 92  TYR n 
1 93  PRO n 
1 94  ASN n 
1 95  CYS n 
1 96  ALA n 
1 97  TYR n 
1 98  LYS n 
1 99  THR n 
1 100 THR n 
1 101 GLN n 
1 102 ALA n 
1 103 ASN n 
1 104 LYS n 
1 105 HIS n 
1 106 ILE n 
1 107 ILE n 
1 108 VAL n 
1 109 ALA n 
1 110 CYS n 
1 111 GLU n 
1 112 GLY n 
1 113 ASN n 
1 114 PRO n 
1 115 TYR n 
1 116 VAL n 
1 117 PRO n 
1 118 VAL n 
1 119 HIS n 
1 120 PHE n 
1 121 ASP n 
1 122 ALA n 
1 123 SER n 
1 124 VAL n 
# 
_entity_src_gen.entity_id                          1 
_entity_src_gen.pdbx_src_id                        1 
_entity_src_gen.pdbx_alt_source_flag               sample 
_entity_src_gen.pdbx_seq_type                      ? 
_entity_src_gen.pdbx_beg_seq_num                   ? 
_entity_src_gen.pdbx_end_seq_num                   ? 
_entity_src_gen.gene_src_common_name               cattle 
_entity_src_gen.gene_src_genus                     Bos 
_entity_src_gen.pdbx_gene_src_gene                 ? 
_entity_src_gen.gene_src_species                   ? 
_entity_src_gen.gene_src_strain                    ? 
_entity_src_gen.gene_src_tissue                    ? 
_entity_src_gen.gene_src_tissue_fraction           ? 
_entity_src_gen.gene_src_details                   ? 
_entity_src_gen.pdbx_gene_src_fragment             ? 
_entity_src_gen.pdbx_gene_src_scientific_name      'Bos taurus' 
_entity_src_gen.pdbx_gene_src_ncbi_taxonomy_id     9913 
_entity_src_gen.pdbx_gene_src_variant              ? 
_entity_src_gen.pdbx_gene_src_cell_line            ? 
_entity_src_gen.pdbx_gene_src_atcc                 ? 
_entity_src_gen.pdbx_gene_src_organ                PANCREAS 
_entity_src_gen.pdbx_gene_src_organelle            ? 
_entity_src_gen.pdbx_gene_src_cell                 ? 
_entity_src_gen.pdbx_gene_src_cellular_location    ? 
_entity_src_gen.host_org_common_name               ? 
_entity_src_gen.pdbx_host_org_scientific_name      ? 
_entity_src_gen.pdbx_host_org_ncbi_taxonomy_id     ? 
_entity_src_gen.host_org_genus                     ? 
_entity_src_gen.pdbx_host_org_gene                 ? 
_entity_src_gen.pdbx_host_org_organ                ? 
_entity_src_gen.host_org_species                   ? 
_entity_src_gen.pdbx_host_org_tissue               ? 
_entity_src_gen.pdbx_host_org_tissue_fraction      ? 
_entity_src_gen.pdbx_host_org_strain               ? 
_entity_src_gen.pdbx_host_org_variant              ? 
_entity_src_gen.pdbx_host_org_cell_line            ? 
_entity_src_gen.pdbx_host_org_atcc                 ? 
_entity_src_gen.pdbx_host_org_culture_collection   ? 
_entity_src_gen.pdbx_host_org_cell                 ? 
_entity_src_gen.pdbx_host_org_organelle            ? 
_entity_src_gen.pdbx_host_org_cellular_location    ? 
_entity_src_gen.pdbx_host_org_vector_type          ? 
_entity_src_gen.pdbx_host_org_vector               ? 
_entity_src_gen.host_org_details                   ? 
_entity_src_gen.expression_system_id               ? 
_entity_src_gen.plasmid_name                       ? 
_entity_src_gen.plasmid_details                    ? 
_entity_src_gen.pdbx_description                   ? 
# 
loop_
_chem_comp.id 
_chem_comp.type 
_chem_comp.mon_nstd_flag 
_chem_comp.name 
_chem_comp.pdbx_synonyms 
_chem_comp.formula 
_chem_comp.formula_weight 
ALA 'L-peptide linking' y ALANINE                              ? 'C3 H7 N O2'      89.093  
ARG 'L-peptide linking' y ARGININE                             ? 'C6 H15 N4 O2 1'  175.209 
ASN 'L-peptide linking' y ASPARAGINE                           ? 'C4 H8 N2 O3'     132.118 
ASP 'L-peptide linking' y 'ASPARTIC ACID'                      ? 'C4 H7 N O4'      133.103 
CYS 'L-peptide linking' y CYSTEINE                             ? 'C3 H7 N O2 S'    121.158 
DGP non-polymer         n "2'-DEOXYGUANOSINE-5'-MONOPHOSPHATE" ? 'C10 H14 N5 O7 P' 347.221 
GLN 'L-peptide linking' y GLUTAMINE                            ? 'C5 H10 N2 O3'    146.144 
GLU 'L-peptide linking' y 'GLUTAMIC ACID'                      ? 'C5 H9 N O4'      147.129 
GLY 'peptide linking'   y GLYCINE                              ? 'C2 H5 N O2'      75.067  
HIS 'L-peptide linking' y HISTIDINE                            ? 'C6 H10 N3 O2 1'  156.162 
HOH non-polymer         . WATER                                ? 'H2 O'            18.015  
ILE 'L-peptide linking' y ISOLEUCINE                           ? 'C6 H13 N O2'     131.173 
LEU 'L-peptide linking' y LEUCINE                              ? 'C6 H13 N O2'     131.173 
LYS 'L-peptide linking' y LYSINE                               ? 'C6 H15 N2 O2 1'  147.195 
MET 'L-peptide linking' y METHIONINE                           ? 'C5 H11 N O2 S'   149.211 
PHE 'L-peptide linking' y PHENYLALANINE                        ? 'C9 H11 N O2'     165.189 
PRO 'L-peptide linking' y PROLINE                              ? 'C5 H9 N O2'      115.130 
SER 'L-peptide linking' y SERINE                               ? 'C3 H7 N O3'      105.093 
SO4 non-polymer         . 'SULFATE ION'                        ? 'O4 S -2'         96.063  
THR 'L-peptide linking' y THREONINE                            ? 'C4 H9 N O3'      119.119 
TYR 'L-peptide linking' y TYROSINE                             ? 'C9 H11 N O3'     181.189 
VAL 'L-peptide linking' y VALINE                               ? 'C5 H11 N O2'     117.146 
# 
loop_
_pdbx_poly_seq_scheme.asym_id 
_pdbx_poly_seq_scheme.entity_id 
_pdbx_poly_seq_scheme.seq_id 
_pdbx_poly_seq_scheme.mon_id 
_pdbx_poly_seq_scheme.ndb_seq_num 
_pdbx_poly_seq_scheme.pdb_seq_num 
_pdbx_poly_seq_scheme.auth_seq_num 
_pdbx_poly_seq_scheme.pdb_mon_id 
_pdbx_poly_seq_scheme.auth_mon_id 
_pdbx_poly_seq_scheme.pdb_strand_id 
_pdbx_poly_seq_scheme.pdb_ins_code 
_pdbx_poly_seq_scheme.hetero 
A 1 1   LYS 1   1   1   LYS LYS A . n 
A 1 2   GLU 2   2   2   GLU GLU A . n 
A 1 3   THR 3   3   3   THR THR A . n 
A 1 4   ALA 4   4   4   ALA ALA A . n 
A 1 5   ALA 5   5   5   ALA ALA A . n 
A 1 6   ALA 6   6   6   ALA ALA A . n 
A 1 7   LYS 7   7   7   LYS LYS A . n 
A 1 8   PHE 8   8   8   PHE PHE A . n 
A 1 9   GLU 9   9   9   GLU GLU A . n 
A 1 10  ARG 10  10  10  ARG ARG A . n 
A 1 11  GLN 11  11  11  GLN GLN A . n 
A 1 12  HIS 12  12  12  HIS HIS A . n 
A 1 13  MET 13  13  13  MET MET A . n 
A 1 14  ASP 14  14  14  ASP ASP A . n 
A 1 15  SER 15  15  15  SER SER A . n 
A 1 16  SER 16  16  16  SER SER A . n 
A 1 17  THR 17  17  17  THR THR A . n 
A 1 18  SER 18  18  18  SER SER A . n 
A 1 19  ALA 19  19  19  ALA ALA A . n 
A 1 20  ALA 20  20  20  ALA ALA A . n 
A 1 21  SER 21  21  21  SER SER A . n 
A 1 22  SER 22  22  22  SER SER A . n 
A 1 23  SER 23  23  23  SER SER A . n 
A 1 24  ASN 24  24  24  ASN ASN A . n 
A 1 25  TYR 25  25  25  TYR TYR A . n 
A 1 26  CYS 26  26  26  CYS CYS A . n 
A 1 27  ASN 27  27  27  ASN ASN A . n 
A 1 28  GLN 28  28  28  GLN GLN A . n 
A 1 29  MET 29  29  29  MET MET A . n 
A 1 30  MET 30  30  30  MET MET A . n 
A 1 31  LYS 31  31  31  LYS LYS A . n 
A 1 32  SER 32  32  32  SER SER A . n 
A 1 33  ARG 33  33  33  ARG ARG A . n 
A 1 34  ASN 34  34  34  ASN ASN A . n 
A 1 35  LEU 35  35  35  LEU LEU A . n 
A 1 36  THR 36  36  36  THR THR A . n 
A 1 37  LYS 37  37  37  LYS LYS A . n 
A 1 38  ASP 38  38  38  ASP ASP A . n 
A 1 39  ARG 39  39  39  ARG ARG A . n 
A 1 40  CYS 40  40  40  CYS CYS A . n 
A 1 41  LYS 41  41  41  LYS LYS A . n 
A 1 42  PRO 42  42  42  PRO PRO A . n 
A 1 43  VAL 43  43  43  VAL VAL A . n 
A 1 44  ASN 44  44  44  ASN ASN A . n 
A 1 45  THR 45  45  45  THR THR A . n 
A 1 46  PHE 46  46  46  PHE PHE A . n 
A 1 47  VAL 47  47  47  VAL VAL A . n 
A 1 48  HIS 48  48  48  HIS HIS A . n 
A 1 49  GLU 49  49  49  GLU GLU A . n 
A 1 50  SER 50  50  50  SER SER A . n 
A 1 51  LEU 51  51  51  LEU LEU A . n 
A 1 52  ALA 52  52  52  ALA ALA A . n 
A 1 53  ASP 53  53  53  ASP ASP A . n 
A 1 54  VAL 54  54  54  VAL VAL A . n 
A 1 55  GLN 55  55  55  GLN GLN A . n 
A 1 56  ALA 56  56  56  ALA ALA A . n 
A 1 57  VAL 57  57  57  VAL VAL A . n 
A 1 58  CYS 58  58  58  CYS CYS A . n 
A 1 59  SER 59  59  59  SER SER A . n 
A 1 60  GLN 60  60  60  GLN GLN A . n 
A 1 61  LYS 61  61  61  LYS LYS A . n 
A 1 62  ASN 62  62  62  ASN ASN A . n 
A 1 63  VAL 63  63  63  VAL VAL A . n 
A 1 64  ALA 64  64  64  ALA ALA A . n 
A 1 65  CYS 65  65  65  CYS CYS A . n 
A 1 66  LYS 66  66  66  LYS LYS A . n 
A 1 67  ASN 67  67  67  ASN ASN A . n 
A 1 68  GLY 68  68  68  GLY GLY A . n 
A 1 69  GLN 69  69  69  GLN GLN A . n 
A 1 70  THR 70  70  70  THR THR A . n 
A 1 71  ASN 71  71  71  ASN ASN A . n 
A 1 72  CYS 72  72  72  CYS CYS A . n 
A 1 73  TYR 73  73  73  TYR TYR A . n 
A 1 74  GLN 74  74  74  GLN GLN A . n 
A 1 75  SER 75  75  75  SER SER A . n 
A 1 76  TYR 76  76  76  TYR TYR A . n 
A 1 77  SER 77  77  77  SER SER A . n 
A 1 78  THR 78  78  78  THR THR A . n 
A 1 79  MET 79  79  79  MET MET A . n 
A 1 80  SER 80  80  80  SER SER A . n 
A 1 81  ILE 81  81  81  ILE ILE A . n 
A 1 82  THR 82  82  82  THR THR A . n 
A 1 83  ASP 83  83  83  ASP ASP A . n 
A 1 84  CYS 84  84  84  CYS CYS A . n 
A 1 85  ARG 85  85  85  ARG ARG A . n 
A 1 86  GLU 86  86  86  GLU GLU A . n 
A 1 87  THR 87  87  87  THR THR A . n 
A 1 88  GLY 88  88  88  GLY GLY A . n 
A 1 89  SER 89  89  89  SER SER A . n 
A 1 90  SER 90  90  90  SER SER A . n 
A 1 91  LYS 91  91  91  LYS LYS A . n 
A 1 92  TYR 92  92  92  TYR TYR A . n 
A 1 93  PRO 93  93  93  PRO PRO A . n 
A 1 94  ASN 94  94  94  ASN ASN A . n 
A 1 95  CYS 95  95  95  CYS CYS A . n 
A 1 96  ALA 96  96  96  ALA ALA A . n 
A 1 97  TYR 97  97  97  TYR TYR A . n 
A 1 98  LYS 98  98  98  LYS LYS A . n 
A 1 99  THR 99  99  99  THR THR A . n 
A 1 100 THR 100 100 100 THR THR A . n 
A 1 101 GLN 101 101 101 GLN GLN A . n 
A 1 102 ALA 102 102 102 ALA ALA A . n 
A 1 103 ASN 103 103 103 ASN ASN A . n 
A 1 104 LYS 104 104 104 LYS LYS A . n 
A 1 105 HIS 105 105 105 HIS HIS A . n 
A 1 106 ILE 106 106 106 ILE ILE A . n 
A 1 107 ILE 107 107 107 ILE ILE A . n 
A 1 108 VAL 108 108 108 VAL VAL A . n 
A 1 109 ALA 109 109 109 ALA ALA A . n 
A 1 110 CYS 110 110 110 CYS CYS A . n 
A 1 111 GLU 111 111 111 GLU GLU A . n 
A 1 112 GLY 112 112 112 GLY GLY A . n 
A 1 113 ASN 113 113 113 ASN ASN A . n 
A 1 114 PRO 114 114 114 PRO PRO A . n 
A 1 115 TYR 115 115 115 TYR TYR A . n 
A 1 116 VAL 116 116 116 VAL VAL A . n 
A 1 117 PRO 117 117 117 PRO PRO A . n 
A 1 118 VAL 118 118 118 VAL VAL A . n 
A 1 119 HIS 119 119 119 HIS HIS A . n 
A 1 120 PHE 120 120 120 PHE PHE A . n 
A 1 121 ASP 121 121 121 ASP ASP A . n 
A 1 122 ALA 122 122 122 ALA ALA A . n 
A 1 123 SER 123 123 123 SER SER A . n 
A 1 124 VAL 124 124 124 VAL VAL A . n 
# 
loop_
_pdbx_nonpoly_scheme.asym_id 
_pdbx_nonpoly_scheme.entity_id 
_pdbx_nonpoly_scheme.mon_id 
_pdbx_nonpoly_scheme.ndb_seq_num 
_pdbx_nonpoly_scheme.pdb_seq_num 
_pdbx_nonpoly_scheme.auth_seq_num 
_pdbx_nonpoly_scheme.pdb_mon_id 
_pdbx_nonpoly_scheme.auth_mon_id 
_pdbx_nonpoly_scheme.pdb_strand_id 
_pdbx_nonpoly_scheme.pdb_ins_code 
B 2 SO4 1  125 125 SO4 SO4 A . 
C 3 DGP 1  126 126 DGP DCG A . 
D 4 HOH 1  127 127 HOH HOH A . 
D 4 HOH 2  128 128 HOH HOH A . 
D 4 HOH 3  129 129 HOH HOH A . 
D 4 HOH 4  130 130 HOH HOH A . 
D 4 HOH 5  131 131 HOH HOH A . 
D 4 HOH 6  132 132 HOH HOH A . 
D 4 HOH 7  133 133 HOH HOH A . 
D 4 HOH 8  134 134 HOH HOH A . 
D 4 HOH 9  135 135 HOH HOH A . 
D 4 HOH 10 136 136 HOH HOH A . 
D 4 HOH 11 137 137 HOH HOH A . 
D 4 HOH 12 138 138 HOH HOH A . 
D 4 HOH 13 139 139 HOH HOH A . 
D 4 HOH 14 140 140 HOH HOH A . 
D 4 HOH 15 141 141 HOH HOH A . 
D 4 HOH 16 142 142 HOH HOH A . 
D 4 HOH 17 143 143 HOH HOH A . 
D 4 HOH 18 144 144 HOH HOH A . 
D 4 HOH 19 145 145 HOH HOH A . 
D 4 HOH 20 146 146 HOH HOH A . 
D 4 HOH 21 147 147 HOH HOH A . 
D 4 HOH 22 148 148 HOH HOH A . 
D 4 HOH 23 149 149 HOH HOH A . 
D 4 HOH 24 150 150 HOH HOH A . 
D 4 HOH 25 151 151 HOH HOH A . 
D 4 HOH 26 152 152 HOH HOH A . 
D 4 HOH 27 153 153 HOH HOH A . 
D 4 HOH 28 154 154 HOH HOH A . 
D 4 HOH 29 155 155 HOH HOH A . 
D 4 HOH 30 156 156 HOH HOH A . 
D 4 HOH 31 157 157 HOH HOH A . 
D 4 HOH 32 158 158 HOH HOH A . 
D 4 HOH 33 159 159 HOH HOH A . 
D 4 HOH 34 160 160 HOH HOH A . 
D 4 HOH 35 161 161 HOH HOH A . 
D 4 HOH 36 162 162 HOH HOH A . 
D 4 HOH 37 163 163 HOH HOH A . 
D 4 HOH 38 164 164 HOH HOH A . 
D 4 HOH 39 165 165 HOH HOH A . 
D 4 HOH 40 166 166 HOH HOH A . 
D 4 HOH 41 167 167 HOH HOH A . 
D 4 HOH 42 168 168 HOH HOH A . 
D 4 HOH 43 169 169 HOH HOH A . 
D 4 HOH 44 170 170 HOH HOH A . 
D 4 HOH 45 171 171 HOH HOH A . 
D 4 HOH 46 172 172 HOH HOH A . 
D 4 HOH 47 173 173 HOH HOH A . 
D 4 HOH 48 174 174 HOH HOH A . 
D 4 HOH 49 175 175 HOH HOH A . 
D 4 HOH 50 176 176 HOH HOH A . 
D 4 HOH 51 178 178 HOH HOH A . 
D 4 HOH 52 179 179 HOH HOH A . 
D 4 HOH 53 180 180 HOH HOH A . 
D 4 HOH 54 181 181 HOH HOH A . 
D 4 HOH 55 182 182 HOH HOH A . 
D 4 HOH 56 183 183 HOH HOH A . 
D 4 HOH 57 184 184 HOH HOH A . 
D 4 HOH 58 185 185 HOH HOH A . 
D 4 HOH 59 186 186 HOH HOH A . 
D 4 HOH 60 187 187 HOH HOH A . 
D 4 HOH 61 188 188 HOH HOH A . 
D 4 HOH 62 189 189 HOH HOH A . 
D 4 HOH 63 190 190 HOH HOH A . 
D 4 HOH 64 191 191 HOH HOH A . 
D 4 HOH 65 193 193 HOH HOH A . 
D 4 HOH 66 194 194 HOH HOH A . 
D 4 HOH 67 195 195 HOH HOH A . 
D 4 HOH 68 196 196 HOH HOH A . 
D 4 HOH 69 197 197 HOH HOH A . 
D 4 HOH 70 198 198 HOH HOH A . 
D 4 HOH 71 199 199 HOH HOH A . 
D 4 HOH 72 200 200 HOH HOH A . 
D 4 HOH 73 201 201 HOH HOH A . 
D 4 HOH 74 202 202 HOH HOH A . 
D 4 HOH 75 203 203 HOH HOH A . 
D 4 HOH 76 204 204 HOH HOH A . 
D 4 HOH 77 205 205 HOH HOH A . 
D 4 HOH 78 206 206 HOH HOH A . 
D 4 HOH 79 207 207 HOH HOH A . 
D 4 HOH 80 208 208 HOH HOH A . 
D 4 HOH 81 209 209 HOH HOH A . 
D 4 HOH 82 210 210 HOH HOH A . 
D 4 HOH 83 211 211 HOH HOH A . 
D 4 HOH 84 212 212 HOH HOH A . 
D 4 HOH 85 213 213 HOH HOH A . 
D 4 HOH 86 214 214 HOH HOH A . 
D 4 HOH 87 215 215 HOH HOH A . 
D 4 HOH 88 216 216 HOH HOH A . 
D 4 HOH 89 217 217 HOH HOH A . 
D 4 HOH 90 218 218 HOH HOH A . 
D 4 HOH 91 219 219 HOH HOH A . 
D 4 HOH 92 220 220 HOH HOH A . 
D 4 HOH 93 221 221 HOH HOH A . 
D 4 HOH 94 222 222 HOH HOH A . 
D 4 HOH 95 223 223 HOH HOH A . 
D 4 HOH 96 224 224 HOH HOH A . 
# 
loop_
_pdbx_unobs_or_zero_occ_atoms.id 
_pdbx_unobs_or_zero_occ_atoms.PDB_model_num 
_pdbx_unobs_or_zero_occ_atoms.polymer_flag 
_pdbx_unobs_or_zero_occ_atoms.occupancy_flag 
_pdbx_unobs_or_zero_occ_atoms.auth_asym_id 
_pdbx_unobs_or_zero_occ_atoms.auth_comp_id 
_pdbx_unobs_or_zero_occ_atoms.auth_seq_id 
_pdbx_unobs_or_zero_occ_atoms.PDB_ins_code 
_pdbx_unobs_or_zero_occ_atoms.auth_atom_id 
_pdbx_unobs_or_zero_occ_atoms.label_alt_id 
_pdbx_unobs_or_zero_occ_atoms.label_asym_id 
_pdbx_unobs_or_zero_occ_atoms.label_comp_id 
_pdbx_unobs_or_zero_occ_atoms.label_seq_id 
_pdbx_unobs_or_zero_occ_atoms.label_atom_id 
1  1 Y 1 A LYS 1  ? CG ? A LYS 1  CG 
2  1 Y 1 A LYS 1  ? CD ? A LYS 1  CD 
3  1 Y 1 A LYS 1  ? CE ? A LYS 1  CE 
4  1 Y 1 A LYS 1  ? NZ ? A LYS 1  NZ 
5  1 Y 1 A SER 21 ? OG ? A SER 21 OG 
6  1 Y 1 A LYS 31 ? CG ? A LYS 31 CG 
7  1 Y 1 A LYS 31 ? CD ? A LYS 31 CD 
8  1 Y 1 A LYS 31 ? CE ? A LYS 31 CE 
9  1 Y 1 A LYS 31 ? NZ ? A LYS 31 NZ 
10 1 Y 1 A LYS 37 ? CG ? A LYS 37 CG 
11 1 Y 1 A LYS 37 ? CD ? A LYS 37 CD 
12 1 Y 1 A LYS 37 ? CE ? A LYS 37 CE 
13 1 Y 1 A LYS 37 ? NZ ? A LYS 37 NZ 
14 1 Y 1 A LYS 66 ? CG ? A LYS 66 CG 
15 1 Y 1 A LYS 66 ? CD ? A LYS 66 CD 
16 1 Y 1 A LYS 66 ? CE ? A LYS 66 CE 
17 1 Y 1 A LYS 66 ? NZ ? A LYS 66 NZ 
# 
_software.name             RESTRAIN 
_software.classification   refinement 
_software.version          . 
_software.citation_id      ? 
_software.pdbx_ordinal     1 
# 
_cell.entry_id           1RND 
_cell.length_a           30.340 
_cell.length_b           38.190 
_cell.length_c           53.370 
_cell.angle_alpha        90.00 
_cell.angle_beta         105.90 
_cell.angle_gamma        90.00 
_cell.Z_PDB              2 
_cell.pdbx_unique_axis   ? 
# 
_symmetry.entry_id                         1RND 
_symmetry.space_group_name_H-M             'P 1 21 1' 
_symmetry.pdbx_full_space_group_name_H-M   ? 
_symmetry.cell_setting                     ? 
_symmetry.Int_Tables_number                4 
# 
_exptl.entry_id          1RND 
_exptl.method            'X-RAY DIFFRACTION' 
_exptl.crystals_number   ? 
# 
_exptl_crystal.id                    1 
_exptl_crystal.density_meas          ? 
_exptl_crystal.density_Matthews      2.17 
_exptl_crystal.density_percent_sol   43.28 
_exptl_crystal.description           ? 
# 
_diffrn.id                     1 
_diffrn.ambient_temp           ? 
_diffrn.ambient_temp_details   ? 
_diffrn.crystal_id             1 
# 
_diffrn_radiation.diffrn_id                        1 
_diffrn_radiation.wavelength_id                    1 
_diffrn_radiation.pdbx_monochromatic_or_laue_m_l   ? 
_diffrn_radiation.monochromator                    ? 
_diffrn_radiation.pdbx_diffrn_protocol             ? 
_diffrn_radiation.pdbx_scattering_type             x-ray 
# 
_diffrn_radiation_wavelength.id           1 
_diffrn_radiation_wavelength.wavelength   . 
_diffrn_radiation_wavelength.wt           1.0 
# 
_refine.entry_id                                 1RND 
_refine.ls_number_reflns_obs                     16347 
_refine.ls_number_reflns_all                     ? 
_refine.pdbx_ls_sigma_I                          ? 
_refine.pdbx_ls_sigma_F                          ? 
_refine.pdbx_data_cutoff_high_absF               ? 
_refine.pdbx_data_cutoff_low_absF                ? 
_refine.pdbx_data_cutoff_high_rms_absF           ? 
_refine.ls_d_res_low                             ? 
_refine.ls_d_res_high                            1.5 
_refine.ls_percent_reflns_obs                    ? 
_refine.ls_R_factor_obs                          0.19 
_refine.ls_R_factor_all                          ? 
_refine.ls_R_factor_R_work                       ? 
_refine.ls_R_factor_R_free                       ? 
_refine.ls_R_factor_R_free_error                 ? 
_refine.ls_R_factor_R_free_error_details         ? 
_refine.ls_percent_reflns_R_free                 ? 
_refine.ls_number_reflns_R_free                  ? 
_refine.ls_number_parameters                     ? 
_refine.ls_number_restraints                     ? 
_refine.occupancy_min                            ? 
_refine.occupancy_max                            ? 
_refine.B_iso_mean                               ? 
_refine.aniso_B[1][1]                            ? 
_refine.aniso_B[2][2]                            ? 
_refine.aniso_B[3][3]                            ? 
_refine.aniso_B[1][2]                            ? 
_refine.aniso_B[1][3]                            ? 
_refine.aniso_B[2][3]                            ? 
_refine.solvent_model_details                    ? 
_refine.solvent_model_param_ksol                 ? 
_refine.solvent_model_param_bsol                 ? 
_refine.pdbx_ls_cross_valid_method               ? 
_refine.details                                  
;THE INHIBITOR AND SULFATE ANION WERE REFINED USING GROUP
OCCUPANCIES.
;
_refine.pdbx_starting_model                      ? 
_refine.pdbx_method_to_determine_struct          ? 
_refine.pdbx_isotropic_thermal_model             ? 
_refine.pdbx_stereochemistry_target_values       ? 
_refine.pdbx_stereochem_target_val_spec_case     ? 
_refine.pdbx_R_Free_selection_details            ? 
_refine.pdbx_overall_ESU_R                       ? 
_refine.pdbx_overall_ESU_R_Free                  ? 
_refine.overall_SU_ML                            ? 
_refine.overall_SU_B                             ? 
_refine.pdbx_refine_id                           'X-RAY DIFFRACTION' 
_refine.pdbx_diffrn_id                           1 
_refine.pdbx_TLS_residual_ADP_flag               ? 
_refine.correlation_coeff_Fo_to_Fc               ? 
_refine.correlation_coeff_Fo_to_Fc_free          ? 
_refine.pdbx_solvent_vdw_probe_radii             ? 
_refine.pdbx_solvent_ion_probe_radii             ? 
_refine.pdbx_solvent_shrinkage_radii             ? 
_refine.pdbx_overall_phase_error                 ? 
_refine.overall_SU_R_Cruickshank_DPI             ? 
_refine.pdbx_overall_SU_R_free_Cruickshank_DPI   ? 
_refine.pdbx_overall_SU_R_Blow_DPI               ? 
_refine.pdbx_overall_SU_R_free_Blow_DPI          ? 
# 
_refine_hist.pdbx_refine_id                   'X-RAY DIFFRACTION' 
_refine_hist.cycle_id                         LAST 
_refine_hist.pdbx_number_atoms_protein        934 
_refine_hist.pdbx_number_atoms_nucleic_acid   0 
_refine_hist.pdbx_number_atoms_ligand         28 
_refine_hist.number_atoms_solvent             96 
_refine_hist.number_atoms_total               1058 
_refine_hist.d_res_high                       1.5 
_refine_hist.d_res_low                        . 
# 
loop_
_refine_ls_restr.type 
_refine_ls_restr.dev_ideal 
_refine_ls_restr.dev_ideal_target 
_refine_ls_restr.weight 
_refine_ls_restr.number 
_refine_ls_restr.pdbx_refine_id 
_refine_ls_restr.pdbx_restraint_function 
p_bond_d    0.023 ? ? ? 'X-RAY DIFFRACTION' ? 
p_angle_deg 1.22  ? ? ? 'X-RAY DIFFRACTION' ? 
# 
_struct.entry_id                  1RND 
_struct.title                     'NEWLY OBSERVED BINDING MODE IN PANCREATIC RIBONUCLEASE' 
_struct.pdbx_model_details        ? 
_struct.pdbx_CASP_flag            ? 
_struct.pdbx_model_type_details   ? 
# 
_struct_keywords.entry_id        1RND 
_struct_keywords.pdbx_keywords   'HYDROLASE(ENDORIBONUCLEASE)' 
_struct_keywords.text            'HYDROLASE(ENDORIBONUCLEASE)' 
# 
loop_
_struct_asym.id 
_struct_asym.pdbx_blank_PDB_chainid_flag 
_struct_asym.pdbx_modified 
_struct_asym.entity_id 
_struct_asym.details 
A N N 1 ? 
B N N 2 ? 
C N N 3 ? 
D N N 4 ? 
# 
_struct_ref.id                         1 
_struct_ref.db_name                    UNP 
_struct_ref.db_code                    RNAS1_BOVIN 
_struct_ref.entity_id                  1 
_struct_ref.pdbx_db_accession          P61823 
_struct_ref.pdbx_align_begin           1 
_struct_ref.pdbx_seq_one_letter_code   
;MALKSLVLLSLLVLVLLLVRVQPSLGKETAAAKFERQHMDSSTSAASSSNYCNQMMKSRNLTKDRCKPVNTFVHESLADV
QAVCSQKNVACKNGQTNCYQSYSTMSITDCRETGSSKYPNCAYKTTQANKHIIVACEGNPYVPVHFDASV
;
_struct_ref.pdbx_db_isoform            ? 
# 
_struct_ref_seq.align_id                      1 
_struct_ref_seq.ref_id                        1 
_struct_ref_seq.pdbx_PDB_id_code              1RND 
_struct_ref_seq.pdbx_strand_id                A 
_struct_ref_seq.seq_align_beg                 1 
_struct_ref_seq.pdbx_seq_align_beg_ins_code   ? 
_struct_ref_seq.seq_align_end                 124 
_struct_ref_seq.pdbx_seq_align_end_ins_code   ? 
_struct_ref_seq.pdbx_db_accession             P61823 
_struct_ref_seq.db_align_beg                  27 
_struct_ref_seq.pdbx_db_align_beg_ins_code    ? 
_struct_ref_seq.db_align_end                  150 
_struct_ref_seq.pdbx_db_align_end_ins_code    ? 
_struct_ref_seq.pdbx_auth_seq_align_beg       1 
_struct_ref_seq.pdbx_auth_seq_align_end       124 
# 
_pdbx_struct_assembly.id                   1 
_pdbx_struct_assembly.details              author_defined_assembly 
_pdbx_struct_assembly.method_details       ? 
_pdbx_struct_assembly.oligomeric_details   monomeric 
_pdbx_struct_assembly.oligomeric_count     1 
# 
_pdbx_struct_assembly_gen.assembly_id       1 
_pdbx_struct_assembly_gen.oper_expression   1 
_pdbx_struct_assembly_gen.asym_id_list      A,B,C,D 
# 
_pdbx_struct_oper_list.id                   1 
_pdbx_struct_oper_list.type                 'identity operation' 
_pdbx_struct_oper_list.name                 1_555 
_pdbx_struct_oper_list.symmetry_operation   x,y,z 
_pdbx_struct_oper_list.matrix[1][1]         1.0000000000 
_pdbx_struct_oper_list.matrix[1][2]         0.0000000000 
_pdbx_struct_oper_list.matrix[1][3]         0.0000000000 
_pdbx_struct_oper_list.vector[1]            0.0000000000 
_pdbx_struct_oper_list.matrix[2][1]         0.0000000000 
_pdbx_struct_oper_list.matrix[2][2]         1.0000000000 
_pdbx_struct_oper_list.matrix[2][3]         0.0000000000 
_pdbx_struct_oper_list.vector[2]            0.0000000000 
_pdbx_struct_oper_list.matrix[3][1]         0.0000000000 
_pdbx_struct_oper_list.matrix[3][2]         0.0000000000 
_pdbx_struct_oper_list.matrix[3][3]         1.0000000000 
_pdbx_struct_oper_list.vector[3]            0.0000000000 
# 
_struct_biol.id   1 
# 
loop_
_struct_conf.conf_type_id 
_struct_conf.id 
_struct_conf.pdbx_PDB_helix_id 
_struct_conf.beg_label_comp_id 
_struct_conf.beg_label_asym_id 
_struct_conf.beg_label_seq_id 
_struct_conf.pdbx_beg_PDB_ins_code 
_struct_conf.end_label_comp_id 
_struct_conf.end_label_asym_id 
_struct_conf.end_label_seq_id 
_struct_conf.pdbx_end_PDB_ins_code 
_struct_conf.beg_auth_comp_id 
_struct_conf.beg_auth_asym_id 
_struct_conf.beg_auth_seq_id 
_struct_conf.end_auth_comp_id 
_struct_conf.end_auth_asym_id 
_struct_conf.end_auth_seq_id 
_struct_conf.pdbx_PDB_helix_class 
_struct_conf.details 
_struct_conf.pdbx_PDB_helix_length 
HELX_P HELX_P1 H1 THR A 3  ? MET A 13 ? THR A 3  MET A 13 1 ?                     11 
HELX_P HELX_P2 H2 ASN A 24 ? ARG A 33 ? ASN A 24 ARG A 33 1 ?                     10 
HELX_P HELX_P3 H3 SER A 50 ? ALA A 56 ? SER A 50 ALA A 56 1 ?                     7  
HELX_P HELX_P4 H4 VAL A 57 ? GLN A 60 ? VAL A 57 GLN A 60 5 'SINGLE TURN OF 3/10' 4  
# 
_struct_conf_type.id          HELX_P 
_struct_conf_type.criteria    ? 
_struct_conf_type.reference   ? 
# 
loop_
_struct_conn.id 
_struct_conn.conn_type_id 
_struct_conn.pdbx_leaving_atom_flag 
_struct_conn.pdbx_PDB_id 
_struct_conn.ptnr1_label_asym_id 
_struct_conn.ptnr1_label_comp_id 
_struct_conn.ptnr1_label_seq_id 
_struct_conn.ptnr1_label_atom_id 
_struct_conn.pdbx_ptnr1_label_alt_id 
_struct_conn.pdbx_ptnr1_PDB_ins_code 
_struct_conn.pdbx_ptnr1_standard_comp_id 
_struct_conn.ptnr1_symmetry 
_struct_conn.ptnr2_label_asym_id 
_struct_conn.ptnr2_label_comp_id 
_struct_conn.ptnr2_label_seq_id 
_struct_conn.ptnr2_label_atom_id 
_struct_conn.pdbx_ptnr2_label_alt_id 
_struct_conn.pdbx_ptnr2_PDB_ins_code 
_struct_conn.ptnr1_auth_asym_id 
_struct_conn.ptnr1_auth_comp_id 
_struct_conn.ptnr1_auth_seq_id 
_struct_conn.ptnr2_auth_asym_id 
_struct_conn.ptnr2_auth_comp_id 
_struct_conn.ptnr2_auth_seq_id 
_struct_conn.ptnr2_symmetry 
_struct_conn.pdbx_ptnr3_label_atom_id 
_struct_conn.pdbx_ptnr3_label_seq_id 
_struct_conn.pdbx_ptnr3_label_comp_id 
_struct_conn.pdbx_ptnr3_label_asym_id 
_struct_conn.pdbx_ptnr3_label_alt_id 
_struct_conn.pdbx_ptnr3_PDB_ins_code 
_struct_conn.details 
_struct_conn.pdbx_dist_value 
_struct_conn.pdbx_value_order 
_struct_conn.pdbx_role 
disulf1 disulf ? ? A CYS 26 SG ? ? ? 1_555 A CYS 84  SG ? ? A CYS 26 A CYS 84  1_555 ? ? ? ? ? ? ? 2.065 ? ? 
disulf2 disulf ? ? A CYS 40 SG ? ? ? 1_555 A CYS 95  SG ? ? A CYS 40 A CYS 95  1_555 ? ? ? ? ? ? ? 2.030 ? ? 
disulf3 disulf ? ? A CYS 58 SG ? ? ? 1_555 A CYS 110 SG ? ? A CYS 58 A CYS 110 1_555 ? ? ? ? ? ? ? 2.006 ? ? 
disulf4 disulf ? ? A CYS 65 SG ? ? ? 1_555 A CYS 72  SG ? ? A CYS 65 A CYS 72  1_555 ? ? ? ? ? ? ? 2.008 ? ? 
# 
_struct_conn_type.id          disulf 
_struct_conn_type.criteria    ? 
_struct_conn_type.reference   ? 
# 
loop_
_pdbx_modification_feature.ordinal 
_pdbx_modification_feature.label_comp_id 
_pdbx_modification_feature.label_asym_id 
_pdbx_modification_feature.label_seq_id 
_pdbx_modification_feature.label_alt_id 
_pdbx_modification_feature.modified_residue_label_comp_id 
_pdbx_modification_feature.modified_residue_label_asym_id 
_pdbx_modification_feature.modified_residue_label_seq_id 
_pdbx_modification_feature.modified_residue_label_alt_id 
_pdbx_modification_feature.auth_comp_id 
_pdbx_modification_feature.auth_asym_id 
_pdbx_modification_feature.auth_seq_id 
_pdbx_modification_feature.PDB_ins_code 
_pdbx_modification_feature.symmetry 
_pdbx_modification_feature.modified_residue_auth_comp_id 
_pdbx_modification_feature.modified_residue_auth_asym_id 
_pdbx_modification_feature.modified_residue_auth_seq_id 
_pdbx_modification_feature.modified_residue_PDB_ins_code 
_pdbx_modification_feature.modified_residue_symmetry 
_pdbx_modification_feature.comp_id_linking_atom 
_pdbx_modification_feature.modified_residue_id_linking_atom 
_pdbx_modification_feature.modified_residue_id 
_pdbx_modification_feature.ref_pcm_id 
_pdbx_modification_feature.ref_comp_id 
_pdbx_modification_feature.type 
_pdbx_modification_feature.category 
1 CYS A 26 ? CYS A 84  ? CYS A 26 ? 1_555 CYS A 84  ? 1_555 SG SG . . . None 'Disulfide bridge' 
2 CYS A 40 ? CYS A 95  ? CYS A 40 ? 1_555 CYS A 95  ? 1_555 SG SG . . . None 'Disulfide bridge' 
3 CYS A 58 ? CYS A 110 ? CYS A 58 ? 1_555 CYS A 110 ? 1_555 SG SG . . . None 'Disulfide bridge' 
4 CYS A 65 ? CYS A 72  ? CYS A 65 ? 1_555 CYS A 72  ? 1_555 SG SG . . . None 'Disulfide bridge' 
# 
loop_
_struct_mon_prot_cis.pdbx_id 
_struct_mon_prot_cis.label_comp_id 
_struct_mon_prot_cis.label_seq_id 
_struct_mon_prot_cis.label_asym_id 
_struct_mon_prot_cis.label_alt_id 
_struct_mon_prot_cis.pdbx_PDB_ins_code 
_struct_mon_prot_cis.auth_comp_id 
_struct_mon_prot_cis.auth_seq_id 
_struct_mon_prot_cis.auth_asym_id 
_struct_mon_prot_cis.pdbx_label_comp_id_2 
_struct_mon_prot_cis.pdbx_label_seq_id_2 
_struct_mon_prot_cis.pdbx_label_asym_id_2 
_struct_mon_prot_cis.pdbx_PDB_ins_code_2 
_struct_mon_prot_cis.pdbx_auth_comp_id_2 
_struct_mon_prot_cis.pdbx_auth_seq_id_2 
_struct_mon_prot_cis.pdbx_auth_asym_id_2 
_struct_mon_prot_cis.pdbx_PDB_model_num 
_struct_mon_prot_cis.pdbx_omega_angle 
1 TYR 92  A . ? TYR 92  A PRO 93  A ? PRO 93  A 1 7.80 
2 ASN 113 A . ? ASN 113 A PRO 114 A ? PRO 114 A 1 6.61 
# 
loop_
_struct_sheet.id 
_struct_sheet.type 
_struct_sheet.number_strands 
_struct_sheet.details 
S1 ? 3 ? 
S2 ? 4 ? 
# 
loop_
_struct_sheet_order.sheet_id 
_struct_sheet_order.range_id_1 
_struct_sheet_order.range_id_2 
_struct_sheet_order.offset 
_struct_sheet_order.sense 
S1 1 2 ? anti-parallel 
S1 2 3 ? anti-parallel 
S2 1 2 ? anti-parallel 
S2 2 3 ? anti-parallel 
S2 3 4 ? anti-parallel 
# 
loop_
_struct_sheet_range.sheet_id 
_struct_sheet_range.id 
_struct_sheet_range.beg_label_comp_id 
_struct_sheet_range.beg_label_asym_id 
_struct_sheet_range.beg_label_seq_id 
_struct_sheet_range.pdbx_beg_PDB_ins_code 
_struct_sheet_range.end_label_comp_id 
_struct_sheet_range.end_label_asym_id 
_struct_sheet_range.end_label_seq_id 
_struct_sheet_range.pdbx_end_PDB_ins_code 
_struct_sheet_range.beg_auth_comp_id 
_struct_sheet_range.beg_auth_asym_id 
_struct_sheet_range.beg_auth_seq_id 
_struct_sheet_range.end_auth_comp_id 
_struct_sheet_range.end_auth_asym_id 
_struct_sheet_range.end_auth_seq_id 
S1 1 VAL A 43  ? VAL A 47  ? VAL A 43  VAL A 47  
S1 2 MET A 79  ? GLU A 86  ? MET A 79  GLU A 86  
S1 3 TYR A 97  ? LYS A 104 ? TYR A 97  LYS A 104 
S2 1 LYS A 61  ? VAL A 63  ? LYS A 61  VAL A 63  
S2 2 CYS A 72  ? GLN A 74  ? CYS A 72  GLN A 74  
S2 3 LYS A 104 ? GLU A 111 ? LYS A 104 GLU A 111 
S2 4 VAL A 116 ? VAL A 124 ? VAL A 116 VAL A 124 
# 
loop_
_pdbx_struct_sheet_hbond.sheet_id 
_pdbx_struct_sheet_hbond.range_id_1 
_pdbx_struct_sheet_hbond.range_id_2 
_pdbx_struct_sheet_hbond.range_1_label_atom_id 
_pdbx_struct_sheet_hbond.range_1_label_comp_id 
_pdbx_struct_sheet_hbond.range_1_label_asym_id 
_pdbx_struct_sheet_hbond.range_1_label_seq_id 
_pdbx_struct_sheet_hbond.range_1_PDB_ins_code 
_pdbx_struct_sheet_hbond.range_1_auth_atom_id 
_pdbx_struct_sheet_hbond.range_1_auth_comp_id 
_pdbx_struct_sheet_hbond.range_1_auth_asym_id 
_pdbx_struct_sheet_hbond.range_1_auth_seq_id 
_pdbx_struct_sheet_hbond.range_2_label_atom_id 
_pdbx_struct_sheet_hbond.range_2_label_comp_id 
_pdbx_struct_sheet_hbond.range_2_label_asym_id 
_pdbx_struct_sheet_hbond.range_2_label_seq_id 
_pdbx_struct_sheet_hbond.range_2_PDB_ins_code 
_pdbx_struct_sheet_hbond.range_2_auth_atom_id 
_pdbx_struct_sheet_hbond.range_2_auth_comp_id 
_pdbx_struct_sheet_hbond.range_2_auth_asym_id 
_pdbx_struct_sheet_hbond.range_2_auth_seq_id 
S1 1 2 O PHE A 46  ? O PHE A 46  N THR A 82  ? N THR A 82  
S1 2 3 O ILE A 81  ? O ILE A 81  N ALA A 102 ? N ALA A 102 
S2 1 2 O LYS A 61  ? O LYS A 61  N GLN A 74  ? N GLN A 74  
S2 2 3 O TYR A 73  ? O TYR A 73  N VAL A 108 ? N VAL A 108 
S2 3 4 N GLU A 111 ? N GLU A 111 O VAL A 116 ? O VAL A 116 
# 
loop_
_struct_site.id 
_struct_site.pdbx_evidence_code 
_struct_site.pdbx_auth_asym_id 
_struct_site.pdbx_auth_comp_id 
_struct_site.pdbx_auth_seq_id 
_struct_site.pdbx_auth_ins_code 
_struct_site.pdbx_num_residues 
_struct_site.details 
P1  Unknown  ? ?   ?   ? 4  ?                                    
B1  Unknown  ? ?   ?   ? 2  ?                                    
B2  Unknown  ? ?   ?   ? 3  ?                                    
AC1 Software A SO4 125 ? 8  'BINDING SITE FOR RESIDUE SO4 A 125' 
AC2 Software A DGP 126 ? 10 'BINDING SITE FOR RESIDUE DGP A 126' 
# 
loop_
_struct_site_gen.id 
_struct_site_gen.site_id 
_struct_site_gen.pdbx_num_res 
_struct_site_gen.label_comp_id 
_struct_site_gen.label_asym_id 
_struct_site_gen.label_seq_id 
_struct_site_gen.pdbx_auth_ins_code 
_struct_site_gen.auth_comp_id 
_struct_site_gen.auth_asym_id 
_struct_site_gen.auth_seq_id 
_struct_site_gen.label_atom_id 
_struct_site_gen.label_alt_id 
_struct_site_gen.symmetry 
_struct_site_gen.details 
1  P1  4  HIS A 12  ? HIS A 12  . ? 1_555 ? 
2  P1  4  HIS A 119 ? HIS A 119 . ? 1_555 ? 
3  P1  4  LYS A 41  ? LYS A 41  . ? 1_555 ? 
4  P1  4  GLN A 11  ? GLN A 11  . ? 1_555 ? 
5  B1  2  THR A 45  ? THR A 45  . ? 1_555 ? 
6  B1  2  PHE A 120 ? PHE A 120 . ? 1_555 ? 
7  B2  3  GLN A 69  ? GLN A 69  . ? 1_555 ? 
8  B2  3  ASN A 71  ? ASN A 71  . ? 1_555 ? 
9  B2  3  GLU A 111 ? GLU A 111 . ? 1_555 ? 
10 AC1 8  GLN A 11  ? GLN A 11  . ? 1_555 ? 
11 AC1 8  HIS A 12  ? HIS A 12  . ? 1_555 ? 
12 AC1 8  LYS A 41  ? LYS A 41  . ? 1_555 ? 
13 AC1 8  HIS A 119 ? HIS A 119 . ? 1_555 ? 
14 AC1 8  PHE A 120 ? PHE A 120 . ? 1_555 ? 
15 AC1 8  DGP C .   ? DGP A 126 . ? 1_555 ? 
16 AC1 8  HOH D .   ? HOH A 172 . ? 1_555 ? 
17 AC1 8  HOH D .   ? HOH A 181 . ? 1_555 ? 
18 AC2 10 HIS A 12  ? HIS A 12  . ? 1_555 ? 
19 AC2 10 ASN A 44  ? ASN A 44  . ? 1_555 ? 
20 AC2 10 THR A 45  ? THR A 45  . ? 1_555 ? 
21 AC2 10 ARG A 85  ? ARG A 85  . ? 1_555 ? 
22 AC2 10 PHE A 120 ? PHE A 120 . ? 1_555 ? 
23 AC2 10 ASP A 121 ? ASP A 121 . ? 1_555 ? 
24 AC2 10 SO4 B .   ? SO4 A 125 . ? 1_555 ? 
25 AC2 10 HOH D .   ? HOH A 212 . ? 1_555 ? 
26 AC2 10 HOH D .   ? HOH A 213 . ? 1_555 ? 
27 AC2 10 HOH D .   ? HOH A 216 . ? 1_555 ? 
# 
_pdbx_entry_details.entry_id                   1RND 
_pdbx_entry_details.compound_details           
;THE MOST INTERESTING FEATURE IN THIS STRUCTURE IS THE MODE
OF BINDING OF THE DCPDG INHIBITOR TO THE ENZYME.

THE ACTIVE SITE OF THE ENZYME WAS LABELLED B1, P1, B2
(FOLLOWING F.M.RICHARDS AND H.W.WYCKOFF (1973) IN "ATLAS OF
MOLECULAR STRUCTURES IN BIOLOGY - I:  RIBONUCLEASE-S" D.C.
PHILLIPS AND F.M.RICHARDS (EDS.) CLARENDON, OXFORD) WHERE
P1 IS THE SITE AT WHICH THE PHOSPHODIESTER BOND IS CLEAVED
AND IS OCCUPIED BY THE INORGANIC PHOSPHATE (OR SULFATE)
IN THE NATIVE STRUCTURE.  B1 IS THE SITE AT WHICH BASE
IDENTIFICATION IS MADE THROUGH THR 45, BEING A SPECIFIC
BINDING PLACE FOR PYRIMIDINE BASES.  B2 IS THE SECOND
BINDING PLACE FOR EITHER PURINE OR PYRIMIDINES.

IN THIS STRUCTURE THE GUANINE BASE OF DCPDG BINDS TO THR
45 IN THE B1 SITE AND THE PHOSPHATE/SULFATE IN P1 (WHICH
IS NOT DISPLACED BY THE INHIBITOR), WITH THE CPG MOLECULE
PROTRUDING 'BACKWARDS' AWAY FROM THE ACTIVE SITE TOWARD
THE OUTSIDE OF THE RIBONUCLEASE MOLECULAR SURFACE.
;
_pdbx_entry_details.source_details             ? 
_pdbx_entry_details.nonpolymer_details         
;THE ATOMIC COORDINATES FOR THE DEOXYCYTIDINE PART OF DCPDG
ARE NOT INCLUDED IN THIS DATA SET BECAUSE THE ELECTRON
DENSITY FOR THIS PART OF THE MOLECULE WAS NOT WELL DEFINED
DUE TO LACK OF INTERACTIONS.
;
_pdbx_entry_details.sequence_details           ? 
_pdbx_entry_details.has_ligand_of_interest     ? 
_pdbx_entry_details.has_protein_modification   Y 
# 
_pdbx_validate_rmsd_bond.id                        1 
_pdbx_validate_rmsd_bond.PDB_model_num             1 
_pdbx_validate_rmsd_bond.auth_atom_id_1            CD 
_pdbx_validate_rmsd_bond.auth_asym_id_1            A 
_pdbx_validate_rmsd_bond.auth_comp_id_1            GLU 
_pdbx_validate_rmsd_bond.auth_seq_id_1             86 
_pdbx_validate_rmsd_bond.PDB_ins_code_1            ? 
_pdbx_validate_rmsd_bond.label_alt_id_1            ? 
_pdbx_validate_rmsd_bond.auth_atom_id_2            OE2 
_pdbx_validate_rmsd_bond.auth_asym_id_2            A 
_pdbx_validate_rmsd_bond.auth_comp_id_2            GLU 
_pdbx_validate_rmsd_bond.auth_seq_id_2             86 
_pdbx_validate_rmsd_bond.PDB_ins_code_2            ? 
_pdbx_validate_rmsd_bond.label_alt_id_2            ? 
_pdbx_validate_rmsd_bond.bond_value                1.183 
_pdbx_validate_rmsd_bond.bond_target_value         1.252 
_pdbx_validate_rmsd_bond.bond_deviation            -0.069 
_pdbx_validate_rmsd_bond.bond_standard_deviation   0.011 
_pdbx_validate_rmsd_bond.linker_flag               N 
# 
loop_
_pdbx_validate_rmsd_angle.id 
_pdbx_validate_rmsd_angle.PDB_model_num 
_pdbx_validate_rmsd_angle.auth_atom_id_1 
_pdbx_validate_rmsd_angle.auth_asym_id_1 
_pdbx_validate_rmsd_angle.auth_comp_id_1 
_pdbx_validate_rmsd_angle.auth_seq_id_1 
_pdbx_validate_rmsd_angle.PDB_ins_code_1 
_pdbx_validate_rmsd_angle.label_alt_id_1 
_pdbx_validate_rmsd_angle.auth_atom_id_2 
_pdbx_validate_rmsd_angle.auth_asym_id_2 
_pdbx_validate_rmsd_angle.auth_comp_id_2 
_pdbx_validate_rmsd_angle.auth_seq_id_2 
_pdbx_validate_rmsd_angle.PDB_ins_code_2 
_pdbx_validate_rmsd_angle.label_alt_id_2 
_pdbx_validate_rmsd_angle.auth_atom_id_3 
_pdbx_validate_rmsd_angle.auth_asym_id_3 
_pdbx_validate_rmsd_angle.auth_comp_id_3 
_pdbx_validate_rmsd_angle.auth_seq_id_3 
_pdbx_validate_rmsd_angle.PDB_ins_code_3 
_pdbx_validate_rmsd_angle.label_alt_id_3 
_pdbx_validate_rmsd_angle.angle_value 
_pdbx_validate_rmsd_angle.angle_target_value 
_pdbx_validate_rmsd_angle.angle_deviation 
_pdbx_validate_rmsd_angle.angle_standard_deviation 
_pdbx_validate_rmsd_angle.linker_flag 
1  1 N   A GLU 2   ? ? CA  A GLU 2   ? ? CB  A GLU 2   ? ? 98.43  110.60 -12.17 1.80 N 
2  1 CD  A ARG 10  ? ? NE  A ARG 10  ? ? CZ  A ARG 10  ? ? 132.37 123.60 8.77   1.40 N 
3  1 NE  A ARG 10  ? ? CZ  A ARG 10  ? ? NH1 A ARG 10  ? ? 116.32 120.30 -3.98  0.50 N 
4  1 NE  A ARG 10  ? ? CZ  A ARG 10  ? ? NH2 A ARG 10  ? ? 126.12 120.30 5.82   0.50 N 
5  1 N   A SER 15  ? ? CA  A SER 15  ? ? CB  A SER 15  ? ? 100.88 110.50 -9.62  1.50 N 
6  1 CB  A SER 16  ? ? CA  A SER 16  ? ? C   A SER 16  ? ? 123.67 110.10 13.57  1.90 N 
7  1 O   A THR 17  ? ? C   A THR 17  ? ? N   A SER 18  ? ? 112.24 122.70 -10.46 1.60 Y 
8  1 N   A SER 18  ? ? CA  A SER 18  ? ? CB  A SER 18  ? ? 98.87  110.50 -11.63 1.50 N 
9  1 CB  A ASN 24  ? ? CG  A ASN 24  ? ? OD1 A ASN 24  ? ? 106.47 121.60 -15.13 2.00 N 
10 1 CB  A TYR 25  ? ? CG  A TYR 25  ? ? CD2 A TYR 25  ? ? 116.70 121.00 -4.30  0.60 N 
11 1 CG  A ARG 39  ? ? CD  A ARG 39  ? ? NE  A ARG 39  ? ? 99.04  111.80 -12.76 2.10 N 
12 1 CD  A ARG 39  ? ? NE  A ARG 39  ? ? CZ  A ARG 39  ? ? 111.20 123.60 -12.40 1.40 N 
13 1 NH1 A ARG 39  ? ? CZ  A ARG 39  ? ? NH2 A ARG 39  ? ? 126.93 119.40 7.53   1.10 N 
14 1 NE  A ARG 39  ? ? CZ  A ARG 39  ? ? NH2 A ARG 39  ? ? 111.49 120.30 -8.81  0.50 N 
15 1 OE1 A GLU 49  ? ? CD  A GLU 49  ? ? OE2 A GLU 49  ? ? 114.20 123.30 -9.10  1.20 N 
16 1 CB  A LEU 51  ? ? CG  A LEU 51  ? ? CD1 A LEU 51  ? ? 126.83 111.00 15.83  1.70 N 
17 1 N   A ALA 56  ? ? CA  A ALA 56  ? ? CB  A ALA 56  ? ? 119.12 110.10 9.02   1.40 N 
18 1 CB  A TYR 73  ? ? CG  A TYR 73  ? ? CD2 A TYR 73  ? ? 116.13 121.00 -4.87  0.60 N 
19 1 CB  A TYR 76  ? ? CG  A TYR 76  ? ? CD2 A TYR 76  ? ? 116.02 121.00 -4.98  0.60 N 
20 1 CG  A TYR 76  ? ? CD2 A TYR 76  ? ? CE2 A TYR 76  ? ? 114.70 121.30 -6.60  0.80 N 
21 1 CB  A ASP 83  ? ? CG  A ASP 83  ? ? OD1 A ASP 83  ? ? 111.03 118.30 -7.27  0.90 N 
22 1 CD  A ARG 85  ? ? NE  A ARG 85  ? ? CZ  A ARG 85  ? ? 133.58 123.60 9.98   1.40 N 
23 1 NE  A ARG 85  ? ? CZ  A ARG 85  ? ? NH1 A ARG 85  ? ? 127.62 120.30 7.32   0.50 N 
24 1 NE  A ARG 85  ? ? CZ  A ARG 85  ? ? NH2 A ARG 85  ? ? 116.63 120.30 -3.67  0.50 N 
25 1 OE1 A GLU 86  ? ? CD  A GLU 86  ? ? OE2 A GLU 86  ? ? 132.07 123.30 8.77   1.20 N 
26 1 CB  A TYR 92  ? ? CG  A TYR 92  ? ? CD2 A TYR 92  ? ? 116.47 121.00 -4.53  0.60 N 
27 1 CB  A TYR 97  ? ? CG  A TYR 97  ? ? CD2 A TYR 97  ? ? 115.74 121.00 -5.26  0.60 N 
28 1 N   A ASN 113 ? ? CA  A ASN 113 ? ? CB  A ASN 113 ? ? 126.81 110.60 16.21  1.80 N 
29 1 CA  A VAL 116 ? ? CB  A VAL 116 ? ? CG2 A VAL 116 ? ? 119.96 110.90 9.06   1.50 N 
# 
loop_
_pdbx_validate_torsion.id 
_pdbx_validate_torsion.PDB_model_num 
_pdbx_validate_torsion.auth_comp_id 
_pdbx_validate_torsion.auth_asym_id 
_pdbx_validate_torsion.auth_seq_id 
_pdbx_validate_torsion.PDB_ins_code 
_pdbx_validate_torsion.label_alt_id 
_pdbx_validate_torsion.phi 
_pdbx_validate_torsion.psi 
1 1 HIS A 48 ? ? -102.75 60.15   
2 1 GLN A 60 ? ? -109.48 -143.49 
3 1 ASN A 71 ? ? -92.42  30.52   
# 
_pdbx_validate_planes.id              1 
_pdbx_validate_planes.PDB_model_num   1 
_pdbx_validate_planes.auth_comp_id    ARG 
_pdbx_validate_planes.auth_asym_id    A 
_pdbx_validate_planes.auth_seq_id     85 
_pdbx_validate_planes.PDB_ins_code    ? 
_pdbx_validate_planes.label_alt_id    ? 
_pdbx_validate_planes.rmsd            0.087 
_pdbx_validate_planes.type            'SIDE CHAIN' 
# 
loop_
_chem_comp_atom.comp_id 
_chem_comp_atom.atom_id 
_chem_comp_atom.type_symbol 
_chem_comp_atom.pdbx_aromatic_flag 
_chem_comp_atom.pdbx_stereo_config 
_chem_comp_atom.pdbx_ordinal 
ALA N      N N N 1   
ALA CA     C N S 2   
ALA C      C N N 3   
ALA O      O N N 4   
ALA CB     C N N 5   
ALA OXT    O N N 6   
ALA H      H N N 7   
ALA H2     H N N 8   
ALA HA     H N N 9   
ALA HB1    H N N 10  
ALA HB2    H N N 11  
ALA HB3    H N N 12  
ALA HXT    H N N 13  
ARG N      N N N 14  
ARG CA     C N S 15  
ARG C      C N N 16  
ARG O      O N N 17  
ARG CB     C N N 18  
ARG CG     C N N 19  
ARG CD     C N N 20  
ARG NE     N N N 21  
ARG CZ     C N N 22  
ARG NH1    N N N 23  
ARG NH2    N N N 24  
ARG OXT    O N N 25  
ARG H      H N N 26  
ARG H2     H N N 27  
ARG HA     H N N 28  
ARG HB2    H N N 29  
ARG HB3    H N N 30  
ARG HG2    H N N 31  
ARG HG3    H N N 32  
ARG HD2    H N N 33  
ARG HD3    H N N 34  
ARG HE     H N N 35  
ARG HH11   H N N 36  
ARG HH12   H N N 37  
ARG HH21   H N N 38  
ARG HH22   H N N 39  
ARG HXT    H N N 40  
ASN N      N N N 41  
ASN CA     C N S 42  
ASN C      C N N 43  
ASN O      O N N 44  
ASN CB     C N N 45  
ASN CG     C N N 46  
ASN OD1    O N N 47  
ASN ND2    N N N 48  
ASN OXT    O N N 49  
ASN H      H N N 50  
ASN H2     H N N 51  
ASN HA     H N N 52  
ASN HB2    H N N 53  
ASN HB3    H N N 54  
ASN HD21   H N N 55  
ASN HD22   H N N 56  
ASN HXT    H N N 57  
ASP N      N N N 58  
ASP CA     C N S 59  
ASP C      C N N 60  
ASP O      O N N 61  
ASP CB     C N N 62  
ASP CG     C N N 63  
ASP OD1    O N N 64  
ASP OD2    O N N 65  
ASP OXT    O N N 66  
ASP H      H N N 67  
ASP H2     H N N 68  
ASP HA     H N N 69  
ASP HB2    H N N 70  
ASP HB3    H N N 71  
ASP HD2    H N N 72  
ASP HXT    H N N 73  
CYS N      N N N 74  
CYS CA     C N R 75  
CYS C      C N N 76  
CYS O      O N N 77  
CYS CB     C N N 78  
CYS SG     S N N 79  
CYS OXT    O N N 80  
CYS H      H N N 81  
CYS H2     H N N 82  
CYS HA     H N N 83  
CYS HB2    H N N 84  
CYS HB3    H N N 85  
CYS HG     H N N 86  
CYS HXT    H N N 87  
DGP P      P N N 88  
DGP OP1    O N N 89  
DGP OP2    O N N 90  
DGP OP3    O N N 91  
DGP "O5'"  O N N 92  
DGP "C5'"  C N N 93  
DGP "C4'"  C N R 94  
DGP "O4'"  O N N 95  
DGP "C3'"  C N S 96  
DGP "O3'"  O N N 97  
DGP "C2'"  C N N 98  
DGP "C1'"  C N R 99  
DGP N9     N Y N 100 
DGP C8     C Y N 101 
DGP N7     N Y N 102 
DGP C5     C Y N 103 
DGP C6     C N N 104 
DGP O6     O N N 105 
DGP N1     N N N 106 
DGP C2     C N N 107 
DGP N2     N N N 108 
DGP N3     N N N 109 
DGP C4     C Y N 110 
DGP HOP2   H N N 111 
DGP HOP3   H N N 112 
DGP "H5'"  H N N 113 
DGP "H5''" H N N 114 
DGP "H4'"  H N N 115 
DGP "H3'"  H N N 116 
DGP "HO3'" H N N 117 
DGP "H2'"  H N N 118 
DGP "H2''" H N N 119 
DGP "H1'"  H N N 120 
DGP H8     H N N 121 
DGP HN1    H N N 122 
DGP HN21   H N N 123 
DGP HN22   H N N 124 
GLN N      N N N 125 
GLN CA     C N S 126 
GLN C      C N N 127 
GLN O      O N N 128 
GLN CB     C N N 129 
GLN CG     C N N 130 
GLN CD     C N N 131 
GLN OE1    O N N 132 
GLN NE2    N N N 133 
GLN OXT    O N N 134 
GLN H      H N N 135 
GLN H2     H N N 136 
GLN HA     H N N 137 
GLN HB2    H N N 138 
GLN HB3    H N N 139 
GLN HG2    H N N 140 
GLN HG3    H N N 141 
GLN HE21   H N N 142 
GLN HE22   H N N 143 
GLN HXT    H N N 144 
GLU N      N N N 145 
GLU CA     C N S 146 
GLU C      C N N 147 
GLU O      O N N 148 
GLU CB     C N N 149 
GLU CG     C N N 150 
GLU CD     C N N 151 
GLU OE1    O N N 152 
GLU OE2    O N N 153 
GLU OXT    O N N 154 
GLU H      H N N 155 
GLU H2     H N N 156 
GLU HA     H N N 157 
GLU HB2    H N N 158 
GLU HB3    H N N 159 
GLU HG2    H N N 160 
GLU HG3    H N N 161 
GLU HE2    H N N 162 
GLU HXT    H N N 163 
GLY N      N N N 164 
GLY CA     C N N 165 
GLY C      C N N 166 
GLY O      O N N 167 
GLY OXT    O N N 168 
GLY H      H N N 169 
GLY H2     H N N 170 
GLY HA2    H N N 171 
GLY HA3    H N N 172 
GLY HXT    H N N 173 
HIS N      N N N 174 
HIS CA     C N S 175 
HIS C      C N N 176 
HIS O      O N N 177 
HIS CB     C N N 178 
HIS CG     C Y N 179 
HIS ND1    N Y N 180 
HIS CD2    C Y N 181 
HIS CE1    C Y N 182 
HIS NE2    N Y N 183 
HIS OXT    O N N 184 
HIS H      H N N 185 
HIS H2     H N N 186 
HIS HA     H N N 187 
HIS HB2    H N N 188 
HIS HB3    H N N 189 
HIS HD1    H N N 190 
HIS HD2    H N N 191 
HIS HE1    H N N 192 
HIS HE2    H N N 193 
HIS HXT    H N N 194 
HOH O      O N N 195 
HOH H1     H N N 196 
HOH H2     H N N 197 
ILE N      N N N 198 
ILE CA     C N S 199 
ILE C      C N N 200 
ILE O      O N N 201 
ILE CB     C N S 202 
ILE CG1    C N N 203 
ILE CG2    C N N 204 
ILE CD1    C N N 205 
ILE OXT    O N N 206 
ILE H      H N N 207 
ILE H2     H N N 208 
ILE HA     H N N 209 
ILE HB     H N N 210 
ILE HG12   H N N 211 
ILE HG13   H N N 212 
ILE HG21   H N N 213 
ILE HG22   H N N 214 
ILE HG23   H N N 215 
ILE HD11   H N N 216 
ILE HD12   H N N 217 
ILE HD13   H N N 218 
ILE HXT    H N N 219 
LEU N      N N N 220 
LEU CA     C N S 221 
LEU C      C N N 222 
LEU O      O N N 223 
LEU CB     C N N 224 
LEU CG     C N N 225 
LEU CD1    C N N 226 
LEU CD2    C N N 227 
LEU OXT    O N N 228 
LEU H      H N N 229 
LEU H2     H N N 230 
LEU HA     H N N 231 
LEU HB2    H N N 232 
LEU HB3    H N N 233 
LEU HG     H N N 234 
LEU HD11   H N N 235 
LEU HD12   H N N 236 
LEU HD13   H N N 237 
LEU HD21   H N N 238 
LEU HD22   H N N 239 
LEU HD23   H N N 240 
LEU HXT    H N N 241 
LYS N      N N N 242 
LYS CA     C N S 243 
LYS C      C N N 244 
LYS O      O N N 245 
LYS CB     C N N 246 
LYS CG     C N N 247 
LYS CD     C N N 248 
LYS CE     C N N 249 
LYS NZ     N N N 250 
LYS OXT    O N N 251 
LYS H      H N N 252 
LYS H2     H N N 253 
LYS HA     H N N 254 
LYS HB2    H N N 255 
LYS HB3    H N N 256 
LYS HG2    H N N 257 
LYS HG3    H N N 258 
LYS HD2    H N N 259 
LYS HD3    H N N 260 
LYS HE2    H N N 261 
LYS HE3    H N N 262 
LYS HZ1    H N N 263 
LYS HZ2    H N N 264 
LYS HZ3    H N N 265 
LYS HXT    H N N 266 
MET N      N N N 267 
MET CA     C N S 268 
MET C      C N N 269 
MET O      O N N 270 
MET CB     C N N 271 
MET CG     C N N 272 
MET SD     S N N 273 
MET CE     C N N 274 
MET OXT    O N N 275 
MET H      H N N 276 
MET H2     H N N 277 
MET HA     H N N 278 
MET HB2    H N N 279 
MET HB3    H N N 280 
MET HG2    H N N 281 
MET HG3    H N N 282 
MET HE1    H N N 283 
MET HE2    H N N 284 
MET HE3    H N N 285 
MET HXT    H N N 286 
PHE N      N N N 287 
PHE CA     C N S 288 
PHE C      C N N 289 
PHE O      O N N 290 
PHE CB     C N N 291 
PHE CG     C Y N 292 
PHE CD1    C Y N 293 
PHE CD2    C Y N 294 
PHE CE1    C Y N 295 
PHE CE2    C Y N 296 
PHE CZ     C Y N 297 
PHE OXT    O N N 298 
PHE H      H N N 299 
PHE H2     H N N 300 
PHE HA     H N N 301 
PHE HB2    H N N 302 
PHE HB3    H N N 303 
PHE HD1    H N N 304 
PHE HD2    H N N 305 
PHE HE1    H N N 306 
PHE HE2    H N N 307 
PHE HZ     H N N 308 
PHE HXT    H N N 309 
PRO N      N N N 310 
PRO CA     C N S 311 
PRO C      C N N 312 
PRO O      O N N 313 
PRO CB     C N N 314 
PRO CG     C N N 315 
PRO CD     C N N 316 
PRO OXT    O N N 317 
PRO H      H N N 318 
PRO HA     H N N 319 
PRO HB2    H N N 320 
PRO HB3    H N N 321 
PRO HG2    H N N 322 
PRO HG3    H N N 323 
PRO HD2    H N N 324 
PRO HD3    H N N 325 
PRO HXT    H N N 326 
SER N      N N N 327 
SER CA     C N S 328 
SER C      C N N 329 
SER O      O N N 330 
SER CB     C N N 331 
SER OG     O N N 332 
SER OXT    O N N 333 
SER H      H N N 334 
SER H2     H N N 335 
SER HA     H N N 336 
SER HB2    H N N 337 
SER HB3    H N N 338 
SER HG     H N N 339 
SER HXT    H N N 340 
SO4 S      S N N 341 
SO4 O1     O N N 342 
SO4 O2     O N N 343 
SO4 O3     O N N 344 
SO4 O4     O N N 345 
THR N      N N N 346 
THR CA     C N S 347 
THR C      C N N 348 
THR O      O N N 349 
THR CB     C N R 350 
THR OG1    O N N 351 
THR CG2    C N N 352 
THR OXT    O N N 353 
THR H      H N N 354 
THR H2     H N N 355 
THR HA     H N N 356 
THR HB     H N N 357 
THR HG1    H N N 358 
THR HG21   H N N 359 
THR HG22   H N N 360 
THR HG23   H N N 361 
THR HXT    H N N 362 
TYR N      N N N 363 
TYR CA     C N S 364 
TYR C      C N N 365 
TYR O      O N N 366 
TYR CB     C N N 367 
TYR CG     C Y N 368 
TYR CD1    C Y N 369 
TYR CD2    C Y N 370 
TYR CE1    C Y N 371 
TYR CE2    C Y N 372 
TYR CZ     C Y N 373 
TYR OH     O N N 374 
TYR OXT    O N N 375 
TYR H      H N N 376 
TYR H2     H N N 377 
TYR HA     H N N 378 
TYR HB2    H N N 379 
TYR HB3    H N N 380 
TYR HD1    H N N 381 
TYR HD2    H N N 382 
TYR HE1    H N N 383 
TYR HE2    H N N 384 
TYR HH     H N N 385 
TYR HXT    H N N 386 
VAL N      N N N 387 
VAL CA     C N S 388 
VAL C      C N N 389 
VAL O      O N N 390 
VAL CB     C N N 391 
VAL CG1    C N N 392 
VAL CG2    C N N 393 
VAL OXT    O N N 394 
VAL H      H N N 395 
VAL H2     H N N 396 
VAL HA     H N N 397 
VAL HB     H N N 398 
VAL HG11   H N N 399 
VAL HG12   H N N 400 
VAL HG13   H N N 401 
VAL HG21   H N N 402 
VAL HG22   H N N 403 
VAL HG23   H N N 404 
VAL HXT    H N N 405 
# 
loop_
_chem_comp_bond.comp_id 
_chem_comp_bond.atom_id_1 
_chem_comp_bond.atom_id_2 
_chem_comp_bond.value_order 
_chem_comp_bond.pdbx_aromatic_flag 
_chem_comp_bond.pdbx_stereo_config 
_chem_comp_bond.pdbx_ordinal 
ALA N     CA     sing N N 1   
ALA N     H      sing N N 2   
ALA N     H2     sing N N 3   
ALA CA    C      sing N N 4   
ALA CA    CB     sing N N 5   
ALA CA    HA     sing N N 6   
ALA C     O      doub N N 7   
ALA C     OXT    sing N N 8   
ALA CB    HB1    sing N N 9   
ALA CB    HB2    sing N N 10  
ALA CB    HB3    sing N N 11  
ALA OXT   HXT    sing N N 12  
ARG N     CA     sing N N 13  
ARG N     H      sing N N 14  
ARG N     H2     sing N N 15  
ARG CA    C      sing N N 16  
ARG CA    CB     sing N N 17  
ARG CA    HA     sing N N 18  
ARG C     O      doub N N 19  
ARG C     OXT    sing N N 20  
ARG CB    CG     sing N N 21  
ARG CB    HB2    sing N N 22  
ARG CB    HB3    sing N N 23  
ARG CG    CD     sing N N 24  
ARG CG    HG2    sing N N 25  
ARG CG    HG3    sing N N 26  
ARG CD    NE     sing N N 27  
ARG CD    HD2    sing N N 28  
ARG CD    HD3    sing N N 29  
ARG NE    CZ     sing N N 30  
ARG NE    HE     sing N N 31  
ARG CZ    NH1    sing N N 32  
ARG CZ    NH2    doub N N 33  
ARG NH1   HH11   sing N N 34  
ARG NH1   HH12   sing N N 35  
ARG NH2   HH21   sing N N 36  
ARG NH2   HH22   sing N N 37  
ARG OXT   HXT    sing N N 38  
ASN N     CA     sing N N 39  
ASN N     H      sing N N 40  
ASN N     H2     sing N N 41  
ASN CA    C      sing N N 42  
ASN CA    CB     sing N N 43  
ASN CA    HA     sing N N 44  
ASN C     O      doub N N 45  
ASN C     OXT    sing N N 46  
ASN CB    CG     sing N N 47  
ASN CB    HB2    sing N N 48  
ASN CB    HB3    sing N N 49  
ASN CG    OD1    doub N N 50  
ASN CG    ND2    sing N N 51  
ASN ND2   HD21   sing N N 52  
ASN ND2   HD22   sing N N 53  
ASN OXT   HXT    sing N N 54  
ASP N     CA     sing N N 55  
ASP N     H      sing N N 56  
ASP N     H2     sing N N 57  
ASP CA    C      sing N N 58  
ASP CA    CB     sing N N 59  
ASP CA    HA     sing N N 60  
ASP C     O      doub N N 61  
ASP C     OXT    sing N N 62  
ASP CB    CG     sing N N 63  
ASP CB    HB2    sing N N 64  
ASP CB    HB3    sing N N 65  
ASP CG    OD1    doub N N 66  
ASP CG    OD2    sing N N 67  
ASP OD2   HD2    sing N N 68  
ASP OXT   HXT    sing N N 69  
CYS N     CA     sing N N 70  
CYS N     H      sing N N 71  
CYS N     H2     sing N N 72  
CYS CA    C      sing N N 73  
CYS CA    CB     sing N N 74  
CYS CA    HA     sing N N 75  
CYS C     O      doub N N 76  
CYS C     OXT    sing N N 77  
CYS CB    SG     sing N N 78  
CYS CB    HB2    sing N N 79  
CYS CB    HB3    sing N N 80  
CYS SG    HG     sing N N 81  
CYS OXT   HXT    sing N N 82  
DGP P     OP1    doub N N 83  
DGP P     OP2    sing N N 84  
DGP P     OP3    sing N N 85  
DGP P     "O5'"  sing N N 86  
DGP OP2   HOP2   sing N N 87  
DGP OP3   HOP3   sing N N 88  
DGP "O5'" "C5'"  sing N N 89  
DGP "C5'" "C4'"  sing N N 90  
DGP "C5'" "H5'"  sing N N 91  
DGP "C5'" "H5''" sing N N 92  
DGP "C4'" "O4'"  sing N N 93  
DGP "C4'" "C3'"  sing N N 94  
DGP "C4'" "H4'"  sing N N 95  
DGP "O4'" "C1'"  sing N N 96  
DGP "C3'" "O3'"  sing N N 97  
DGP "C3'" "C2'"  sing N N 98  
DGP "C3'" "H3'"  sing N N 99  
DGP "O3'" "HO3'" sing N N 100 
DGP "C2'" "C1'"  sing N N 101 
DGP "C2'" "H2'"  sing N N 102 
DGP "C2'" "H2''" sing N N 103 
DGP "C1'" N9     sing N N 104 
DGP "C1'" "H1'"  sing N N 105 
DGP N9    C8     sing Y N 106 
DGP N9    C4     sing Y N 107 
DGP C8    N7     doub Y N 108 
DGP C8    H8     sing N N 109 
DGP N7    C5     sing Y N 110 
DGP C5    C6     sing N N 111 
DGP C5    C4     doub Y N 112 
DGP C6    O6     doub N N 113 
DGP C6    N1     sing N N 114 
DGP N1    C2     sing N N 115 
DGP N1    HN1    sing N N 116 
DGP C2    N2     sing N N 117 
DGP C2    N3     doub N N 118 
DGP N2    HN21   sing N N 119 
DGP N2    HN22   sing N N 120 
DGP N3    C4     sing N N 121 
GLN N     CA     sing N N 122 
GLN N     H      sing N N 123 
GLN N     H2     sing N N 124 
GLN CA    C      sing N N 125 
GLN CA    CB     sing N N 126 
GLN CA    HA     sing N N 127 
GLN C     O      doub N N 128 
GLN C     OXT    sing N N 129 
GLN CB    CG     sing N N 130 
GLN CB    HB2    sing N N 131 
GLN CB    HB3    sing N N 132 
GLN CG    CD     sing N N 133 
GLN CG    HG2    sing N N 134 
GLN CG    HG3    sing N N 135 
GLN CD    OE1    doub N N 136 
GLN CD    NE2    sing N N 137 
GLN NE2   HE21   sing N N 138 
GLN NE2   HE22   sing N N 139 
GLN OXT   HXT    sing N N 140 
GLU N     CA     sing N N 141 
GLU N     H      sing N N 142 
GLU N     H2     sing N N 143 
GLU CA    C      sing N N 144 
GLU CA    CB     sing N N 145 
GLU CA    HA     sing N N 146 
GLU C     O      doub N N 147 
GLU C     OXT    sing N N 148 
GLU CB    CG     sing N N 149 
GLU CB    HB2    sing N N 150 
GLU CB    HB3    sing N N 151 
GLU CG    CD     sing N N 152 
GLU CG    HG2    sing N N 153 
GLU CG    HG3    sing N N 154 
GLU CD    OE1    doub N N 155 
GLU CD    OE2    sing N N 156 
GLU OE2   HE2    sing N N 157 
GLU OXT   HXT    sing N N 158 
GLY N     CA     sing N N 159 
GLY N     H      sing N N 160 
GLY N     H2     sing N N 161 
GLY CA    C      sing N N 162 
GLY CA    HA2    sing N N 163 
GLY CA    HA3    sing N N 164 
GLY C     O      doub N N 165 
GLY C     OXT    sing N N 166 
GLY OXT   HXT    sing N N 167 
HIS N     CA     sing N N 168 
HIS N     H      sing N N 169 
HIS N     H2     sing N N 170 
HIS CA    C      sing N N 171 
HIS CA    CB     sing N N 172 
HIS CA    HA     sing N N 173 
HIS C     O      doub N N 174 
HIS C     OXT    sing N N 175 
HIS CB    CG     sing N N 176 
HIS CB    HB2    sing N N 177 
HIS CB    HB3    sing N N 178 
HIS CG    ND1    sing Y N 179 
HIS CG    CD2    doub Y N 180 
HIS ND1   CE1    doub Y N 181 
HIS ND1   HD1    sing N N 182 
HIS CD2   NE2    sing Y N 183 
HIS CD2   HD2    sing N N 184 
HIS CE1   NE2    sing Y N 185 
HIS CE1   HE1    sing N N 186 
HIS NE2   HE2    sing N N 187 
HIS OXT   HXT    sing N N 188 
HOH O     H1     sing N N 189 
HOH O     H2     sing N N 190 
ILE N     CA     sing N N 191 
ILE N     H      sing N N 192 
ILE N     H2     sing N N 193 
ILE CA    C      sing N N 194 
ILE CA    CB     sing N N 195 
ILE CA    HA     sing N N 196 
ILE C     O      doub N N 197 
ILE C     OXT    sing N N 198 
ILE CB    CG1    sing N N 199 
ILE CB    CG2    sing N N 200 
ILE CB    HB     sing N N 201 
ILE CG1   CD1    sing N N 202 
ILE CG1   HG12   sing N N 203 
ILE CG1   HG13   sing N N 204 
ILE CG2   HG21   sing N N 205 
ILE CG2   HG22   sing N N 206 
ILE CG2   HG23   sing N N 207 
ILE CD1   HD11   sing N N 208 
ILE CD1   HD12   sing N N 209 
ILE CD1   HD13   sing N N 210 
ILE OXT   HXT    sing N N 211 
LEU N     CA     sing N N 212 
LEU N     H      sing N N 213 
LEU N     H2     sing N N 214 
LEU CA    C      sing N N 215 
LEU CA    CB     sing N N 216 
LEU CA    HA     sing N N 217 
LEU C     O      doub N N 218 
LEU C     OXT    sing N N 219 
LEU CB    CG     sing N N 220 
LEU CB    HB2    sing N N 221 
LEU CB    HB3    sing N N 222 
LEU CG    CD1    sing N N 223 
LEU CG    CD2    sing N N 224 
LEU CG    HG     sing N N 225 
LEU CD1   HD11   sing N N 226 
LEU CD1   HD12   sing N N 227 
LEU CD1   HD13   sing N N 228 
LEU CD2   HD21   sing N N 229 
LEU CD2   HD22   sing N N 230 
LEU CD2   HD23   sing N N 231 
LEU OXT   HXT    sing N N 232 
LYS N     CA     sing N N 233 
LYS N     H      sing N N 234 
LYS N     H2     sing N N 235 
LYS CA    C      sing N N 236 
LYS CA    CB     sing N N 237 
LYS CA    HA     sing N N 238 
LYS C     O      doub N N 239 
LYS C     OXT    sing N N 240 
LYS CB    CG     sing N N 241 
LYS CB    HB2    sing N N 242 
LYS CB    HB3    sing N N 243 
LYS CG    CD     sing N N 244 
LYS CG    HG2    sing N N 245 
LYS CG    HG3    sing N N 246 
LYS CD    CE     sing N N 247 
LYS CD    HD2    sing N N 248 
LYS CD    HD3    sing N N 249 
LYS CE    NZ     sing N N 250 
LYS CE    HE2    sing N N 251 
LYS CE    HE3    sing N N 252 
LYS NZ    HZ1    sing N N 253 
LYS NZ    HZ2    sing N N 254 
LYS NZ    HZ3    sing N N 255 
LYS OXT   HXT    sing N N 256 
MET N     CA     sing N N 257 
MET N     H      sing N N 258 
MET N     H2     sing N N 259 
MET CA    C      sing N N 260 
MET CA    CB     sing N N 261 
MET CA    HA     sing N N 262 
MET C     O      doub N N 263 
MET C     OXT    sing N N 264 
MET CB    CG     sing N N 265 
MET CB    HB2    sing N N 266 
MET CB    HB3    sing N N 267 
MET CG    SD     sing N N 268 
MET CG    HG2    sing N N 269 
MET CG    HG3    sing N N 270 
MET SD    CE     sing N N 271 
MET CE    HE1    sing N N 272 
MET CE    HE2    sing N N 273 
MET CE    HE3    sing N N 274 
MET OXT   HXT    sing N N 275 
PHE N     CA     sing N N 276 
PHE N     H      sing N N 277 
PHE N     H2     sing N N 278 
PHE CA    C      sing N N 279 
PHE CA    CB     sing N N 280 
PHE CA    HA     sing N N 281 
PHE C     O      doub N N 282 
PHE C     OXT    sing N N 283 
PHE CB    CG     sing N N 284 
PHE CB    HB2    sing N N 285 
PHE CB    HB3    sing N N 286 
PHE CG    CD1    doub Y N 287 
PHE CG    CD2    sing Y N 288 
PHE CD1   CE1    sing Y N 289 
PHE CD1   HD1    sing N N 290 
PHE CD2   CE2    doub Y N 291 
PHE CD2   HD2    sing N N 292 
PHE CE1   CZ     doub Y N 293 
PHE CE1   HE1    sing N N 294 
PHE CE2   CZ     sing Y N 295 
PHE CE2   HE2    sing N N 296 
PHE CZ    HZ     sing N N 297 
PHE OXT   HXT    sing N N 298 
PRO N     CA     sing N N 299 
PRO N     CD     sing N N 300 
PRO N     H      sing N N 301 
PRO CA    C      sing N N 302 
PRO CA    CB     sing N N 303 
PRO CA    HA     sing N N 304 
PRO C     O      doub N N 305 
PRO C     OXT    sing N N 306 
PRO CB    CG     sing N N 307 
PRO CB    HB2    sing N N 308 
PRO CB    HB3    sing N N 309 
PRO CG    CD     sing N N 310 
PRO CG    HG2    sing N N 311 
PRO CG    HG3    sing N N 312 
PRO CD    HD2    sing N N 313 
PRO CD    HD3    sing N N 314 
PRO OXT   HXT    sing N N 315 
SER N     CA     sing N N 316 
SER N     H      sing N N 317 
SER N     H2     sing N N 318 
SER CA    C      sing N N 319 
SER CA    CB     sing N N 320 
SER CA    HA     sing N N 321 
SER C     O      doub N N 322 
SER C     OXT    sing N N 323 
SER CB    OG     sing N N 324 
SER CB    HB2    sing N N 325 
SER CB    HB3    sing N N 326 
SER OG    HG     sing N N 327 
SER OXT   HXT    sing N N 328 
SO4 S     O1     doub N N 329 
SO4 S     O2     doub N N 330 
SO4 S     O3     sing N N 331 
SO4 S     O4     sing N N 332 
THR N     CA     sing N N 333 
THR N     H      sing N N 334 
THR N     H2     sing N N 335 
THR CA    C      sing N N 336 
THR CA    CB     sing N N 337 
THR CA    HA     sing N N 338 
THR C     O      doub N N 339 
THR C     OXT    sing N N 340 
THR CB    OG1    sing N N 341 
THR CB    CG2    sing N N 342 
THR CB    HB     sing N N 343 
THR OG1   HG1    sing N N 344 
THR CG2   HG21   sing N N 345 
THR CG2   HG22   sing N N 346 
THR CG2   HG23   sing N N 347 
THR OXT   HXT    sing N N 348 
TYR N     CA     sing N N 349 
TYR N     H      sing N N 350 
TYR N     H2     sing N N 351 
TYR CA    C      sing N N 352 
TYR CA    CB     sing N N 353 
TYR CA    HA     sing N N 354 
TYR C     O      doub N N 355 
TYR C     OXT    sing N N 356 
TYR CB    CG     sing N N 357 
TYR CB    HB2    sing N N 358 
TYR CB    HB3    sing N N 359 
TYR CG    CD1    doub Y N 360 
TYR CG    CD2    sing Y N 361 
TYR CD1   CE1    sing Y N 362 
TYR CD1   HD1    sing N N 363 
TYR CD2   CE2    doub Y N 364 
TYR CD2   HD2    sing N N 365 
TYR CE1   CZ     doub Y N 366 
TYR CE1   HE1    sing N N 367 
TYR CE2   CZ     sing Y N 368 
TYR CE2   HE2    sing N N 369 
TYR CZ    OH     sing N N 370 
TYR OH    HH     sing N N 371 
TYR OXT   HXT    sing N N 372 
VAL N     CA     sing N N 373 
VAL N     H      sing N N 374 
VAL N     H2     sing N N 375 
VAL CA    C      sing N N 376 
VAL CA    CB     sing N N 377 
VAL CA    HA     sing N N 378 
VAL C     O      doub N N 379 
VAL C     OXT    sing N N 380 
VAL CB    CG1    sing N N 381 
VAL CB    CG2    sing N N 382 
VAL CB    HB     sing N N 383 
VAL CG1   HG11   sing N N 384 
VAL CG1   HG12   sing N N 385 
VAL CG1   HG13   sing N N 386 
VAL CG2   HG21   sing N N 387 
VAL CG2   HG22   sing N N 388 
VAL CG2   HG23   sing N N 389 
VAL OXT   HXT    sing N N 390 
# 
_atom_sites.entry_id                    1RND 
_atom_sites.fract_transf_matrix[1][1]   -0.01901762 
_atom_sites.fract_transf_matrix[1][2]   0.01865551 
_atom_sites.fract_transf_matrix[1][3]   -0.02155962 
_atom_sites.fract_transf_matrix[2][1]   0.01042234 
_atom_sites.fract_transf_matrix[2][2]   0.02193669 
_atom_sites.fract_transf_matrix[2][3]   0.00978829 
_atom_sites.fract_transf_matrix[3][1]   0.01072551 
_atom_sites.fract_transf_matrix[3][2]   0.00210045 
_atom_sites.fract_transf_matrix[3][3]   -0.01612761 
_atom_sites.fract_transf_vector[1]      1.095431 
_atom_sites.fract_transf_vector[2]      0.455224 
_atom_sites.fract_transf_vector[3]      0.254352 
# 
_atom_sites_footnote.id     1 
_atom_sites_footnote.text   'RESIDUES PRO 93 AND PRO 114 ARE CIS PROLINES.' 
# 
loop_
_atom_type.symbol 
C 
N 
O 
P 
S 
# 
loop_
_atom_site.group_PDB 
_atom_site.id 
_atom_site.type_symbol 
_atom_site.label_atom_id 
_atom_site.label_alt_id 
_atom_site.label_comp_id 
_atom_site.label_asym_id 
_atom_site.label_entity_id 
_atom_site.label_seq_id 
_atom_site.pdbx_PDB_ins_code 
_atom_site.Cartn_x 
_atom_site.Cartn_y 
_atom_site.Cartn_z 
_atom_site.occupancy 
_atom_site.B_iso_or_equiv 
_atom_site.pdbx_formal_charge 
_atom_site.auth_seq_id 
_atom_site.auth_comp_id 
_atom_site.auth_asym_id 
_atom_site.auth_atom_id 
_atom_site.pdbx_PDB_model_num 
ATOM   1    N N     . LYS A 1 1   ? 4.053   -0.718  21.014  1.00 0.22 ? 1   LYS A N     1 
ATOM   2    C CA    . LYS A 1 1   ? 3.760   -1.588  19.838  1.00 0.28 ? 1   LYS A CA    1 
ATOM   3    C C     . LYS A 1 1   ? 4.176   -0.815  18.568  1.00 0.29 ? 1   LYS A C     1 
ATOM   4    O O     . LYS A 1 1   ? 4.460   0.405   18.676  1.00 0.24 ? 1   LYS A O     1 
ATOM   5    C CB    . LYS A 1 1   ? 2.264   -1.916  19.883  1.00 0.26 ? 1   LYS A CB    1 
ATOM   6    N N     . GLU A 1 2   ? 4.220   -1.367  17.363  1.00 0.15 ? 2   GLU A N     1 
ATOM   7    C CA    . GLU A 1 2   ? 4.416   -0.551  16.105  1.00 0.11 ? 2   GLU A CA    1 
ATOM   8    C C     . GLU A 1 2   ? 3.358   0.557   15.956  1.00 0.08 ? 2   GLU A C     1 
ATOM   9    O O     . GLU A 1 2   ? 2.141   0.324   16.107  1.00 0.13 ? 2   GLU A O     1 
ATOM   10   C CB    . GLU A 1 2   ? 4.088   -1.646  15.073  1.00 0.18 ? 2   GLU A CB    1 
ATOM   11   C CG    . GLU A 1 2   ? 4.573   -1.181  13.723  1.00 0.17 ? 2   GLU A CG    1 
ATOM   12   C CD    . GLU A 1 2   ? 4.173   -2.327  12.740  1.00 0.12 ? 2   GLU A CD    1 
ATOM   13   O OE1   . GLU A 1 2   ? 3.248   -3.082  12.868  1.00 0.15 ? 2   GLU A OE1   1 
ATOM   14   O OE2   . GLU A 1 2   ? 4.984   -2.320  11.781  1.00 0.14 ? 2   GLU A OE2   1 
ATOM   15   N N     . THR A 1 3   ? 3.831   1.717   15.593  1.00 0.12 ? 3   THR A N     1 
ATOM   16   C CA    . THR A 1 3   ? 3.058   2.886   15.211  1.00 0.18 ? 3   THR A CA    1 
ATOM   17   C C     . THR A 1 3   ? 2.194   2.608   13.946  1.00 0.14 ? 3   THR A C     1 
ATOM   18   O O     . THR A 1 3   ? 2.555   1.793   13.129  1.00 0.11 ? 3   THR A O     1 
ATOM   19   C CB    . THR A 1 3   ? 3.780   4.223   15.148  1.00 0.22 ? 3   THR A CB    1 
ATOM   20   O OG1   . THR A 1 3   ? 4.690   4.304   14.079  1.00 0.23 ? 3   THR A OG1   1 
ATOM   21   C CG2   . THR A 1 3   ? 4.560   4.437   16.446  1.00 0.26 ? 3   THR A CG2   1 
ATOM   22   N N     . ALA A 1 4   ? 1.069   3.300   13.868  1.00 0.18 ? 4   ALA A N     1 
ATOM   23   C CA    . ALA A 1 4   ? 0.250   3.346   12.633  1.00 0.12 ? 4   ALA A CA    1 
ATOM   24   C C     . ALA A 1 4   ? 1.173   3.807   11.504  1.00 0.17 ? 4   ALA A C     1 
ATOM   25   O O     . ALA A 1 4   ? 1.119   3.215   10.428  1.00 0.13 ? 4   ALA A O     1 
ATOM   26   C CB    . ALA A 1 4   ? -0.958  4.265   12.774  1.00 0.15 ? 4   ALA A CB    1 
ATOM   27   N N     . ALA A 1 5   ? 2.080   4.769   11.648  1.00 0.13 ? 5   ALA A N     1 
ATOM   28   C CA    . ALA A 1 5   ? 2.900   5.329   10.567  1.00 0.16 ? 5   ALA A CA    1 
ATOM   29   C C     . ALA A 1 5   ? 3.947   4.266   10.204  1.00 0.12 ? 5   ALA A C     1 
ATOM   30   O O     . ALA A 1 5   ? 4.154   4.203   8.988   1.00 0.14 ? 5   ALA A O     1 
ATOM   31   C CB    . ALA A 1 5   ? 3.655   6.537   11.107  1.00 0.15 ? 5   ALA A CB    1 
ATOM   32   N N     . ALA A 1 6   ? 4.504   3.543   11.204  1.00 0.13 ? 6   ALA A N     1 
ATOM   33   C CA    . ALA A 1 6   ? 5.484   2.512   10.839  1.00 0.14 ? 6   ALA A CA    1 
ATOM   34   C C     . ALA A 1 6   ? 4.783   1.306   10.161  1.00 0.08 ? 6   ALA A C     1 
ATOM   35   O O     . ALA A 1 6   ? 5.418   0.715   9.252   1.00 0.12 ? 6   ALA A O     1 
ATOM   36   C CB    . ALA A 1 6   ? 6.235   2.072   12.068  1.00 0.13 ? 6   ALA A CB    1 
ATOM   37   N N     . LYS A 1 7   ? 3.544   0.981   10.631  1.00 0.10 ? 7   LYS A N     1 
ATOM   38   C CA    . LYS A 1 7   ? 2.763   -0.103  9.999   1.00 0.08 ? 7   LYS A CA    1 
ATOM   39   C C     . LYS A 1 7   ? 2.498   0.290   8.536   1.00 0.08 ? 7   LYS A C     1 
ATOM   40   O O     . LYS A 1 7   ? 2.660   -0.563  7.608   1.00 0.09 ? 7   LYS A O     1 
ATOM   41   C CB    . LYS A 1 7   ? 1.461   -0.315  10.693  1.00 0.12 ? 7   LYS A CB    1 
ATOM   42   C CG    . LYS A 1 7   ? 0.733   -1.512  10.133  1.00 0.20 ? 7   LYS A CG    1 
ATOM   43   C CD    . LYS A 1 7   ? -0.481  -1.761  11.038  1.00 0.23 ? 7   LYS A CD    1 
ATOM   44   C CE    . LYS A 1 7   ? -1.606  -2.437  10.291  1.00 0.45 ? 7   LYS A CE    1 
ATOM   45   N NZ    . LYS A 1 7   ? -2.030  -3.691  10.952  1.00 0.46 ? 7   LYS A NZ    1 
ATOM   46   N N     . PHE A 1 8   ? 2.073   1.503   8.215   1.00 0.09 ? 8   PHE A N     1 
ATOM   47   C CA    . PHE A 1 8   ? 1.899   1.887   6.801   1.00 0.07 ? 8   PHE A CA    1 
ATOM   48   C C     . PHE A 1 8   ? 3.200   1.688   6.050   1.00 0.08 ? 8   PHE A C     1 
ATOM   49   O O     . PHE A 1 8   ? 3.185   1.247   4.890   1.00 0.10 ? 8   PHE A O     1 
ATOM   50   C CB    . PHE A 1 8   ? 1.663   3.410   6.715   1.00 0.08 ? 8   PHE A CB    1 
ATOM   51   C CG    . PHE A 1 8   ? 1.439   3.891   5.288   1.00 0.07 ? 8   PHE A CG    1 
ATOM   52   C CD1   . PHE A 1 8   ? 0.171   3.902   4.669   1.00 0.09 ? 8   PHE A CD1   1 
ATOM   53   C CD2   . PHE A 1 8   ? 2.536   4.353   4.564   1.00 0.10 ? 8   PHE A CD2   1 
ATOM   54   C CE1   . PHE A 1 8   ? -0.079  4.363   3.363   1.00 0.07 ? 8   PHE A CE1   1 
ATOM   55   C CE2   . PHE A 1 8   ? 2.258   4.767   3.275   1.00 0.09 ? 8   PHE A CE2   1 
ATOM   56   C CZ    . PHE A 1 8   ? 1.034   4.782   2.652   1.00 0.08 ? 8   PHE A CZ    1 
ATOM   57   N N     . GLU A 1 9   ? 4.390   2.116   6.500   1.00 0.07 ? 9   GLU A N     1 
ATOM   58   C CA    . GLU A 1 9   ? 5.637   1.883   5.779   1.00 0.08 ? 9   GLU A CA    1 
ATOM   59   C C     . GLU A 1 9   ? 5.887   0.371   5.586   1.00 0.06 ? 9   GLU A C     1 
ATOM   60   O O     . GLU A 1 9   ? 6.286   -0.031  4.467   1.00 0.07 ? 9   GLU A O     1 
ATOM   61   C CB    . GLU A 1 9   ? 6.957   2.416   6.424   1.00 0.15 ? 9   GLU A CB    1 
ATOM   62   C CG    . GLU A 1 9   ? 6.921   3.945   6.501   1.00 0.22 ? 9   GLU A CG    1 
ATOM   63   C CD    . GLU A 1 9   ? 8.079   4.528   7.348   1.00 0.51 ? 9   GLU A CD    1 
ATOM   64   O OE1   . GLU A 1 9   ? 9.144   3.863   7.171   1.00 0.31 ? 9   GLU A OE1   1 
ATOM   65   O OE2   . GLU A 1 9   ? 7.935   5.563   8.080   1.00 0.45 ? 9   GLU A OE2   1 
ATOM   66   N N     . ARG A 1 10  ? 5.724   -0.462  6.570   1.00 0.05 ? 10  ARG A N     1 
ATOM   67   C CA    . ARG A 1 10  ? 5.960   -1.918  6.425   1.00 0.11 ? 10  ARG A CA    1 
ATOM   68   C C     . ARG A 1 10  ? 4.960   -2.540  5.406   1.00 0.08 ? 10  ARG A C     1 
ATOM   69   O O     . ARG A 1 10  ? 5.370   -3.436  4.669   1.00 0.10 ? 10  ARG A O     1 
ATOM   70   C CB    . ARG A 1 10  ? 5.684   -2.538  7.805   1.00 0.08 ? 10  ARG A CB    1 
ATOM   71   C CG    . ARG A 1 10  ? 5.869   -4.004  7.733   1.00 0.07 ? 10  ARG A CG    1 
ATOM   72   C CD    . ARG A 1 10  ? 5.988   -4.678  9.076   1.00 0.14 ? 10  ARG A CD    1 
ATOM   73   N NE    . ARG A 1 10  ? 4.776   -4.441  9.878   1.00 0.11 ? 10  ARG A NE    1 
ATOM   74   C CZ    . ARG A 1 10  ? 3.583   -5.022  9.889   1.00 0.19 ? 10  ARG A CZ    1 
ATOM   75   N NH1   . ARG A 1 10  ? 3.430   -6.102  9.071   1.00 0.17 ? 10  ARG A NH1   1 
ATOM   76   N NH2   . ARG A 1 10  ? 2.542   -4.657  10.629  1.00 0.15 ? 10  ARG A NH2   1 
ATOM   77   N N     . GLN A 1 11  ? 3.677   -2.182  5.419   1.00 0.09 ? 11  GLN A N     1 
ATOM   78   C CA    . GLN A 1 11  ? 2.643   -2.780  4.571   1.00 0.06 ? 11  GLN A CA    1 
ATOM   79   C C     . GLN A 1 11  ? 2.770   -2.257  3.179   1.00 0.05 ? 11  GLN A C     1 
ATOM   80   O O     . GLN A 1 11  ? 2.356   -2.957  2.283   1.00 0.11 ? 11  GLN A O     1 
ATOM   81   C CB    . GLN A 1 11  ? 1.254   -2.542  5.122   1.00 0.07 ? 11  GLN A CB    1 
ATOM   82   C CG    . GLN A 1 11  ? 1.130   -3.197  6.467   1.00 0.08 ? 11  GLN A CG    1 
ATOM   83   C CD    . GLN A 1 11  ? -0.365  -3.351  6.689   1.00 0.11 ? 11  GLN A CD    1 
ATOM   84   O OE1   . GLN A 1 11  ? -1.100  -2.297  6.858   1.00 0.20 ? 11  GLN A OE1   1 
ATOM   85   N NE2   . GLN A 1 11  ? -0.988  -4.485  6.673   1.00 0.20 ? 11  GLN A NE2   1 
ATOM   86   N N     . HIS A 1 12  ? 3.146   -1.014  2.930   1.00 0.05 ? 12  HIS A N     1 
ATOM   87   C CA    . HIS A 1 12  ? 2.903   -0.286  1.708   1.00 0.03 ? 12  HIS A CA    1 
ATOM   88   C C     . HIS A 1 12  ? 4.089   0.265   0.927   1.00 0.07 ? 12  HIS A C     1 
ATOM   89   O O     . HIS A 1 12  ? 3.841   0.664   -0.217  1.00 0.13 ? 12  HIS A O     1 
ATOM   90   C CB    . HIS A 1 12  ? 1.852   0.781   1.805   1.00 0.09 ? 12  HIS A CB    1 
ATOM   91   C CG    . HIS A 1 12  ? 0.506   0.205   2.298   1.00 0.10 ? 12  HIS A CG    1 
ATOM   92   N ND1   . HIS A 1 12  ? -0.270  -0.621  1.527   1.00 0.08 ? 12  HIS A ND1   1 
ATOM   93   C CD2   . HIS A 1 12  ? -0.132  0.382   3.492   1.00 0.09 ? 12  HIS A CD2   1 
ATOM   94   C CE1   . HIS A 1 12  ? -1.359  -0.909  2.260   1.00 0.07 ? 12  HIS A CE1   1 
ATOM   95   N NE2   . HIS A 1 12  ? -1.323  -0.305  3.472   1.00 0.07 ? 12  HIS A NE2   1 
ATOM   96   N N     . MET A 1 13  ? 5.243   0.439   1.526   1.00 0.07 ? 13  MET A N     1 
ATOM   97   C CA    . MET A 1 13  ? 6.340   1.189   0.904   1.00 0.06 ? 13  MET A CA    1 
ATOM   98   C C     . MET A 1 13  ? 7.330   0.197   0.338   1.00 0.06 ? 13  MET A C     1 
ATOM   99   O O     . MET A 1 13  ? 7.803   -0.688  1.021   1.00 0.10 ? 13  MET A O     1 
ATOM   100  C CB    . MET A 1 13  ? 7.055   2.131   1.819   1.00 0.07 ? 13  MET A CB    1 
ATOM   101  C CG    . MET A 1 13  ? 6.287   3.382   2.221   1.00 0.09 ? 13  MET A CG    1 
ATOM   102  S SD    . MET A 1 13  ? 5.649   4.348   0.822   1.00 0.14 ? 13  MET A SD    1 
ATOM   103  C CE    . MET A 1 13  ? 7.162   4.581   -0.211  1.00 0.13 ? 13  MET A CE    1 
ATOM   104  N N     . ASP A 1 14  ? 7.680   0.406   -0.920  1.00 0.08 ? 14  ASP A N     1 
ATOM   105  C CA    . ASP A 1 14  ? 8.783   -0.311  -1.450  1.00 0.09 ? 14  ASP A CA    1 
ATOM   106  C C     . ASP A 1 14  ? 9.694   0.642   -2.237  1.00 0.10 ? 14  ASP A C     1 
ATOM   107  O O     . ASP A 1 14  ? 9.626   0.619   -3.484  1.00 0.12 ? 14  ASP A O     1 
ATOM   108  C CB    . ASP A 1 14  ? 8.432   -1.610  -2.195  1.00 0.11 ? 14  ASP A CB    1 
ATOM   109  C CG    . ASP A 1 14  ? 9.659   -2.409  -2.667  1.00 0.14 ? 14  ASP A CG    1 
ATOM   110  O OD1   . ASP A 1 14  ? 10.747  -2.183  -2.173  1.00 0.15 ? 14  ASP A OD1   1 
ATOM   111  O OD2   . ASP A 1 14  ? 9.495   -3.246  -3.549  1.00 0.15 ? 14  ASP A OD2   1 
ATOM   112  N N     . SER A 1 15  ? 10.513  1.425   -1.578  1.00 0.11 ? 15  SER A N     1 
ATOM   113  C CA    . SER A 1 15  ? 11.287  2.476   -2.324  1.00 0.11 ? 15  SER A CA    1 
ATOM   114  C C     . SER A 1 15  ? 12.437  1.743   -2.948  1.00 0.09 ? 15  SER A C     1 
ATOM   115  O O     . SER A 1 15  ? 13.229  2.391   -3.605  1.00 0.19 ? 15  SER A O     1 
ATOM   116  C CB    . SER A 1 15  ? 11.966  3.240   -1.139  1.00 0.14 ? 15  SER A CB    1 
ATOM   117  O OG    . SER A 1 15  ? 10.812  3.946   -0.698  1.00 0.21 ? 15  SER A OG    1 
ATOM   118  N N     . SER A 1 16  ? 12.736  0.520   -2.726  1.00 0.10 ? 16  SER A N     1 
ATOM   119  C CA    . SER A 1 16  ? 13.933  -0.192  -3.081  1.00 0.19 ? 16  SER A CA    1 
ATOM   120  C C     . SER A 1 16  ? 13.915  -0.792  -4.451  1.00 0.15 ? 16  SER A C     1 
ATOM   121  O O     . SER A 1 16  ? 14.918  -1.206  -5.046  1.00 0.18 ? 16  SER A O     1 
ATOM   122  C CB    . SER A 1 16  ? 14.459  -0.914  -1.853  1.00 0.26 ? 16  SER A CB    1 
ATOM   123  O OG    . SER A 1 16  ? 14.100  -2.252  -2.121  1.00 0.57 ? 16  SER A OG    1 
ATOM   124  N N     . THR A 1 17  ? 12.780  -0.862  -5.109  1.00 0.10 ? 17  THR A N     1 
ATOM   125  C CA    . THR A 1 17  ? 12.384  -1.210  -6.426  1.00 0.09 ? 17  THR A CA    1 
ATOM   126  C C     . THR A 1 17  ? 11.524  -0.204  -7.143  1.00 0.11 ? 17  THR A C     1 
ATOM   127  O O     . THR A 1 17  ? 10.657  0.507   -6.675  1.00 0.11 ? 17  THR A O     1 
ATOM   128  C CB    . THR A 1 17  ? 11.762  -2.630  -6.526  1.00 0.23 ? 17  THR A CB    1 
ATOM   129  O OG1   . THR A 1 17  ? 10.427  -2.624  -6.034  1.00 0.17 ? 17  THR A OG1   1 
ATOM   130  C CG2   . THR A 1 17  ? 12.598  -3.579  -5.727  1.00 0.21 ? 17  THR A CG2   1 
ATOM   131  N N     . SER A 1 18  ? 11.675  -0.019  -8.471  1.00 0.12 ? 18  SER A N     1 
ATOM   132  C CA    . SER A 1 18  ? 10.882  0.875   -9.281  1.00 0.12 ? 18  SER A CA    1 
ATOM   133  C C     . SER A 1 18  ? 9.482   0.429   -9.771  1.00 0.07 ? 18  SER A C     1 
ATOM   134  O O     . SER A 1 18  ? 8.515   1.113   -10.061 1.00 0.12 ? 18  SER A O     1 
ATOM   135  C CB    . SER A 1 18  ? 11.934  1.182   -10.401 1.00 0.25 ? 18  SER A CB    1 
ATOM   136  O OG    . SER A 1 18  ? 11.426  2.077   -11.362 1.00 0.64 ? 18  SER A OG    1 
ATOM   137  N N     . ALA A 1 19  ? 9.371   -0.918  -9.753  1.00 0.14 ? 19  ALA A N     1 
ATOM   138  C CA    . ALA A 1 19  ? 8.237   -1.711  -10.312 1.00 0.14 ? 19  ALA A CA    1 
ATOM   139  C C     . ALA A 1 19  ? 8.430   -3.175  -9.862  1.00 0.10 ? 19  ALA A C     1 
ATOM   140  O O     . ALA A 1 19  ? 9.508   -3.648  -9.517  1.00 0.13 ? 19  ALA A O     1 
ATOM   141  C CB    . ALA A 1 19  ? 8.010   -1.463  -11.794 1.00 0.15 ? 19  ALA A CB    1 
ATOM   142  N N     . ALA A 1 20  ? 7.348   -3.977  -9.798  1.00 0.13 ? 20  ALA A N     1 
ATOM   143  C CA    . ALA A 1 20  ? 7.458   -5.445  -9.600  1.00 0.13 ? 20  ALA A CA    1 
ATOM   144  C C     . ALA A 1 20  ? 8.129   -6.001  -10.923 1.00 0.09 ? 20  ALA A C     1 
ATOM   145  O O     . ALA A 1 20  ? 7.747   -5.629  -11.975 1.00 0.18 ? 20  ALA A O     1 
ATOM   146  C CB    . ALA A 1 20  ? 6.020   -5.952  -9.504  1.00 0.14 ? 20  ALA A CB    1 
ATOM   147  N N     . SER A 1 21  ? 9.036   -6.861  -10.644 1.00 0.16 ? 21  SER A N     1 
ATOM   148  C CA    . SER A 1 21  ? 9.977   -7.368  -11.667 1.00 0.34 ? 21  SER A CA    1 
ATOM   149  C C     . SER A 1 21  ? 9.459   -8.719  -12.167 1.00 0.50 ? 21  SER A C     1 
ATOM   150  O O     . SER A 1 21  ? 9.936   -9.111  -13.235 1.00 0.25 ? 21  SER A O     1 
ATOM   151  C CB    . SER A 1 21  ? 11.314  -7.582  -10.915 1.00 0.25 ? 21  SER A CB    1 
ATOM   152  N N     . SER A 1 22  ? 8.585   -9.493  -11.526 1.00 0.20 ? 22  SER A N     1 
ATOM   153  C CA    . SER A 1 22  ? 8.205   -10.889 -11.871 1.00 0.13 ? 22  SER A CA    1 
ATOM   154  C C     . SER A 1 22  ? 6.834   -11.119 -11.268 1.00 0.20 ? 22  SER A C     1 
ATOM   155  O O     . SER A 1 22  ? 6.392   -10.375 -10.345 1.00 0.13 ? 22  SER A O     1 
ATOM   156  C CB    . SER A 1 22  ? 9.220   -11.910 -11.433 1.00 0.12 ? 22  SER A CB    1 
ATOM   157  O OG    . SER A 1 22  ? 8.964   -12.326 -10.065 1.00 0.18 ? 22  SER A OG    1 
ATOM   158  N N     . SER A 1 23  ? 6.116   -12.134 -11.741 1.00 0.15 ? 23  SER A N     1 
ATOM   159  C CA    . SER A 1 23  ? 4.800   -12.560 -11.215 1.00 0.08 ? 23  SER A CA    1 
ATOM   160  C C     . SER A 1 23  ? 4.992   -12.986 -9.750  1.00 0.08 ? 23  SER A C     1 
ATOM   161  O O     . SER A 1 23  ? 3.925   -12.973 -9.083  1.00 0.18 ? 23  SER A O     1 
ATOM   162  C CB    . SER A 1 23  ? 4.264   -13.715 -12.066 1.00 0.14 ? 23  SER A CB    1 
ATOM   163  O OG    . SER A 1 23  ? 5.135   -14.816 -11.775 1.00 0.23 ? 23  SER A OG    1 
ATOM   164  N N     . ASN A 1 24  ? 6.095   -13.373 -9.163  1.00 0.10 ? 24  ASN A N     1 
ATOM   165  C CA    . ASN A 1 24  ? 6.448   -13.666 -7.793  1.00 0.14 ? 24  ASN A CA    1 
ATOM   166  C C     . ASN A 1 24  ? 6.458   -12.573 -6.724  1.00 0.06 ? 24  ASN A C     1 
ATOM   167  O O     . ASN A 1 24  ? 6.585   -12.865 -5.577  1.00 0.09 ? 24  ASN A O     1 
ATOM   168  C CB    . ASN A 1 24  ? 7.652   -14.580 -7.623  1.00 0.19 ? 24  ASN A CB    1 
ATOM   169  C CG    . ASN A 1 24  ? 6.976   -15.974 -7.795  1.00 0.52 ? 24  ASN A CG    1 
ATOM   170  O OD1   . ASN A 1 24  ? 6.028   -16.042 -6.891  1.00 0.57 ? 24  ASN A OD1   1 
ATOM   171  N ND2   . ASN A 1 24  ? 7.348   -16.916 -8.661  1.00 0.34 ? 24  ASN A ND2   1 
ATOM   172  N N     . TYR A 1 25  ? 6.470   -11.348 -7.211  1.00 0.10 ? 25  TYR A N     1 
ATOM   173  C CA    . TYR A 1 25  ? 6.681   -10.097 -6.400  1.00 0.11 ? 25  TYR A CA    1 
ATOM   174  C C     . TYR A 1 25  ? 5.799   -10.151 -5.134  1.00 0.08 ? 25  TYR A C     1 
ATOM   175  O O     . TYR A 1 25  ? 6.283   -10.079 -4.005  1.00 0.09 ? 25  TYR A O     1 
ATOM   176  C CB    . TYR A 1 25  ? 6.500   -8.844  -7.242  1.00 0.09 ? 25  TYR A CB    1 
ATOM   177  C CG    . TYR A 1 25  ? 6.758   -7.590  -6.413  1.00 0.12 ? 25  TYR A CG    1 
ATOM   178  C CD1   . TYR A 1 25  ? 8.043   -7.021  -6.194  1.00 0.13 ? 25  TYR A CD1   1 
ATOM   179  C CD2   . TYR A 1 25  ? 5.640   -6.986  -5.819  1.00 0.14 ? 25  TYR A CD2   1 
ATOM   180  C CE1   . TYR A 1 25  ? 8.124   -5.873  -5.392  1.00 0.14 ? 25  TYR A CE1   1 
ATOM   181  C CE2   . TYR A 1 25  ? 5.711   -5.837  -5.016  1.00 0.13 ? 25  TYR A CE2   1 
ATOM   182  C CZ    . TYR A 1 25  ? 6.984   -5.309  -4.831  1.00 0.12 ? 25  TYR A CZ    1 
ATOM   183  O OH    . TYR A 1 25  ? 7.041   -4.186  -4.047  1.00 0.14 ? 25  TYR A OH    1 
ATOM   184  N N     . CYS A 1 26  ? 4.482   -10.304 -5.427  1.00 0.08 ? 26  CYS A N     1 
ATOM   185  C CA    . CYS A 1 26  ? 3.506   -10.241 -4.315  1.00 0.09 ? 26  CYS A CA    1 
ATOM   186  C C     . CYS A 1 26  ? 3.733   -11.395 -3.367  1.00 0.07 ? 26  CYS A C     1 
ATOM   187  O O     . CYS A 1 26  ? 3.717   -11.198 -2.135  1.00 0.10 ? 26  CYS A O     1 
ATOM   188  C CB    . CYS A 1 26  ? 2.085   -10.149 -4.805  1.00 0.08 ? 26  CYS A CB    1 
ATOM   189  S SG    . CYS A 1 26  ? 1.739   -8.594  -5.573  1.00 0.11 ? 26  CYS A SG    1 
ATOM   190  N N     . ASN A 1 27  ? 3.907   -12.611 -3.890  1.00 0.09 ? 27  ASN A N     1 
ATOM   191  C CA    . ASN A 1 27  ? 4.177   -13.726 -2.976  1.00 0.09 ? 27  ASN A CA    1 
ATOM   192  C C     . ASN A 1 27  ? 5.381   -13.487 -2.081  1.00 0.11 ? 27  ASN A C     1 
ATOM   193  O O     . ASN A 1 27  ? 5.206   -13.778 -0.865  1.00 0.14 ? 27  ASN A O     1 
ATOM   194  C CB    . ASN A 1 27  ? 4.381   -15.097 -3.706  1.00 0.12 ? 27  ASN A CB    1 
ATOM   195  C CG    . ASN A 1 27  ? 3.088   -15.576 -4.398  1.00 0.14 ? 27  ASN A CG    1 
ATOM   196  O OD1   . ASN A 1 27  ? 1.971   -15.115 -3.878  1.00 0.25 ? 27  ASN A OD1   1 
ATOM   197  N ND2   . ASN A 1 27  ? 3.054   -16.389 -5.375  1.00 0.10 ? 27  ASN A ND2   1 
ATOM   198  N N     . GLN A 1 28  ? 6.480   -12.965 -2.538  1.00 0.10 ? 28  GLN A N     1 
ATOM   199  C CA    . GLN A 1 28  ? 7.730   -12.762 -1.750  1.00 0.13 ? 28  GLN A CA    1 
ATOM   200  C C     . GLN A 1 28  ? 7.434   -11.537 -0.815  1.00 0.07 ? 28  GLN A C     1 
ATOM   201  O O     . GLN A 1 28  ? 7.767   -11.697 0.359   1.00 0.13 ? 28  GLN A O     1 
ATOM   202  C CB    . GLN A 1 28  ? 8.903   -12.458 -2.649  1.00 0.11 ? 28  GLN A CB    1 
ATOM   203  C CG    . GLN A 1 28  ? 9.489   -13.740 -3.260  1.00 0.50 ? 28  GLN A CG    1 
ATOM   204  C CD    . GLN A 1 28  ? 10.301  -13.321 -4.505  1.00 0.60 ? 28  GLN A CD    1 
ATOM   205  O OE1   . GLN A 1 28  ? 10.548  -12.043 -4.856  1.00 0.80 ? 28  GLN A OE1   1 
ATOM   206  N NE2   . GLN A 1 28  ? 10.792  -14.310 -5.277  1.00 0.79 ? 28  GLN A NE2   1 
ATOM   207  N N     . MET A 1 29  ? 6.866   -10.455 -1.258  1.00 0.08 ? 29  MET A N     1 
ATOM   208  C CA    . MET A 1 29  ? 6.731   -9.226  -0.490  1.00 0.09 ? 29  MET A CA    1 
ATOM   209  C C     . MET A 1 29  ? 5.658   -9.393  0.570   1.00 0.10 ? 29  MET A C     1 
ATOM   210  O O     . MET A 1 29  ? 5.845   -8.936  1.688   1.00 0.11 ? 29  MET A O     1 
ATOM   211  C CB    . MET A 1 29  ? 6.391   -8.048  -1.373  1.00 0.10 ? 29  MET A CB    1 
ATOM   212  C CG    . MET A 1 29  ? 7.569   -7.652  -2.257  1.00 0.19 ? 29  MET A CG    1 
ATOM   213  S SD    . MET A 1 29  ? 8.984   -7.029  -1.239  1.00 0.22 ? 29  MET A SD    1 
ATOM   214  C CE    . MET A 1 29  ? 8.215   -5.571  -0.472  1.00 0.21 ? 29  MET A CE    1 
ATOM   215  N N     . MET A 1 30  ? 4.527   -10.074 0.283   1.00 0.07 ? 30  MET A N     1 
ATOM   216  C CA    . MET A 1 30  ? 3.508   -10.334 1.311   1.00 0.09 ? 30  MET A CA    1 
ATOM   217  C C     . MET A 1 30  ? 4.102   -11.158 2.419   1.00 0.07 ? 30  MET A C     1 
ATOM   218  O O     . MET A 1 30  ? 3.746   -10.913 3.580   1.00 0.13 ? 30  MET A O     1 
ATOM   219  C CB    . MET A 1 30  ? 2.244   -10.898 0.736   1.00 0.06 ? 30  MET A CB    1 
ATOM   220  C CG    . MET A 1 30  ? 1.645   -9.975  -0.290  1.00 0.10 ? 30  MET A CG    1 
ATOM   221  S SD    . MET A 1 30  ? 0.763   -8.548  0.432   1.00 0.11 ? 30  MET A SD    1 
ATOM   222  C CE    . MET A 1 30  ? -0.627  -9.127  1.333   1.00 0.09 ? 30  MET A CE    1 
ATOM   223  N N     . LYS A 1 31  ? 4.910   -12.180 2.113   1.00 0.08 ? 31  LYS A N     1 
ATOM   224  C CA    . LYS A 1 31  ? 5.474   -13.020 3.175   1.00 0.10 ? 31  LYS A CA    1 
ATOM   225  C C     . LYS A 1 31  ? 6.520   -12.240 3.982   1.00 0.12 ? 31  LYS A C     1 
ATOM   226  O O     . LYS A 1 31  ? 6.535   -12.208 5.216   1.00 0.15 ? 31  LYS A O     1 
ATOM   227  C CB    . LYS A 1 31  ? 6.161   -14.300 2.682   1.00 0.18 ? 31  LYS A CB    1 
ATOM   228  N N     . SER A 1 32  ? 7.462   -11.583 3.354   1.00 0.10 ? 32  SER A N     1 
ATOM   229  C CA    . SER A 1 32  ? 8.645   -10.951 4.029   1.00 0.09 ? 32  SER A CA    1 
ATOM   230  C C     . SER A 1 32  ? 8.252   -9.732  4.854   1.00 0.10 ? 32  SER A C     1 
ATOM   231  O O     . SER A 1 32  ? 9.054   -9.472  5.788   1.00 0.16 ? 32  SER A O     1 
ATOM   232  C CB    . SER A 1 32  ? 9.755   -10.724 2.990   1.00 0.16 ? 32  SER A CB    1 
ATOM   233  O OG    . SER A 1 32  ? 9.468   -9.604  2.187   1.00 0.27 ? 32  SER A OG    1 
ATOM   234  N N     . ARG A 1 33  ? 7.189   -9.048  4.545   1.00 0.08 ? 33  ARG A N     1 
ATOM   235  C CA    . ARG A 1 33  ? 6.635   -7.879  5.262   1.00 0.07 ? 33  ARG A CA    1 
ATOM   236  C C     . ARG A 1 33  ? 5.731   -8.360  6.391   1.00 0.12 ? 33  ARG A C     1 
ATOM   237  O O     . ARG A 1 33  ? 5.112   -7.525  7.048   1.00 0.12 ? 33  ARG A O     1 
ATOM   238  C CB    . ARG A 1 33  ? 5.975   -6.839  4.360   1.00 0.08 ? 33  ARG A CB    1 
ATOM   239  C CG    . ARG A 1 33  ? 7.014   -6.201  3.384   1.00 0.07 ? 33  ARG A CG    1 
ATOM   240  C CD    . ARG A 1 33  ? 8.054   -5.419  4.148   1.00 0.07 ? 33  ARG A CD    1 
ATOM   241  N NE    . ARG A 1 33  ? 8.894   -4.679  3.263   1.00 0.12 ? 33  ARG A NE    1 
ATOM   242  C CZ    . ARG A 1 33  ? 8.649   -3.488  2.672   1.00 0.14 ? 33  ARG A CZ    1 
ATOM   243  N NH1   . ARG A 1 33  ? 7.562   -2.825  2.891   1.00 0.10 ? 33  ARG A NH1   1 
ATOM   244  N NH2   . ARG A 1 33  ? 9.553   -2.964  1.796   1.00 0.14 ? 33  ARG A NH2   1 
ATOM   245  N N     . ASN A 1 34  ? 5.606   -9.678  6.532   1.00 0.13 ? 34  ASN A N     1 
ATOM   246  C CA    . ASN A 1 34  ? 4.788   -10.276 7.627   1.00 0.12 ? 34  ASN A CA    1 
ATOM   247  C C     . ASN A 1 34  ? 3.323   -10.100 7.450   1.00 0.13 ? 34  ASN A C     1 
ATOM   248  O O     . ASN A 1 34  ? 2.523   -10.032 8.422   1.00 0.17 ? 34  ASN A O     1 
ATOM   249  C CB    . ASN A 1 34  ? 5.356   -9.898  9.021   1.00 0.12 ? 34  ASN A CB    1 
ATOM   250  C CG    . ASN A 1 34  ? 6.153   -11.165 9.420   1.00 0.58 ? 34  ASN A CG    1 
ATOM   251  O OD1   . ASN A 1 34  ? 5.393   -12.032 10.084  1.00 0.51 ? 34  ASN A OD1   1 
ATOM   252  N ND2   . ASN A 1 34  ? 7.422   -11.381 9.111   1.00 0.55 ? 34  ASN A ND2   1 
ATOM   253  N N     . LEU A 1 35  ? 2.748   -9.867  6.266   1.00 0.10 ? 35  LEU A N     1 
ATOM   254  C CA    . LEU A 1 35  ? 1.343   -9.572  5.936   1.00 0.16 ? 35  LEU A CA    1 
ATOM   255  C C     . LEU A 1 35  ? 0.472   -10.890 5.940   1.00 0.17 ? 35  LEU A C     1 
ATOM   256  O O     . LEU A 1 35  ? -0.744  -10.785 5.863   1.00 0.19 ? 35  LEU A O     1 
ATOM   257  C CB    . LEU A 1 35  ? 1.227   -8.713  4.705   1.00 0.15 ? 35  LEU A CB    1 
ATOM   258  C CG    . LEU A 1 35  ? 2.221   -7.493  4.690   1.00 0.14 ? 35  LEU A CG    1 
ATOM   259  C CD1   . LEU A 1 35  ? 1.913   -6.592  3.523   1.00 0.15 ? 35  LEU A CD1   1 
ATOM   260  C CD2   . LEU A 1 35  ? 1.965   -6.743  5.966   1.00 0.26 ? 35  LEU A CD2   1 
ATOM   261  N N     . THR A 1 36  ? 1.163   -12.070 6.055   1.00 0.11 ? 36  THR A N     1 
ATOM   262  C CA    . THR A 1 36  ? 0.502   -13.438 5.841   1.00 0.11 ? 36  THR A CA    1 
ATOM   263  C C     . THR A 1 36  ? 0.646   -14.176 7.142   1.00 0.18 ? 36  THR A C     1 
ATOM   264  O O     . THR A 1 36  ? 0.495   -15.387 7.244   1.00 0.23 ? 36  THR A O     1 
ATOM   265  C CB    . THR A 1 36  ? 1.147   -14.138 4.686   1.00 0.16 ? 36  THR A CB    1 
ATOM   266  O OG1   . THR A 1 36  ? 2.434   -14.551 4.909   1.00 0.21 ? 36  THR A OG1   1 
ATOM   267  C CG2   . THR A 1 36  ? 0.867   -13.559 3.353   1.00 0.18 ? 36  THR A CG2   1 
ATOM   268  N N     . LYS A 1 37  ? 1.010   -13.554 8.255   1.00 0.20 ? 37  LYS A N     1 
ATOM   269  C CA    . LYS A 1 37  ? 1.437   -14.240 9.462   1.00 0.40 ? 37  LYS A CA    1 
ATOM   270  C C     . LYS A 1 37  ? 0.193   -14.721 10.235  1.00 0.12 ? 37  LYS A C     1 
ATOM   271  O O     . LYS A 1 37  ? 0.454   -15.817 10.765  1.00 0.24 ? 37  LYS A O     1 
ATOM   272  C CB    . LYS A 1 37  ? 2.368   -13.470 10.388  1.00 0.28 ? 37  LYS A CB    1 
ATOM   273  N N     . ASP A 1 38  ? -0.899  -14.041 10.297  1.00 0.14 ? 38  ASP A N     1 
ATOM   274  C CA    . ASP A 1 38  ? -1.978  -14.664 11.094  1.00 0.13 ? 38  ASP A CA    1 
ATOM   275  C C     . ASP A 1 38  ? -3.042  -15.219 10.106  1.00 0.13 ? 38  ASP A C     1 
ATOM   276  O O     . ASP A 1 38  ? -3.895  -16.050 10.414  1.00 0.15 ? 38  ASP A O     1 
ATOM   277  C CB    . ASP A 1 38  ? -2.631  -13.627 12.010  1.00 0.19 ? 38  ASP A CB    1 
ATOM   278  C CG    . ASP A 1 38  ? -1.794  -13.239 13.223  1.00 0.37 ? 38  ASP A CG    1 
ATOM   279  O OD1   . ASP A 1 38  ? -1.220  -14.082 13.951  1.00 0.40 ? 38  ASP A OD1   1 
ATOM   280  O OD2   . ASP A 1 38  ? -1.708  -12.021 13.431  1.00 0.48 ? 38  ASP A OD2   1 
ATOM   281  N N     . ARG A 1 39  ? -3.160  -14.690 8.935   1.00 0.09 ? 39  ARG A N     1 
ATOM   282  C CA    . ARG A 1 39  ? -4.108  -15.006 7.882   1.00 0.12 ? 39  ARG A CA    1 
ATOM   283  C C     . ARG A 1 39  ? -3.620  -14.403 6.565   1.00 0.12 ? 39  ARG A C     1 
ATOM   284  O O     . ARG A 1 39  ? -2.717  -13.572 6.577   1.00 0.11 ? 39  ARG A O     1 
ATOM   285  C CB    . ARG A 1 39  ? -5.468  -14.404 8.222   1.00 0.13 ? 39  ARG A CB    1 
ATOM   286  C CG    . ARG A 1 39  ? -5.322  -12.894 8.131   1.00 0.19 ? 39  ARG A CG    1 
ATOM   287  C CD    . ARG A 1 39  ? -6.555  -12.235 8.716   1.00 0.49 ? 39  ARG A CD    1 
ATOM   288  N NE    . ARG A 1 39  ? -6.104  -10.815 8.675   1.00 0.60 ? 39  ARG A NE    1 
ATOM   289  C CZ    . ARG A 1 39  ? -6.660  -10.154 7.629   1.00 0.54 ? 39  ARG A CZ    1 
ATOM   290  N NH1   . ARG A 1 39  ? -7.599  -10.720 6.863   1.00 0.39 ? 39  ARG A NH1   1 
ATOM   291  N NH2   . ARG A 1 39  ? -6.180  -8.920  7.522   1.00 0.65 ? 39  ARG A NH2   1 
ATOM   292  N N     . CYS A 1 40  ? -4.212  -14.876 5.494   1.00 0.08 ? 40  CYS A N     1 
ATOM   293  C CA    . CYS A 1 40  ? -3.815  -14.258 4.213   1.00 0.11 ? 40  CYS A CA    1 
ATOM   294  C C     . CYS A 1 40  ? -4.508  -12.920 4.094   1.00 0.08 ? 40  CYS A C     1 
ATOM   295  O O     . CYS A 1 40  ? -5.700  -12.905 3.865   1.00 0.15 ? 40  CYS A O     1 
ATOM   296  C CB    . CYS A 1 40  ? -4.167  -15.150 3.014   1.00 0.14 ? 40  CYS A CB    1 
ATOM   297  S SG    . CYS A 1 40  ? -3.491  -16.803 3.133   1.00 0.14 ? 40  CYS A SG    1 
ATOM   298  N N     . LYS A 1 41  ? -3.756  -11.807 4.160   1.00 0.10 ? 41  LYS A N     1 
ATOM   299  C CA    . LYS A 1 41  ? -4.327  -10.512 3.825   1.00 0.09 ? 41  LYS A CA    1 
ATOM   300  C C     . LYS A 1 41  ? -4.679  -10.598 2.349   1.00 0.12 ? 41  LYS A C     1 
ATOM   301  O O     . LYS A 1 41  ? -3.927  -10.914 1.449   1.00 0.17 ? 41  LYS A O     1 
ATOM   302  C CB    . LYS A 1 41  ? -3.360  -9.350  4.147   1.00 0.17 ? 41  LYS A CB    1 
ATOM   303  C CG    . LYS A 1 41  ? -4.006  -7.963  4.248   1.00 0.22 ? 41  LYS A CG    1 
ATOM   304  C CD    . LYS A 1 41  ? -3.016  -6.812  4.274   1.00 0.14 ? 41  LYS A CD    1 
ATOM   305  C CE    . LYS A 1 41  ? -3.734  -5.493  3.973   1.00 0.17 ? 41  LYS A CE    1 
ATOM   306  N NZ    . LYS A 1 41  ? -2.801  -4.346  4.216   1.00 0.15 ? 41  LYS A NZ    1 
ATOM   307  N N     . PRO A 1 42  ? -5.946  -10.225 2.075   1.00 0.15 ? 42  PRO A N     1 
ATOM   308  C CA    . PRO A 1 42  ? -6.421  -10.508 0.712   1.00 0.16 ? 42  PRO A CA    1 
ATOM   309  C C     . PRO A 1 42  ? -6.105  -9.573  -0.441  1.00 0.12 ? 42  PRO A C     1 
ATOM   310  O O     . PRO A 1 42  ? -6.061  -10.001 -1.600  1.00 0.15 ? 42  PRO A O     1 
ATOM   311  C CB    . PRO A 1 42  ? -7.935  -10.479 0.921   1.00 0.19 ? 42  PRO A CB    1 
ATOM   312  C CG    . PRO A 1 42  ? -8.228  -9.874  2.282   1.00 0.21 ? 42  PRO A CG    1 
ATOM   313  C CD    . PRO A 1 42  ? -7.016  -10.164 3.117   1.00 0.19 ? 42  PRO A CD    1 
ATOM   314  N N     . VAL A 1 43  ? -5.957  -8.290  -0.161  1.00 0.15 ? 43  VAL A N     1 
ATOM   315  C CA    . VAL A 1 43  ? -5.518  -7.196  -1.057  1.00 0.13 ? 43  VAL A CA    1 
ATOM   316  C C     . VAL A 1 43  ? -4.501  -6.316  -0.319  1.00 0.14 ? 43  VAL A C     1 
ATOM   317  O O     . VAL A 1 43  ? -4.744  -5.953  0.852   1.00 0.15 ? 43  VAL A O     1 
ATOM   318  C CB    . VAL A 1 43  ? -6.696  -6.297  -1.497  1.00 0.13 ? 43  VAL A CB    1 
ATOM   319  C CG1   . VAL A 1 43  ? -6.089  -5.429  -2.622  1.00 0.14 ? 43  VAL A CG1   1 
ATOM   320  C CG2   . VAL A 1 43  ? -7.820  -7.133  -2.163  1.00 0.29 ? 43  VAL A CG2   1 
ATOM   321  N N     . ASN A 1 44  ? -3.454  -5.966  -1.018  1.00 0.11 ? 44  ASN A N     1 
ATOM   322  C CA    . ASN A 1 44  ? -2.496  -5.040  -0.404  1.00 0.06 ? 44  ASN A CA    1 
ATOM   323  C C     . ASN A 1 44  ? -1.754  -4.397  -1.590  1.00 0.10 ? 44  ASN A C     1 
ATOM   324  O O     . ASN A 1 44  ? -1.336  -5.094  -2.506  1.00 0.13 ? 44  ASN A O     1 
ATOM   325  C CB    . ASN A 1 44  ? -1.579  -5.860  0.409   1.00 0.06 ? 44  ASN A CB    1 
ATOM   326  C CG    . ASN A 1 44  ? -0.620  -4.889  1.133   1.00 0.11 ? 44  ASN A CG    1 
ATOM   327  O OD1   . ASN A 1 44  ? 0.635   -4.746  0.815   1.00 0.14 ? 44  ASN A OD1   1 
ATOM   328  N ND2   . ASN A 1 44  ? -1.076  -4.222  2.127   1.00 0.08 ? 44  ASN A ND2   1 
ATOM   329  N N     . THR A 1 45  ? -1.590  -3.073  -1.544  1.00 0.08 ? 45  THR A N     1 
ATOM   330  C CA    . THR A 1 45  ? -0.877  -2.295  -2.574  1.00 0.06 ? 45  THR A CA    1 
ATOM   331  C C     . THR A 1 45  ? 0.481   -1.856  -2.018  1.00 0.10 ? 45  THR A C     1 
ATOM   332  O O     . THR A 1 45  ? 0.610   -1.317  -0.956  1.00 0.08 ? 45  THR A O     1 
ATOM   333  C CB    . THR A 1 45  ? -1.662  -1.154  -3.080  1.00 0.08 ? 45  THR A CB    1 
ATOM   334  O OG1   . THR A 1 45  ? -2.962  -1.500  -3.491  1.00 0.11 ? 45  THR A OG1   1 
ATOM   335  C CG2   . THR A 1 45  ? -1.004  -0.445  -4.233  1.00 0.11 ? 45  THR A CG2   1 
ATOM   336  N N     . PHE A 1 46  ? 1.538   -2.007  -2.759  1.00 0.06 ? 46  PHE A N     1 
ATOM   337  C CA    . PHE A 1 46  ? 2.886   -1.534  -2.612  1.00 0.07 ? 46  PHE A CA    1 
ATOM   338  C C     . PHE A 1 46  ? 3.112   -0.281  -3.426  1.00 0.11 ? 46  PHE A C     1 
ATOM   339  O O     . PHE A 1 46  ? 2.590   -0.234  -4.553  1.00 0.11 ? 46  PHE A O     1 
ATOM   340  C CB    . PHE A 1 46  ? 3.958   -2.582  -2.894  1.00 0.04 ? 46  PHE A CB    1 
ATOM   341  C CG    . PHE A 1 46  ? 3.865   -3.687  -1.850  1.00 0.05 ? 46  PHE A CG    1 
ATOM   342  C CD1   . PHE A 1 46  ? 4.528   -3.533  -0.616  1.00 0.09 ? 46  PHE A CD1   1 
ATOM   343  C CD2   . PHE A 1 46  ? 3.159   -4.856  -2.093  1.00 0.08 ? 46  PHE A CD2   1 
ATOM   344  C CE1   . PHE A 1 46  ? 4.490   -4.509  0.411   1.00 0.09 ? 46  PHE A CE1   1 
ATOM   345  C CE2   . PHE A 1 46  ? 3.137   -5.837  -1.123  1.00 0.11 ? 46  PHE A CE2   1 
ATOM   346  C CZ    . PHE A 1 46  ? 3.770   -5.691  0.115   1.00 0.10 ? 46  PHE A CZ    1 
ATOM   347  N N     . VAL A 1 47  ? 3.770   0.738   -2.882  1.00 0.07 ? 47  VAL A N     1 
ATOM   348  C CA    . VAL A 1 47  ? 4.042   1.982   -3.620  1.00 0.07 ? 47  VAL A CA    1 
ATOM   349  C C     . VAL A 1 47  ? 5.551   2.112   -3.811  1.00 0.07 ? 47  VAL A C     1 
ATOM   350  O O     . VAL A 1 47  ? 6.294   1.926   -2.875  1.00 0.08 ? 47  VAL A O     1 
ATOM   351  C CB    . VAL A 1 47  ? 3.429   3.209   -2.901  1.00 0.11 ? 47  VAL A CB    1 
ATOM   352  C CG1   . VAL A 1 47  ? 3.715   4.452   -3.770  1.00 0.11 ? 47  VAL A CG1   1 
ATOM   353  C CG2   . VAL A 1 47  ? 1.954   3.113   -2.559  1.00 0.08 ? 47  VAL A CG2   1 
ATOM   354  N N     . HIS A 1 48  ? 6.021   2.247   -5.057  1.00 0.08 ? 48  HIS A N     1 
ATOM   355  C CA    . HIS A 1 48  ? 7.444   2.218   -5.425  1.00 0.07 ? 48  HIS A CA    1 
ATOM   356  C C     . HIS A 1 48  ? 7.970   3.649   -5.687  1.00 0.14 ? 48  HIS A C     1 
ATOM   357  O O     . HIS A 1 48  ? 8.243   4.035   -6.820  1.00 0.19 ? 48  HIS A O     1 
ATOM   358  C CB    . HIS A 1 48  ? 7.622   1.517   -6.801  1.00 0.10 ? 48  HIS A CB    1 
ATOM   359  C CG    . HIS A 1 48  ? 7.308   -0.003  -6.646  1.00 0.07 ? 48  HIS A CG    1 
ATOM   360  N ND1   . HIS A 1 48  ? 8.056   -1.011  -6.197  1.00 0.14 ? 48  HIS A ND1   1 
ATOM   361  C CD2   . HIS A 1 48  ? 6.052   -0.514  -7.022  1.00 0.15 ? 48  HIS A CD2   1 
ATOM   362  C CE1   . HIS A 1 48  ? 7.262   -2.163  -6.296  1.00 0.10 ? 48  HIS A CE1   1 
ATOM   363  N NE2   . HIS A 1 48  ? 6.133   -1.821  -6.802  1.00 0.08 ? 48  HIS A NE2   1 
ATOM   364  N N     . GLU A 1 49  ? 7.879   4.449   -4.679  1.00 0.13 ? 49  GLU A N     1 
ATOM   365  C CA    . GLU A 1 49  ? 8.152   5.903   -4.602  1.00 0.11 ? 49  GLU A CA    1 
ATOM   366  C C     . GLU A 1 49  ? 8.946   6.065   -3.311  1.00 0.10 ? 49  GLU A C     1 
ATOM   367  O O     . GLU A 1 49  ? 9.016   5.326   -2.361  1.00 0.14 ? 49  GLU A O     1 
ATOM   368  C CB    . GLU A 1 49  ? 6.972   6.831   -4.701  1.00 0.14 ? 49  GLU A CB    1 
ATOM   369  C CG    . GLU A 1 49  ? 6.059   6.691   -5.901  1.00 0.14 ? 49  GLU A CG    1 
ATOM   370  C CD    . GLU A 1 49  ? 6.717   7.065   -7.195  1.00 0.25 ? 49  GLU A CD    1 
ATOM   371  O OE1   . GLU A 1 49  ? 7.743   7.758   -7.280  1.00 0.25 ? 49  GLU A OE1   1 
ATOM   372  O OE2   . GLU A 1 49  ? 6.271   6.661   -8.305  1.00 0.16 ? 49  GLU A OE2   1 
ATOM   373  N N     . SER A 1 50  ? 9.674   7.235   -3.265  1.00 0.12 ? 50  SER A N     1 
ATOM   374  C CA    . SER A 1 50  ? 10.391  7.621   -2.019  1.00 0.11 ? 50  SER A CA    1 
ATOM   375  C C     . SER A 1 50  ? 9.300   7.909   -0.944  1.00 0.10 ? 50  SER A C     1 
ATOM   376  O O     . SER A 1 50  ? 8.226   8.353   -1.246  1.00 0.12 ? 50  SER A O     1 
ATOM   377  C CB    . SER A 1 50  ? 11.280  8.891   -2.101  1.00 0.10 ? 50  SER A CB    1 
ATOM   378  O OG    . SER A 1 50  ? 10.406  9.975   -2.339  1.00 0.18 ? 50  SER A OG    1 
ATOM   379  N N     . LEU A 1 51  ? 9.682   7.673   0.266   1.00 0.13 ? 51  LEU A N     1 
ATOM   380  C CA    . LEU A 1 51  ? 8.846   7.909   1.467   1.00 0.16 ? 51  LEU A CA    1 
ATOM   381  C C     . LEU A 1 51  ? 8.438   9.378   1.523   1.00 0.13 ? 51  LEU A C     1 
ATOM   382  O O     . LEU A 1 51  ? 7.304   9.691   1.731   1.00 0.12 ? 51  LEU A O     1 
ATOM   383  C CB    . LEU A 1 51  ? 9.489   7.338   2.707   1.00 0.15 ? 51  LEU A CB    1 
ATOM   384  C CG    . LEU A 1 51  ? 8.506   7.331   3.836   1.00 0.23 ? 51  LEU A CG    1 
ATOM   385  C CD1   . LEU A 1 51  ? 7.098   6.780   3.809   1.00 0.24 ? 51  LEU A CD1   1 
ATOM   386  C CD2   . LEU A 1 51  ? 9.389   7.136   5.036   1.00 0.22 ? 51  LEU A CD2   1 
ATOM   387  N N     . ALA A 1 52  ? 9.391   10.342  1.324   1.00 0.12 ? 52  ALA A N     1 
ATOM   388  C CA    . ALA A 1 52  ? 9.058   11.741  1.224   1.00 0.12 ? 52  ALA A CA    1 
ATOM   389  C C     . ALA A 1 52  ? 7.956   12.088  0.210   1.00 0.11 ? 52  ALA A C     1 
ATOM   390  O O     . ALA A 1 52  ? 7.075   12.888  0.602   1.00 0.16 ? 52  ALA A O     1 
ATOM   391  C CB    . ALA A 1 52  ? 10.388  12.455  1.032   1.00 0.22 ? 52  ALA A CB    1 
ATOM   392  N N     . ASP A 1 53  ? 7.822   11.532  -1.028  1.00 0.08 ? 53  ASP A N     1 
ATOM   393  C CA    . ASP A 1 53  ? 6.810   11.746  -2.053  1.00 0.12 ? 53  ASP A CA    1 
ATOM   394  C C     . ASP A 1 53  ? 5.426   11.213  -1.588  1.00 0.07 ? 53  ASP A C     1 
ATOM   395  O O     . ASP A 1 53  ? 4.464   11.809  -1.981  1.00 0.13 ? 53  ASP A O     1 
ATOM   396  C CB    . ASP A 1 53  ? 7.117   11.201  -3.412  1.00 0.13 ? 53  ASP A CB    1 
ATOM   397  C CG    . ASP A 1 53  ? 8.269   11.875  -4.185  1.00 0.18 ? 53  ASP A CG    1 
ATOM   398  O OD1   . ASP A 1 53  ? 8.693   12.935  -3.774  1.00 0.28 ? 53  ASP A OD1   1 
ATOM   399  O OD2   . ASP A 1 53  ? 8.728   11.397  -5.201  1.00 0.28 ? 53  ASP A OD2   1 
ATOM   400  N N     . VAL A 1 54  ? 5.467   10.143  -0.832  1.00 0.09 ? 54  VAL A N     1 
ATOM   401  C CA    . VAL A 1 54  ? 4.184   9.599   -0.352  1.00 0.09 ? 54  VAL A CA    1 
ATOM   402  C C     . VAL A 1 54  ? 3.747   10.330  0.939   1.00 0.07 ? 54  VAL A C     1 
ATOM   403  O O     . VAL A 1 54  ? 2.542   10.587  0.967   1.00 0.13 ? 54  VAL A O     1 
ATOM   404  C CB    . VAL A 1 54  ? 4.342   8.095   -0.110  1.00 0.10 ? 54  VAL A CB    1 
ATOM   405  C CG1   . VAL A 1 54  ? 3.018   7.519   0.495   1.00 0.17 ? 54  VAL A CG1   1 
ATOM   406  C CG2   . VAL A 1 54  ? 4.710   7.262   -1.373  1.00 0.13 ? 54  VAL A CG2   1 
ATOM   407  N N     . GLN A 1 55  ? 4.626   10.622  1.902   1.00 0.07 ? 55  GLN A N     1 
ATOM   408  C CA    . GLN A 1 55  ? 4.215   11.559  3.001   1.00 0.07 ? 55  GLN A CA    1 
ATOM   409  C C     . GLN A 1 55  ? 3.715   12.900  2.561   1.00 0.09 ? 55  GLN A C     1 
ATOM   410  O O     . GLN A 1 55  ? 2.804   13.451  3.155   1.00 0.14 ? 55  GLN A O     1 
ATOM   411  C CB    . GLN A 1 55  ? 5.458   11.725  3.839   1.00 0.11 ? 55  GLN A CB    1 
ATOM   412  C CG    . GLN A 1 55  ? 5.722   10.506  4.711   1.00 0.13 ? 55  GLN A CG    1 
ATOM   413  C CD    . GLN A 1 55  ? 7.072   10.786  5.449   1.00 0.14 ? 55  GLN A CD    1 
ATOM   414  O OE1   . GLN A 1 55  ? 7.936   11.725  5.095   1.00 0.29 ? 55  GLN A OE1   1 
ATOM   415  N NE2   . GLN A 1 55  ? 7.271   9.978   6.415   1.00 0.17 ? 55  GLN A NE2   1 
ATOM   416  N N     . ALA A 1 56  ? 4.202   13.526  1.463   1.00 0.13 ? 56  ALA A N     1 
ATOM   417  C CA    . ALA A 1 56  ? 3.780   14.721  0.813   1.00 0.12 ? 56  ALA A CA    1 
ATOM   418  C C     . ALA A 1 56  ? 2.297   14.593  0.457   1.00 0.14 ? 56  ALA A C     1 
ATOM   419  O O     . ALA A 1 56  ? 1.676   15.630  0.312   1.00 0.12 ? 56  ALA A O     1 
ATOM   420  C CB    . ALA A 1 56  ? 4.528   15.191  -0.455  1.00 0.12 ? 56  ALA A CB    1 
ATOM   421  N N     . VAL A 1 57  ? 1.694   13.452  0.166   1.00 0.11 ? 57  VAL A N     1 
ATOM   422  C CA    . VAL A 1 57  ? 0.294   13.306  -0.298  1.00 0.10 ? 57  VAL A CA    1 
ATOM   423  C C     . VAL A 1 57  ? -0.617  13.920  0.774   1.00 0.06 ? 57  VAL A C     1 
ATOM   424  O O     . VAL A 1 57  ? -1.678  14.420  0.371   1.00 0.12 ? 57  VAL A O     1 
ATOM   425  C CB    . VAL A 1 57  ? 0.026   11.877  -0.790  1.00 0.08 ? 57  VAL A CB    1 
ATOM   426  C CG1   . VAL A 1 57  ? -1.450  11.615  -1.090  1.00 0.09 ? 57  VAL A CG1   1 
ATOM   427  C CG2   . VAL A 1 57  ? 0.866   11.380  -1.955  1.00 0.09 ? 57  VAL A CG2   1 
ATOM   428  N N     . CYS A 1 58  ? -0.175  13.903  2.016   1.00 0.12 ? 58  CYS A N     1 
ATOM   429  C CA    . CYS A 1 58  ? -0.943  14.464  3.155   1.00 0.16 ? 58  CYS A CA    1 
ATOM   430  C C     . CYS A 1 58  ? -1.216  15.984  3.161   1.00 0.14 ? 58  CYS A C     1 
ATOM   431  O O     . CYS A 1 58  ? -1.899  16.558  3.935   1.00 0.18 ? 58  CYS A O     1 
ATOM   432  C CB    . CYS A 1 58  ? -0.415  14.133  4.519   1.00 0.10 ? 58  CYS A CB    1 
ATOM   433  S SG    . CYS A 1 58  ? -0.369  12.345  4.793   1.00 0.14 ? 58  CYS A SG    1 
ATOM   434  N N     . SER A 1 59  ? -0.576  16.644  2.265   1.00 0.13 ? 59  SER A N     1 
ATOM   435  C CA    . SER A 1 59  ? -0.706  18.071  1.952   1.00 0.16 ? 59  SER A CA    1 
ATOM   436  C C     . SER A 1 59  ? -1.248  18.252  0.550   1.00 0.23 ? 59  SER A C     1 
ATOM   437  O O     . SER A 1 59  ? -1.131  19.386  0.002   1.00 0.22 ? 59  SER A O     1 
ATOM   438  C CB    . SER A 1 59  ? 0.579   18.811  2.306   1.00 0.20 ? 59  SER A CB    1 
ATOM   439  O OG    . SER A 1 59  ? 1.606   18.588  1.367   1.00 0.30 ? 59  SER A OG    1 
ATOM   440  N N     . GLN A 1 60  ? -1.866  17.296  -0.149  1.00 0.18 ? 60  GLN A N     1 
ATOM   441  C CA    . GLN A 1 60  ? -2.304  17.398  -1.545  1.00 0.11 ? 60  GLN A CA    1 
ATOM   442  C C     . GLN A 1 60  ? -3.851  17.461  -1.571  1.00 0.17 ? 60  GLN A C     1 
ATOM   443  O O     . GLN A 1 60  ? -4.351  18.132  -0.646  1.00 0.19 ? 60  GLN A O     1 
ATOM   444  C CB    . GLN A 1 60  ? -1.577  16.428  -2.504  1.00 0.13 ? 60  GLN A CB    1 
ATOM   445  C CG    . GLN A 1 60  ? -0.069  16.707  -2.589  1.00 0.13 ? 60  GLN A CG    1 
ATOM   446  C CD    . GLN A 1 60  ? 0.769   15.695  -3.327  1.00 0.13 ? 60  GLN A CD    1 
ATOM   447  O OE1   . GLN A 1 60  ? 0.192   14.834  -4.104  1.00 0.16 ? 60  GLN A OE1   1 
ATOM   448  N NE2   . GLN A 1 60  ? 2.090   15.683  -3.198  1.00 0.27 ? 60  GLN A NE2   1 
ATOM   449  N N     . LYS A 1 61  ? -4.566  16.873  -2.532  1.00 0.14 ? 61  LYS A N     1 
ATOM   450  C CA    . LYS A 1 61  ? -5.995  17.004  -2.808  1.00 0.14 ? 61  LYS A CA    1 
ATOM   451  C C     . LYS A 1 61  ? -6.744  16.384  -1.645  1.00 0.14 ? 61  LYS A C     1 
ATOM   452  O O     . LYS A 1 61  ? -6.621  15.109  -1.607  1.00 0.17 ? 61  LYS A O     1 
ATOM   453  C CB    . LYS A 1 61  ? -6.402  16.528  -4.212  1.00 0.20 ? 61  LYS A CB    1 
ATOM   454  C CG    . LYS A 1 61  ? -7.795  17.129  -4.410  1.00 0.30 ? 61  LYS A CG    1 
ATOM   455  C CD    . LYS A 1 61  ? -8.510  17.143  -5.721  1.00 0.75 ? 61  LYS A CD    1 
ATOM   456  C CE    . LYS A 1 61  ? -9.953  17.661  -5.612  1.00 0.80 ? 61  LYS A CE    1 
ATOM   457  N NZ    . LYS A 1 61  ? -10.213 19.057  -5.206  1.00 0.80 ? 61  LYS A NZ    1 
ATOM   458  N N     . ASN A 1 62  ? -7.407  17.034  -0.749  1.00 0.14 ? 62  ASN A N     1 
ATOM   459  C CA    . ASN A 1 62  ? -8.253  16.404  0.299   1.00 0.10 ? 62  ASN A CA    1 
ATOM   460  C C     . ASN A 1 62  ? -9.545  15.797  -0.293  1.00 0.18 ? 62  ASN A C     1 
ATOM   461  O O     . ASN A 1 62  ? -10.277 16.454  -1.086  1.00 0.20 ? 62  ASN A O     1 
ATOM   462  C CB    . ASN A 1 62  ? -8.715  17.525  1.240   1.00 0.19 ? 62  ASN A CB    1 
ATOM   463  C CG    . ASN A 1 62  ? -9.368  17.043  2.496   1.00 0.19 ? 62  ASN A CG    1 
ATOM   464  O OD1   . ASN A 1 62  ? -10.142 17.921  3.061   1.00 0.24 ? 62  ASN A OD1   1 
ATOM   465  N ND2   . ASN A 1 62  ? -9.188  15.850  3.090   1.00 0.16 ? 62  ASN A ND2   1 
ATOM   466  N N     . VAL A 1 63  ? -9.843  14.555  -0.084  1.00 0.13 ? 63  VAL A N     1 
ATOM   467  C CA    . VAL A 1 63  ? -11.006 13.849  -0.677  1.00 0.12 ? 63  VAL A CA    1 
ATOM   468  C C     . VAL A 1 63  ? -11.608 12.972  0.449   1.00 0.11 ? 63  VAL A C     1 
ATOM   469  O O     . VAL A 1 63  ? -10.962 12.657  1.464   1.00 0.13 ? 63  VAL A O     1 
ATOM   470  C CB    . VAL A 1 63  ? -10.522 12.942  -1.838  1.00 0.13 ? 63  VAL A CB    1 
ATOM   471  C CG1   . VAL A 1 63  ? -10.202 13.878  -2.953  1.00 0.14 ? 63  VAL A CG1   1 
ATOM   472  C CG2   . VAL A 1 63  ? -9.427  11.907  -1.502  1.00 0.19 ? 63  VAL A CG2   1 
ATOM   473  N N     . ALA A 1 64  ? -12.877 12.650  0.213   1.00 0.12 ? 64  ALA A N     1 
ATOM   474  C CA    . ALA A 1 64  ? -13.476 11.664  1.148   1.00 0.14 ? 64  ALA A CA    1 
ATOM   475  C C     . ALA A 1 64  ? -12.805 10.308  0.936   1.00 0.14 ? 64  ALA A C     1 
ATOM   476  O O     . ALA A 1 64  ? -12.623 9.824   -0.203  1.00 0.15 ? 64  ALA A O     1 
ATOM   477  C CB    . ALA A 1 64  ? -14.976 11.654  0.991   1.00 0.10 ? 64  ALA A CB    1 
ATOM   478  N N     . CYS A 1 65  ? -12.459 9.623   1.993   1.00 0.10 ? 65  CYS A N     1 
ATOM   479  C CA    . CYS A 1 65  ? -12.224 8.193   2.100   1.00 0.08 ? 65  CYS A CA    1 
ATOM   480  C C     . CYS A 1 65  ? -13.420 7.310   1.590   1.00 0.10 ? 65  CYS A C     1 
ATOM   481  O O     . CYS A 1 65  ? -14.544 7.769   1.576   1.00 0.10 ? 65  CYS A O     1 
ATOM   482  C CB    . CYS A 1 65  ? -11.844 7.717   3.490   1.00 0.11 ? 65  CYS A CB    1 
ATOM   483  S SG    . CYS A 1 65  ? -10.521 8.689   4.272   1.00 0.15 ? 65  CYS A SG    1 
ATOM   484  N N     . LYS A 1 66  ? -13.127 6.063   1.237   1.00 0.09 ? 66  LYS A N     1 
ATOM   485  C CA    . LYS A 1 66  ? -14.155 5.142   0.692   1.00 0.15 ? 66  LYS A CA    1 
ATOM   486  C C     . LYS A 1 66  ? -15.220 5.030   1.814   1.00 0.20 ? 66  LYS A C     1 
ATOM   487  O O     . LYS A 1 66  ? -16.404 5.039   1.369   1.00 0.17 ? 66  LYS A O     1 
ATOM   488  C CB    . LYS A 1 66  ? -13.652 3.737   0.332   1.00 0.17 ? 66  LYS A CB    1 
ATOM   489  N N     . ASN A 1 67  ? -14.844 4.959   3.097   1.00 0.11 ? 67  ASN A N     1 
ATOM   490  C CA    . ASN A 1 67  ? -15.749 4.858   4.291   1.00 0.16 ? 67  ASN A CA    1 
ATOM   491  C C     . ASN A 1 67  ? -16.356 6.220   4.677   1.00 0.20 ? 67  ASN A C     1 
ATOM   492  O O     . ASN A 1 67  ? -17.089 6.193   5.684   1.00 0.19 ? 67  ASN A O     1 
ATOM   493  C CB    . ASN A 1 67  ? -15.020 4.095   5.401   1.00 0.16 ? 67  ASN A CB    1 
ATOM   494  C CG    . ASN A 1 67  ? -14.206 5.038   6.341   1.00 0.22 ? 67  ASN A CG    1 
ATOM   495  O OD1   . ASN A 1 67  ? -13.596 6.170   5.966   1.00 0.39 ? 67  ASN A OD1   1 
ATOM   496  N ND2   . ASN A 1 67  ? -14.037 4.623   7.567   1.00 0.11 ? 67  ASN A ND2   1 
ATOM   497  N N     . GLY A 1 68  ? -16.161 7.410   4.016   1.00 0.13 ? 68  GLY A N     1 
ATOM   498  C CA    . GLY A 1 68  ? -16.791 8.668   4.390   1.00 0.15 ? 68  GLY A CA    1 
ATOM   499  C C     . GLY A 1 68  ? -15.865 9.560   5.217   1.00 0.08 ? 68  GLY A C     1 
ATOM   500  O O     . GLY A 1 68  ? -16.275 10.709  5.253   1.00 0.14 ? 68  GLY A O     1 
ATOM   501  N N     . GLN A 1 69  ? -14.808 9.083   5.801   1.00 0.11 ? 69  GLN A N     1 
ATOM   502  C CA    . GLN A 1 69  ? -13.875 9.903   6.608   1.00 0.13 ? 69  GLN A CA    1 
ATOM   503  C C     . GLN A 1 69  ? -13.388 11.000  5.674   1.00 0.13 ? 69  GLN A C     1 
ATOM   504  O O     . GLN A 1 69  ? -13.217 10.796  4.460   1.00 0.13 ? 69  GLN A O     1 
ATOM   505  C CB    . GLN A 1 69  ? -12.712 9.068   7.147   1.00 0.12 ? 69  GLN A CB    1 
ATOM   506  C CG    . GLN A 1 69  ? -13.242 8.314   8.367   1.00 0.14 ? 69  GLN A CG    1 
ATOM   507  C CD    . GLN A 1 69  ? -12.116 7.416   8.832   1.00 0.17 ? 69  GLN A CD    1 
ATOM   508  O OE1   . GLN A 1 69  ? -12.393 6.219   9.406   1.00 0.24 ? 69  GLN A OE1   1 
ATOM   509  N NE2   . GLN A 1 69  ? -10.898 7.816   8.690   1.00 0.19 ? 69  GLN A NE2   1 
ATOM   510  N N     . THR A 1 70  ? -13.055 12.189  6.192   1.00 0.11 ? 70  THR A N     1 
ATOM   511  C CA    . THR A 1 70  ? -12.562 13.275  5.348   1.00 0.14 ? 70  THR A CA    1 
ATOM   512  C C     . THR A 1 70  ? -11.074 13.569  5.642   1.00 0.10 ? 70  THR A C     1 
ATOM   513  O O     . THR A 1 70  ? -10.649 14.617  5.232   1.00 0.14 ? 70  THR A O     1 
ATOM   514  C CB    . THR A 1 70  ? -13.411 14.525  5.469   1.00 0.16 ? 70  THR A CB    1 
ATOM   515  O OG1   . THR A 1 70  ? -13.511 14.887  6.858   1.00 0.16 ? 70  THR A OG1   1 
ATOM   516  C CG2   . THR A 1 70  ? -14.763 14.290  4.909   1.00 0.18 ? 70  THR A CG2   1 
ATOM   517  N N     . ASN A 1 71  ? -10.342 12.679  6.276   1.00 0.12 ? 71  ASN A N     1 
ATOM   518  C CA    . ASN A 1 71  ? -8.872  12.773  6.357   1.00 0.14 ? 71  ASN A CA    1 
ATOM   519  C C     . ASN A 1 71  ? -8.144  11.995  5.214   1.00 0.11 ? 71  ASN A C     1 
ATOM   520  O O     . ASN A 1 71  ? -7.051  11.557  5.472   1.00 0.09 ? 71  ASN A O     1 
ATOM   521  C CB    . ASN A 1 71  ? -8.471  12.437  7.786   1.00 0.12 ? 71  ASN A CB    1 
ATOM   522  C CG    . ASN A 1 71  ? -8.583  10.969  8.100   1.00 0.14 ? 71  ASN A CG    1 
ATOM   523  O OD1   . ASN A 1 71  ? -9.587  10.212  7.704   1.00 0.17 ? 71  ASN A OD1   1 
ATOM   524  N ND2   . ASN A 1 71  ? -7.665  10.420  8.827   1.00 0.11 ? 71  ASN A ND2   1 
ATOM   525  N N     . CYS A 1 72  ? -8.745  11.871  4.015   1.00 0.10 ? 72  CYS A N     1 
ATOM   526  C CA    . CYS A 1 72  ? -8.092  11.239  2.913   1.00 0.13 ? 72  CYS A CA    1 
ATOM   527  C C     . CYS A 1 72  ? -7.551  12.276  1.968   1.00 0.11 ? 72  CYS A C     1 
ATOM   528  O O     . CYS A 1 72  ? -8.072  13.399  1.833   1.00 0.12 ? 72  CYS A O     1 
ATOM   529  C CB    . CYS A 1 72  ? -9.039  10.216  2.177   1.00 0.09 ? 72  CYS A CB    1 
ATOM   530  S SG    . CYS A 1 72  ? -8.975  8.599   2.993   1.00 0.16 ? 72  CYS A SG    1 
ATOM   531  N N     . TYR A 1 73  ? -6.543  11.881  1.249   1.00 0.10 ? 73  TYR A N     1 
ATOM   532  C CA    . TYR A 1 73  ? -5.782  12.709  0.303   1.00 0.09 ? 73  TYR A CA    1 
ATOM   533  C C     . TYR A 1 73  ? -5.371  11.837  -0.901  1.00 0.08 ? 73  TYR A C     1 
ATOM   534  O O     . TYR A 1 73  ? -4.874  10.760  -0.830  1.00 0.11 ? 73  TYR A O     1 
ATOM   535  C CB    . TYR A 1 73  ? -4.472  13.316  0.900   1.00 0.11 ? 73  TYR A CB    1 
ATOM   536  C CG    . TYR A 1 73  ? -4.872  14.172  2.117   1.00 0.11 ? 73  TYR A CG    1 
ATOM   537  C CD1   . TYR A 1 73  ? -5.073  13.614  3.386   1.00 0.09 ? 73  TYR A CD1   1 
ATOM   538  C CD2   . TYR A 1 73  ? -5.017  15.526  1.887   1.00 0.12 ? 73  TYR A CD2   1 
ATOM   539  C CE1   . TYR A 1 73  ? -5.441  14.423  4.459   1.00 0.19 ? 73  TYR A CE1   1 
ATOM   540  C CE2   . TYR A 1 73  ? -5.397  16.342  2.997   1.00 0.18 ? 73  TYR A CE2   1 
ATOM   541  C CZ    . TYR A 1 73  ? -5.606  15.787  4.269   1.00 0.20 ? 73  TYR A CZ    1 
ATOM   542  O OH    . TYR A 1 73  ? -5.962  16.645  5.283   1.00 0.27 ? 73  TYR A OH    1 
ATOM   543  N N     . GLN A 1 74  ? -5.628  12.531  -2.020  1.00 0.08 ? 74  GLN A N     1 
ATOM   544  C CA    . GLN A 1 74  ? -5.280  11.943  -3.314  1.00 0.12 ? 74  GLN A CA    1 
ATOM   545  C C     . GLN A 1 74  ? -4.052  12.540  -3.975  1.00 0.15 ? 74  GLN A C     1 
ATOM   546  O O     . GLN A 1 74  ? -3.931  13.772  -4.022  1.00 0.18 ? 74  GLN A O     1 
ATOM   547  C CB    . GLN A 1 74  ? -6.443  11.975  -4.274  1.00 0.16 ? 74  GLN A CB    1 
ATOM   548  C CG    . GLN A 1 74  ? -6.279  11.356  -5.667  1.00 0.18 ? 74  GLN A CG    1 
ATOM   549  C CD    . GLN A 1 74  ? -7.508  11.789  -6.533  1.00 0.29 ? 74  GLN A CD    1 
ATOM   550  O OE1   . GLN A 1 74  ? -7.286  12.674  -7.508  1.00 0.62 ? 74  GLN A OE1   1 
ATOM   551  N NE2   . GLN A 1 74  ? -8.750  11.374  -6.275  1.00 0.52 ? 74  GLN A NE2   1 
ATOM   552  N N     . SER A 1 75  ? -3.110  11.804  -4.474  1.00 0.09 ? 75  SER A N     1 
ATOM   553  C CA    . SER A 1 75  ? -1.871  12.311  -5.000  1.00 0.11 ? 75  SER A CA    1 
ATOM   554  C C     . SER A 1 75  ? -2.223  13.143  -6.225  1.00 0.15 ? 75  SER A C     1 
ATOM   555  O O     . SER A 1 75  ? -3.079  12.841  -7.106  1.00 0.15 ? 75  SER A O     1 
ATOM   556  C CB    . SER A 1 75  ? -0.830  11.272  -5.309  1.00 0.10 ? 75  SER A CB    1 
ATOM   557  O OG    . SER A 1 75  ? -1.453  10.320  -6.202  1.00 0.12 ? 75  SER A OG    1 
ATOM   558  N N     . TYR A 1 76  ? -1.550  14.260  -6.424  1.00 0.16 ? 76  TYR A N     1 
ATOM   559  C CA    . TYR A 1 76  ? -1.696  14.985  -7.695  1.00 0.18 ? 76  TYR A CA    1 
ATOM   560  C C     . TYR A 1 76  ? -1.156  14.228  -8.925  1.00 0.22 ? 76  TYR A C     1 
ATOM   561  O O     . TYR A 1 76  ? -1.795  14.275  -9.987  1.00 0.29 ? 76  TYR A O     1 
ATOM   562  C CB    . TYR A 1 76  ? -0.897  16.281  -7.570  1.00 0.19 ? 76  TYR A CB    1 
ATOM   563  C CG    . TYR A 1 76  ? -1.607  17.315  -6.691  1.00 0.18 ? 76  TYR A CG    1 
ATOM   564  C CD1   . TYR A 1 76  ? -2.979  17.512  -6.739  1.00 0.28 ? 76  TYR A CD1   1 
ATOM   565  C CD2   . TYR A 1 76  ? -0.787  18.068  -5.846  1.00 0.29 ? 76  TYR A CD2   1 
ATOM   566  C CE1   . TYR A 1 76  ? -3.645  18.455  -5.940  1.00 0.39 ? 76  TYR A CE1   1 
ATOM   567  C CE2   . TYR A 1 76  ? -1.471  19.013  -5.048  1.00 0.30 ? 76  TYR A CE2   1 
ATOM   568  C CZ    . TYR A 1 76  ? -2.846  19.216  -5.070  1.00 0.24 ? 76  TYR A CZ    1 
ATOM   569  O OH    . TYR A 1 76  ? -3.422  20.191  -4.232  1.00 0.47 ? 76  TYR A OH    1 
ATOM   570  N N     . SER A 1 77  ? -0.035  13.606  -8.719  1.00 0.15 ? 77  SER A N     1 
ATOM   571  C CA    . SER A 1 77  ? 0.738   12.825  -9.702  1.00 0.18 ? 77  SER A CA    1 
ATOM   572  C C     . SER A 1 77  ? 0.314   11.329  -9.590  1.00 0.35 ? 77  SER A C     1 
ATOM   573  O O     . SER A 1 77  ? -0.051  10.768  -8.567  1.00 0.17 ? 77  SER A O     1 
ATOM   574  C CB    . SER A 1 77  ? 2.227   12.813  -9.296  1.00 0.31 ? 77  SER A CB    1 
ATOM   575  O OG    . SER A 1 77  ? 2.672   14.057  -8.765  1.00 0.75 ? 77  SER A OG    1 
ATOM   576  N N     . THR A 1 78  ? 0.429   10.608  -10.718 1.00 0.21 ? 78  THR A N     1 
ATOM   577  C CA    . THR A 1 78  ? 0.381   9.126   -10.679 1.00 0.13 ? 78  THR A CA    1 
ATOM   578  C C     . THR A 1 78  ? 1.679   8.670   -10.046 1.00 0.16 ? 78  THR A C     1 
ATOM   579  O O     . THR A 1 78  ? 2.771   9.303   -10.095 1.00 0.16 ? 78  THR A O     1 
ATOM   580  C CB    . THR A 1 78  ? 0.075   8.602   -12.050 1.00 0.16 ? 78  THR A CB    1 
ATOM   581  O OG1   . THR A 1 78  ? 1.121   8.758   -12.951 1.00 0.30 ? 78  THR A OG1   1 
ATOM   582  C CG2   . THR A 1 78  ? -1.218  9.029   -12.616 1.00 0.16 ? 78  THR A CG2   1 
ATOM   583  N N     . MET A 1 79  ? 1.673   7.485   -9.449  1.00 0.13 ? 79  MET A N     1 
ATOM   584  C CA    . MET A 1 79  ? 2.739   6.767   -8.820  1.00 0.13 ? 79  MET A CA    1 
ATOM   585  C C     . MET A 1 79  ? 2.993   5.361   -9.330  1.00 0.09 ? 79  MET A C     1 
ATOM   586  O O     . MET A 1 79  ? 2.022   4.765   -9.781  1.00 0.14 ? 79  MET A O     1 
ATOM   587  C CB    . MET A 1 79  ? 2.463   6.702   -7.309  1.00 0.11 ? 79  MET A CB    1 
ATOM   588  C CG    . MET A 1 79  ? 2.499   8.147   -6.779  1.00 0.17 ? 79  MET A CG    1 
ATOM   589  S SD    . MET A 1 79  ? 2.736   8.244   -5.007  1.00 0.17 ? 79  MET A SD    1 
ATOM   590  C CE    . MET A 1 79  ? 3.054   10.015  -4.640  1.00 0.18 ? 79  MET A CE    1 
ATOM   591  N N     . SER A 1 80  ? 4.103   4.803   -9.268  1.00 0.07 ? 80  SER A N     1 
ATOM   592  C CA    . SER A 1 80  ? 4.292   3.359   -9.569  1.00 0.11 ? 80  SER A CA    1 
ATOM   593  C C     . SER A 1 80  ? 3.800   2.512   -8.366  1.00 0.08 ? 80  SER A C     1 
ATOM   594  O O     . SER A 1 80  ? 4.263   2.613   -7.271  1.00 0.10 ? 80  SER A O     1 
ATOM   595  C CB    . SER A 1 80  ? 5.743   3.165   -9.800  1.00 0.10 ? 80  SER A CB    1 
ATOM   596  O OG    . SER A 1 80  ? 5.988   1.828   -9.986  1.00 0.15 ? 80  SER A OG    1 
ATOM   597  N N     . ILE A 1 81  ? 2.774   1.693   -8.658  1.00 0.10 ? 81  ILE A N     1 
ATOM   598  C CA    . ILE A 1 81  ? 2.188   0.815   -7.612  1.00 0.08 ? 81  ILE A CA    1 
ATOM   599  C C     . ILE A 1 81  ? 2.126   -0.643  -8.061  1.00 0.10 ? 81  ILE A C     1 
ATOM   600  O O     . ILE A 1 81  ? 2.113   -0.921  -9.226  1.00 0.10 ? 81  ILE A O     1 
ATOM   601  C CB    . ILE A 1 81  ? 0.815   1.276   -7.238  1.00 0.08 ? 81  ILE A CB    1 
ATOM   602  C CG1   . ILE A 1 81  ? -0.174  1.110   -8.356  1.00 0.12 ? 81  ILE A CG1   1 
ATOM   603  C CG2   . ILE A 1 81  ? 0.831   2.733   -6.714  1.00 0.12 ? 81  ILE A CG2   1 
ATOM   604  C CD1   . ILE A 1 81  ? -1.597  1.293   -7.975  1.00 0.26 ? 81  ILE A CD1   1 
ATOM   605  N N     . THR A 1 82  ? 2.105   -1.554  -7.118  1.00 0.10 ? 82  THR A N     1 
ATOM   606  C CA    . THR A 1 82  ? 1.900   -2.988  -7.317  1.00 0.08 ? 82  THR A CA    1 
ATOM   607  C C     . THR A 1 82  ? 0.631   -3.413  -6.529  1.00 0.09 ? 82  THR A C     1 
ATOM   608  O O     . THR A 1 82  ? 0.667   -3.286  -5.296  1.00 0.09 ? 82  THR A O     1 
ATOM   609  C CB    . THR A 1 82  ? 3.038   -3.897  -7.062  1.00 0.09 ? 82  THR A CB    1 
ATOM   610  O OG1   . THR A 1 82  ? 4.215   -3.475  -7.762  1.00 0.08 ? 82  THR A OG1   1 
ATOM   611  C CG2   . THR A 1 82  ? 2.763   -5.305  -7.419  1.00 0.10 ? 82  THR A CG2   1 
ATOM   612  N N     . ASP A 1 83  ? -0.388  -3.875  -7.182  1.00 0.09 ? 83  ASP A N     1 
ATOM   613  C CA    . ASP A 1 83  ? -1.573  -4.428  -6.466  1.00 0.08 ? 83  ASP A CA    1 
ATOM   614  C C     . ASP A 1 83  ? -1.422  -5.904  -6.279  1.00 0.09 ? 83  ASP A C     1 
ATOM   615  O O     . ASP A 1 83  ? -0.959  -6.572  -7.191  1.00 0.14 ? 83  ASP A O     1 
ATOM   616  C CB    . ASP A 1 83  ? -2.691  -4.036  -7.386  1.00 0.14 ? 83  ASP A CB    1 
ATOM   617  C CG    . ASP A 1 83  ? -4.049  -4.474  -6.901  1.00 0.21 ? 83  ASP A CG    1 
ATOM   618  O OD1   . ASP A 1 83  ? -4.183  -5.707  -7.003  1.00 0.24 ? 83  ASP A OD1   1 
ATOM   619  O OD2   . ASP A 1 83  ? -4.859  -3.672  -6.481  1.00 0.29 ? 83  ASP A OD2   1 
ATOM   620  N N     . CYS A 1 84  ? -1.536  -6.404  -5.104  1.00 0.07 ? 84  CYS A N     1 
ATOM   621  C CA    . CYS A 1 84  ? -1.365  -7.828  -4.818  1.00 0.07 ? 84  CYS A CA    1 
ATOM   622  C C     . CYS A 1 84  ? -2.737  -8.305  -4.310  1.00 0.16 ? 84  CYS A C     1 
ATOM   623  O O     . CYS A 1 84  ? -3.273  -7.766  -3.354  1.00 0.12 ? 84  CYS A O     1 
ATOM   624  C CB    . CYS A 1 84  ? -0.432  -7.994  -3.611  1.00 0.11 ? 84  CYS A CB    1 
ATOM   625  S SG    . CYS A 1 84  ? 1.246   -7.442  -3.932  1.00 0.11 ? 84  CYS A SG    1 
ATOM   626  N N     . ARG A 1 85  ? -3.272  -9.256  -5.032  1.00 0.11 ? 85  ARG A N     1 
ATOM   627  C CA    . ARG A 1 85  ? -4.585  -9.853  -4.673  1.00 0.18 ? 85  ARG A CA    1 
ATOM   628  C C     . ARG A 1 85  ? -4.629  -11.358 -4.600  1.00 0.10 ? 85  ARG A C     1 
ATOM   629  O O     . ARG A 1 85  ? -3.939  -11.970 -5.418  1.00 0.13 ? 85  ARG A O     1 
ATOM   630  C CB    . ARG A 1 85  ? -5.809  -9.117  -5.109  1.00 0.20 ? 85  ARG A CB    1 
ATOM   631  C CG    . ARG A 1 85  ? -6.106  -9.452  -6.523  1.00 0.24 ? 85  ARG A CG    1 
ATOM   632  C CD    . ARG A 1 85  ? -6.702  -8.299  -7.349  1.00 0.40 ? 85  ARG A CD    1 
ATOM   633  N NE    . ARG A 1 85  ? -7.072  -7.211  -6.494  1.00 0.32 ? 85  ARG A NE    1 
ATOM   634  C CZ    . ARG A 1 85  ? -7.632  -6.020  -6.712  1.00 0.34 ? 85  ARG A CZ    1 
ATOM   635  N NH1   . ARG A 1 85  ? -7.663  -5.331  -7.853  1.00 0.73 ? 85  ARG A NH1   1 
ATOM   636  N NH2   . ARG A 1 85  ? -8.226  -5.444  -5.675  1.00 0.56 ? 85  ARG A NH2   1 
ATOM   637  N N     . GLU A 1 86  ? -5.259  -11.927 -3.548  1.00 0.09 ? 86  GLU A N     1 
ATOM   638  C CA    . GLU A 1 86  ? -5.144  -13.373 -3.352  1.00 0.06 ? 86  GLU A CA    1 
ATOM   639  C C     . GLU A 1 86  ? -5.812  -14.150 -4.534  1.00 0.13 ? 86  GLU A C     1 
ATOM   640  O O     . GLU A 1 86  ? -6.793  -13.656 -5.055  1.00 0.18 ? 86  GLU A O     1 
ATOM   641  C CB    . GLU A 1 86  ? -5.943  -13.647 -2.054  1.00 0.16 ? 86  GLU A CB    1 
ATOM   642  C CG    . GLU A 1 86  ? -5.593  -14.863 -1.326  1.00 0.19 ? 86  GLU A CG    1 
ATOM   643  C CD    . GLU A 1 86  ? -6.347  -15.105 -0.017  1.00 0.09 ? 86  GLU A CD    1 
ATOM   644  O OE1   . GLU A 1 86  ? -7.320  -14.389 0.263   1.00 0.17 ? 86  GLU A OE1   1 
ATOM   645  O OE2   . GLU A 1 86  ? -5.830  -15.999 0.559   1.00 0.15 ? 86  GLU A OE2   1 
ATOM   646  N N     . THR A 1 87  ? -5.181  -15.277 -4.875  1.00 0.12 ? 87  THR A N     1 
ATOM   647  C CA    . THR A 1 87  ? -5.670  -16.150 -5.959  1.00 0.21 ? 87  THR A CA    1 
ATOM   648  C C     . THR A 1 87  ? -6.498  -17.296 -5.410  1.00 0.14 ? 87  THR A C     1 
ATOM   649  O O     . THR A 1 87  ? -6.451  -17.562 -4.229  1.00 0.14 ? 87  THR A O     1 
ATOM   650  C CB    . THR A 1 87  ? -4.620  -16.714 -6.905  1.00 0.15 ? 87  THR A CB    1 
ATOM   651  O OG1   . THR A 1 87  ? -3.827  -17.654 -6.230  1.00 0.21 ? 87  THR A OG1   1 
ATOM   652  C CG2   . THR A 1 87  ? -3.787  -15.626 -7.468  1.00 0.22 ? 87  THR A CG2   1 
ATOM   653  N N     . GLY A 1 88  ? -7.268  -17.871 -6.349  1.00 0.19 ? 88  GLY A N     1 
ATOM   654  C CA    . GLY A 1 88  ? -8.102  -19.032 -5.963  1.00 0.13 ? 88  GLY A CA    1 
ATOM   655  C C     . GLY A 1 88  ? -7.268  -20.161 -5.438  1.00 0.13 ? 88  GLY A C     1 
ATOM   656  O O     . GLY A 1 88  ? -7.845  -20.977 -4.694  1.00 0.26 ? 88  GLY A O     1 
ATOM   657  N N     . SER A 1 89  ? -5.958  -20.351 -5.591  1.00 0.09 ? 89  SER A N     1 
ATOM   658  C CA    . SER A 1 89  ? -5.171  -21.380 -5.003  1.00 0.13 ? 89  SER A CA    1 
ATOM   659  C C     . SER A 1 89  ? -4.576  -21.119 -3.604  1.00 0.17 ? 89  SER A C     1 
ATOM   660  O O     . SER A 1 89  ? -3.803  -21.893 -2.991  1.00 0.25 ? 89  SER A O     1 
ATOM   661  C CB    . SER A 1 89  ? -4.122  -21.943 -5.964  1.00 0.19 ? 89  SER A CB    1 
ATOM   662  O OG    . SER A 1 89  ? -4.057  -21.387 -7.289  1.00 0.52 ? 89  SER A OG    1 
ATOM   663  N N     . SER A 1 90  ? -4.887  -19.905 -3.150  1.00 0.18 ? 90  SER A N     1 
ATOM   664  C CA    . SER A 1 90  ? -4.445  -19.320 -1.875  1.00 0.17 ? 90  SER A CA    1 
ATOM   665  C C     . SER A 1 90  ? -5.083  -20.128 -0.713  1.00 0.15 ? 90  SER A C     1 
ATOM   666  O O     . SER A 1 90  ? -6.282  -20.056 -0.669  1.00 0.26 ? 90  SER A O     1 
ATOM   667  C CB    . SER A 1 90  ? -4.742  -17.836 -1.776  1.00 0.12 ? 90  SER A CB    1 
ATOM   668  O OG    . SER A 1 90  ? -3.990  -17.346 -0.665  1.00 0.14 ? 90  SER A OG    1 
ATOM   669  N N     . LYS A 1 91  ? -4.200  -20.728 0.073   1.00 0.15 ? 91  LYS A N     1 
ATOM   670  C CA    . LYS A 1 91  ? -4.730  -21.409 1.299   1.00 0.18 ? 91  LYS A CA    1 
ATOM   671  C C     . LYS A 1 91  ? -3.713  -21.327 2.425   1.00 0.16 ? 91  LYS A C     1 
ATOM   672  O O     . LYS A 1 91  ? -2.593  -21.856 2.348   1.00 0.17 ? 91  LYS A O     1 
ATOM   673  C CB    . LYS A 1 91  ? -4.936  -22.900 0.928   1.00 0.22 ? 91  LYS A CB    1 
ATOM   674  C CG    . LYS A 1 91  ? -5.645  -23.727 2.004   1.00 0.60 ? 91  LYS A CG    1 
ATOM   675  C CD    . LYS A 1 91  ? -5.714  -25.225 1.718   1.00 0.70 ? 91  LYS A CD    1 
ATOM   676  C CE    . LYS A 1 91  ? -4.404  -25.994 1.665   1.00 0.70 ? 91  LYS A CE    1 
ATOM   677  N NZ    . LYS A 1 91  ? -3.631  -25.944 0.396   1.00 0.80 ? 91  LYS A NZ    1 
ATOM   678  N N     . TYR A 1 92  ? -4.142  -20.681 3.516   1.00 0.15 ? 92  TYR A N     1 
ATOM   679  C CA    . TYR A 1 92  ? -3.305  -20.359 4.707   1.00 0.16 ? 92  TYR A CA    1 
ATOM   680  C C     . TYR A 1 92  ? -2.498  -21.579 5.180   1.00 0.18 ? 92  TYR A C     1 
ATOM   681  O O     . TYR A 1 92  ? -3.250  -22.583 5.277   1.00 0.21 ? 92  TYR A O     1 
ATOM   682  C CB    . TYR A 1 92  ? -4.172  -19.695 5.783   1.00 0.12 ? 92  TYR A CB    1 
ATOM   683  C CG    . TYR A 1 92  ? -3.232  -19.302 6.927   1.00 0.12 ? 92  TYR A CG    1 
ATOM   684  C CD1   . TYR A 1 92  ? -2.553  -18.092 6.938   1.00 0.11 ? 92  TYR A CD1   1 
ATOM   685  C CD2   . TYR A 1 92  ? -3.058  -20.238 7.934   1.00 0.16 ? 92  TYR A CD2   1 
ATOM   686  C CE1   . TYR A 1 92  ? -1.693  -17.773 7.954   1.00 0.10 ? 92  TYR A CE1   1 
ATOM   687  C CE2   . TYR A 1 92  ? -2.212  -19.962 8.967   1.00 0.15 ? 92  TYR A CE2   1 
ATOM   688  C CZ    . TYR A 1 92  ? -1.558  -18.719 8.960   1.00 0.17 ? 92  TYR A CZ    1 
ATOM   689  O OH    . TYR A 1 92  ? -0.758  -18.562 10.054  1.00 0.19 ? 92  TYR A OH    1 
ATOM   690  N N     . PRO A 1 93  ? -1.185  -21.735 5.459   1.00 0.21 ? 93  PRO A N     1 
ATOM   691  C CA    . PRO A 1 93  ? -0.231  -20.644 5.509   1.00 0.17 ? 93  PRO A CA    1 
ATOM   692  C C     . PRO A 1 93  ? 0.435   -20.324 4.192   1.00 0.15 ? 93  PRO A C     1 
ATOM   693  O O     . PRO A 1 93  ? 1.265   -19.426 4.101   1.00 0.23 ? 93  PRO A O     1 
ATOM   694  C CB    . PRO A 1 93  ? 0.797   -21.012 6.588   1.00 0.21 ? 93  PRO A CB    1 
ATOM   695  C CG    . PRO A 1 93  ? 0.807   -22.523 6.598   1.00 0.29 ? 93  PRO A CG    1 
ATOM   696  C CD    . PRO A 1 93  ? -0.580  -22.935 6.126   1.00 0.21 ? 93  PRO A CD    1 
ATOM   697  N N     . ASN A 1 94  ? -0.018  -21.012 3.126   1.00 0.20 ? 94  ASN A N     1 
ATOM   698  C CA    . ASN A 1 94  ? 0.595   -20.819 1.768   1.00 0.24 ? 94  ASN A CA    1 
ATOM   699  C C     . ASN A 1 94  ? -0.280  -19.878 0.946   1.00 0.15 ? 94  ASN A C     1 
ATOM   700  O O     . ASN A 1 94  ? -1.064  -20.259 0.120   1.00 0.20 ? 94  ASN A O     1 
ATOM   701  C CB    . ASN A 1 94  ? 0.823   -22.167 1.068   1.00 0.20 ? 94  ASN A CB    1 
ATOM   702  C CG    . ASN A 1 94  ? 1.899   -23.014 1.818   1.00 0.30 ? 94  ASN A CG    1 
ATOM   703  O OD1   . ASN A 1 94  ? 3.051   -22.386 2.080   1.00 0.61 ? 94  ASN A OD1   1 
ATOM   704  N ND2   . ASN A 1 94  ? 1.703   -24.280 2.181   1.00 0.47 ? 94  ASN A ND2   1 
ATOM   705  N N     . CYS A 1 95  ? -0.229  -18.570 1.295   1.00 0.16 ? 95  CYS A N     1 
ATOM   706  C CA    . CYS A 1 95  ? -1.055  -17.494 0.789   1.00 0.10 ? 95  CYS A CA    1 
ATOM   707  C C     . CYS A 1 95  ? -0.495  -17.375 -0.611  1.00 0.16 ? 95  CYS A C     1 
ATOM   708  O O     . CYS A 1 95  ? 0.724   -17.523 -0.697  1.00 0.21 ? 95  CYS A O     1 
ATOM   709  C CB    . CYS A 1 95  ? -0.840  -16.259 1.662   1.00 0.08 ? 95  CYS A CB    1 
ATOM   710  S SG    . CYS A 1 95  ? -1.487  -16.533 3.313   1.00 0.13 ? 95  CYS A SG    1 
ATOM   711  N N     . ALA A 1 96  ? -1.287  -17.113 -1.575  1.00 0.11 ? 96  ALA A N     1 
ATOM   712  C CA    . ALA A 1 96  ? -0.750  -16.865 -2.919  1.00 0.12 ? 96  ALA A CA    1 
ATOM   713  C C     . ALA A 1 96  ? -1.400  -15.691 -3.591  1.00 0.10 ? 96  ALA A C     1 
ATOM   714  O O     . ALA A 1 96  ? -2.601  -15.571 -3.328  1.00 0.14 ? 96  ALA A O     1 
ATOM   715  C CB    . ALA A 1 96  ? -1.049  -18.157 -3.700  1.00 0.19 ? 96  ALA A CB    1 
ATOM   716  N N     . TYR A 1 97  ? -0.741  -14.871 -4.357  1.00 0.09 ? 97  TYR A N     1 
ATOM   717  C CA    . TYR A 1 97  ? -1.148  -13.559 -4.885  1.00 0.11 ? 97  TYR A CA    1 
ATOM   718  C C     . TYR A 1 97  ? -0.856  -13.481 -6.366  1.00 0.08 ? 97  TYR A C     1 
ATOM   719  O O     . TYR A 1 97  ? 0.132   -14.022 -6.831  1.00 0.13 ? 97  TYR A O     1 
ATOM   720  C CB    . TYR A 1 97  ? -0.454  -12.347 -4.158  1.00 0.12 ? 97  TYR A CB    1 
ATOM   721  C CG    . TYR A 1 97  ? -0.836  -12.423 -2.610  1.00 0.06 ? 97  TYR A CG    1 
ATOM   722  C CD1   . TYR A 1 97  ? -0.133  -13.156 -1.677  1.00 0.06 ? 97  TYR A CD1   1 
ATOM   723  C CD2   . TYR A 1 97  ? -1.974  -11.736 -2.239  1.00 0.07 ? 97  TYR A CD2   1 
ATOM   724  C CE1   . TYR A 1 97  ? -0.490  -13.241 -0.325  1.00 0.08 ? 97  TYR A CE1   1 
ATOM   725  C CE2   . TYR A 1 97  ? -2.356  -11.799 -0.896  1.00 0.10 ? 97  TYR A CE2   1 
ATOM   726  C CZ    . TYR A 1 97  ? -1.648  -12.530 0.046   1.00 0.07 ? 97  TYR A CZ    1 
ATOM   727  O OH    . TYR A 1 97  ? -2.049  -12.553 1.337   1.00 0.10 ? 97  TYR A OH    1 
ATOM   728  N N     . LYS A 1 98  ? -1.723  -12.792 -6.999  1.00 0.10 ? 98  LYS A N     1 
ATOM   729  C CA    . LYS A 1 98  ? -1.497  -12.266 -8.337  1.00 0.08 ? 98  LYS A CA    1 
ATOM   730  C C     . LYS A 1 98  ? -0.908  -10.821 -8.167  1.00 0.12 ? 98  LYS A C     1 
ATOM   731  O O     . LYS A 1 98  ? -1.403  -9.990  -7.402  1.00 0.11 ? 98  LYS A O     1 
ATOM   732  C CB    . LYS A 1 98  ? -2.848  -12.151 -8.978  1.00 0.17 ? 98  LYS A CB    1 
ATOM   733  C CG    . LYS A 1 98  ? -2.694  -11.496 -10.321 1.00 0.22 ? 98  LYS A CG    1 
ATOM   734  C CD    . LYS A 1 98  ? -3.186  -12.362 -11.448 1.00 0.62 ? 98  LYS A CD    1 
ATOM   735  C CE    . LYS A 1 98  ? -3.850  -11.392 -12.455 1.00 0.77 ? 98  LYS A CE    1 
ATOM   736  N NZ    . LYS A 1 98  ? -2.862  -10.388 -12.930 1.00 0.70 ? 98  LYS A NZ    1 
ATOM   737  N N     . THR A 1 99  ? 0.128   -10.571 -8.961  1.00 0.13 ? 99  THR A N     1 
ATOM   738  C CA    . THR A 1 99  ? 0.911   -9.313  -9.081  1.00 0.12 ? 99  THR A CA    1 
ATOM   739  C C     . THR A 1 99  ? 0.417   -8.504  -10.199 1.00 0.11 ? 99  THR A C     1 
ATOM   740  O O     . THR A 1 99  ? 0.480   -8.971  -11.356 1.00 0.14 ? 99  THR A O     1 
ATOM   741  C CB    . THR A 1 99  ? 2.374   -9.649  -9.231  1.00 0.10 ? 99  THR A CB    1 
ATOM   742  O OG1   . THR A 1 99  ? 2.805   -10.382 -8.102  1.00 0.09 ? 99  THR A OG1   1 
ATOM   743  C CG2   . THR A 1 99  ? 3.187   -8.371  -9.330  1.00 0.15 ? 99  THR A CG2   1 
ATOM   744  N N     . THR A 1 100 ? -0.040  -7.304  -10.019 1.00 0.09 ? 100 THR A N     1 
ATOM   745  C CA    . THR A 1 100 ? -0.378  -6.358  -11.102 1.00 0.14 ? 100 THR A CA    1 
ATOM   746  C C     . THR A 1 100 ? 0.358   -5.022  -10.859 1.00 0.12 ? 100 THR A C     1 
ATOM   747  O O     . THR A 1 100 ? 0.121   -4.330  -9.905  1.00 0.15 ? 100 THR A O     1 
ATOM   748  C CB    . THR A 1 100 ? -1.868  -6.052  -11.144 1.00 0.20 ? 100 THR A CB    1 
ATOM   749  O OG1   . THR A 1 100 ? -2.613  -7.282  -11.168 1.00 0.20 ? 100 THR A OG1   1 
ATOM   750  C CG2   . THR A 1 100 ? -2.251  -5.226  -12.332 1.00 0.17 ? 100 THR A CG2   1 
ATOM   751  N N     . GLN A 1 101 ? 1.221   -4.653  -11.754 1.00 0.16 ? 101 GLN A N     1 
ATOM   752  C CA    . GLN A 1 101 ? 1.972   -3.406  -11.827 1.00 0.13 ? 101 GLN A CA    1 
ATOM   753  C C     . GLN A 1 101 ? 1.184   -2.353  -12.561 1.00 0.18 ? 101 GLN A C     1 
ATOM   754  O O     . GLN A 1 101 ? 0.644   -2.589  -13.708 1.00 0.23 ? 101 GLN A O     1 
ATOM   755  C CB    . GLN A 1 101 ? 3.349   -3.776  -12.430 1.00 0.19 ? 101 GLN A CB    1 
ATOM   756  C CG    . GLN A 1 101 ? 4.252   -2.556  -12.680 1.00 0.21 ? 101 GLN A CG    1 
ATOM   757  C CD    . GLN A 1 101 ? 4.535   -1.733  -11.382 1.00 0.23 ? 101 GLN A CD    1 
ATOM   758  O OE1   . GLN A 1 101 ? 4.505   -0.371  -11.457 1.00 0.17 ? 101 GLN A OE1   1 
ATOM   759  N NE2   . GLN A 1 101 ? 4.789   -2.489  -10.317 1.00 0.10 ? 101 GLN A NE2   1 
ATOM   760  N N     . ALA A 1 102 ? 1.000   -1.126  -12.079 1.00 0.13 ? 102 ALA A N     1 
ATOM   761  C CA    . ALA A 1 102 ? 0.260   -0.069  -12.744 1.00 0.11 ? 102 ALA A CA    1 
ATOM   762  C C     . ALA A 1 102 ? 0.832   1.299   -12.342 1.00 0.12 ? 102 ALA A C     1 
ATOM   763  O O     . ALA A 1 102 ? 1.638   1.443   -11.448 1.00 0.15 ? 102 ALA A O     1 
ATOM   764  C CB    . ALA A 1 102 ? -1.142  -0.148  -12.199 1.00 0.15 ? 102 ALA A CB    1 
ATOM   765  N N     . ASN A 1 103 ? 0.520   2.391   -12.956 1.00 0.17 ? 103 ASN A N     1 
ATOM   766  C CA    . ASN A 1 103 ? 0.712   3.794   -12.645 1.00 0.12 ? 103 ASN A CA    1 
ATOM   767  C C     . ASN A 1 103 ? -0.622  4.483   -12.419 1.00 0.18 ? 103 ASN A C     1 
ATOM   768  O O     . ASN A 1 103 ? -1.358  4.628   -13.394 1.00 0.18 ? 103 ASN A O     1 
ATOM   769  C CB    . ASN A 1 103 ? 1.465   4.471   -13.789 1.00 0.18 ? 103 ASN A CB    1 
ATOM   770  C CG    . ASN A 1 103 ? 2.937   4.029   -13.663 1.00 0.27 ? 103 ASN A CG    1 
ATOM   771  O OD1   . ASN A 1 103 ? 3.245   2.800   -14.038 1.00 0.80 ? 103 ASN A OD1   1 
ATOM   772  N ND2   . ASN A 1 103 ? 3.886   4.822   -13.183 1.00 0.66 ? 103 ASN A ND2   1 
ATOM   773  N N     . LYS A 1 104 ? -0.868  4.803   -11.115 1.00 0.13 ? 104 LYS A N     1 
ATOM   774  C CA    . LYS A 1 104 ? -2.181  5.241   -10.636 1.00 0.13 ? 104 LYS A CA    1 
ATOM   775  C C     . LYS A 1 104 ? -1.968  6.359   -9.636  1.00 0.08 ? 104 LYS A C     1 
ATOM   776  O O     . LYS A 1 104 ? -0.887  6.390   -9.037  1.00 0.13 ? 104 LYS A O     1 
ATOM   777  C CB    . LYS A 1 104 ? -3.035  4.094   -10.139 1.00 0.17 ? 104 LYS A CB    1 
ATOM   778  C CG    . LYS A 1 104 ? -3.557  3.261   -11.344 1.00 0.22 ? 104 LYS A CG    1 
ATOM   779  C CD    . LYS A 1 104 ? -4.272  2.026   -10.889 1.00 0.35 ? 104 LYS A CD    1 
ATOM   780  C CE    . LYS A 1 104 ? -5.587  1.740   -11.588 1.00 0.49 ? 104 LYS A CE    1 
ATOM   781  N NZ    . LYS A 1 104 ? -5.439  1.953   -13.047 1.00 0.50 ? 104 LYS A NZ    1 
ATOM   782  N N     . HIS A 1 105 ? -2.974  7.177   -9.489  1.00 0.11 ? 105 HIS A N     1 
ATOM   783  C CA    . HIS A 1 105 ? -2.962  8.092   -8.304  1.00 0.12 ? 105 HIS A CA    1 
ATOM   784  C C     . HIS A 1 105 ? -3.280  7.296   -7.021  1.00 0.19 ? 105 HIS A C     1 
ATOM   785  O O     . HIS A 1 105 ? -3.973  6.285   -7.129  1.00 0.17 ? 105 HIS A O     1 
ATOM   786  C CB    . HIS A 1 105 ? -4.046  9.156   -8.390  1.00 0.11 ? 105 HIS A CB    1 
ATOM   787  C CG    . HIS A 1 105 ? -4.003  9.903   -9.688  1.00 0.12 ? 105 HIS A CG    1 
ATOM   788  N ND1   . HIS A 1 105 ? -3.344  11.112  -9.790  1.00 0.24 ? 105 HIS A ND1   1 
ATOM   789  C CD2   . HIS A 1 105 ? -4.470  9.654   -10.969 1.00 0.22 ? 105 HIS A CD2   1 
ATOM   790  C CE1   . HIS A 1 105 ? -3.443  11.567  -11.138 1.00 0.28 ? 105 HIS A CE1   1 
ATOM   791  N NE2   . HIS A 1 105 ? -4.162  10.665  -11.897 1.00 0.42 ? 105 HIS A NE2   1 
ATOM   792  N N     . ILE A 1 106 ? -2.769  7.664   -5.860  1.00 0.12 ? 106 ILE A N     1 
ATOM   793  C CA    . ILE A 1 106 ? -3.014  6.930   -4.610  1.00 0.08 ? 106 ILE A CA    1 
ATOM   794  C C     . ILE A 1 106 ? -3.921  7.793   -3.755  1.00 0.12 ? 106 ILE A C     1 
ATOM   795  O O     . ILE A 1 106 ? -3.883  9.026   -3.836  1.00 0.11 ? 106 ILE A O     1 
ATOM   796  C CB    . ILE A 1 106 ? -1.763  6.416   -3.976  1.00 0.11 ? 106 ILE A CB    1 
ATOM   797  C CG1   . ILE A 1 106 ? -0.873  7.469   -3.393  1.00 0.11 ? 106 ILE A CG1   1 
ATOM   798  C CG2   . ILE A 1 106 ? -1.051  5.439   -4.885  1.00 0.11 ? 106 ILE A CG2   1 
ATOM   799  C CD1   . ILE A 1 106 ? 0.101   7.096   -2.313  1.00 0.10 ? 106 ILE A CD1   1 
ATOM   800  N N     . ILE A 1 107 ? -4.739  7.194   -2.936  1.00 0.09 ? 107 ILE A N     1 
ATOM   801  C CA    . ILE A 1 107 ? -5.578  7.797   -1.949  1.00 0.11 ? 107 ILE A CA    1 
ATOM   802  C C     . ILE A 1 107 ? -5.189  7.168   -0.633  1.00 0.09 ? 107 ILE A C     1 
ATOM   803  O O     . ILE A 1 107 ? -5.150  5.986   -0.365  1.00 0.08 ? 107 ILE A O     1 
ATOM   804  C CB    . ILE A 1 107 ? -7.055  7.764   -2.184  1.00 0.06 ? 107 ILE A CB    1 
ATOM   805  C CG1   . ILE A 1 107 ? -7.444  8.411   -3.519  1.00 0.13 ? 107 ILE A CG1   1 
ATOM   806  C CG2   . ILE A 1 107 ? -7.842  8.387   -1.091  1.00 0.10 ? 107 ILE A CG2   1 
ATOM   807  C CD1   . ILE A 1 107 ? -8.910  8.220   -3.773  1.00 0.16 ? 107 ILE A CD1   1 
ATOM   808  N N     . VAL A 1 108 ? -4.697  8.033   0.279   1.00 0.11 ? 108 VAL A N     1 
ATOM   809  C CA    . VAL A 1 108 ? -4.255  7.599   1.659   1.00 0.09 ? 108 VAL A CA    1 
ATOM   810  C C     . VAL A 1 108 ? -5.043  8.392   2.699   1.00 0.13 ? 108 VAL A C     1 
ATOM   811  O O     . VAL A 1 108 ? -5.507  9.499   2.477   1.00 0.12 ? 108 VAL A O     1 
ATOM   812  C CB    . VAL A 1 108 ? -2.722  7.690   1.834   1.00 0.09 ? 108 VAL A CB    1 
ATOM   813  C CG1   . VAL A 1 108 ? -1.925  6.749   0.942   1.00 0.07 ? 108 VAL A CG1   1 
ATOM   814  C CG2   . VAL A 1 108 ? -2.163  9.145   1.743   1.00 0.11 ? 108 VAL A CG2   1 
ATOM   815  N N     . ALA A 1 109 ? -5.144  7.816   3.885   1.00 0.06 ? 109 ALA A N     1 
ATOM   816  C CA    . ALA A 1 109 ? -5.685  8.580   5.040   1.00 0.06 ? 109 ALA A CA    1 
ATOM   817  C C     . ALA A 1 109 ? -4.461  9.004   5.857   1.00 0.08 ? 109 ALA A C     1 
ATOM   818  O O     . ALA A 1 109 ? -3.487  8.289   6.080   1.00 0.08 ? 109 ALA A O     1 
ATOM   819  C CB    . ALA A 1 109 ? -6.454  7.631   5.995   1.00 0.09 ? 109 ALA A CB    1 
ATOM   820  N N     . CYS A 1 110 ? -4.504  10.235  6.379   1.00 0.10 ? 110 CYS A N     1 
ATOM   821  C CA    . CYS A 1 110 ? -3.391  10.765  7.188   1.00 0.07 ? 110 CYS A CA    1 
ATOM   822  C C     . CYS A 1 110 ? -3.861  11.107  8.547   1.00 0.11 ? 110 CYS A C     1 
ATOM   823  O O     . CYS A 1 110 ? -4.967  11.526  8.782   1.00 0.13 ? 110 CYS A O     1 
ATOM   824  C CB    . CYS A 1 110 ? -2.791  12.017  6.526   1.00 0.13 ? 110 CYS A CB    1 
ATOM   825  S SG    . CYS A 1 110 ? -2.290  11.771  4.819   1.00 0.14 ? 110 CYS A SG    1 
ATOM   826  N N     . GLU A 1 111 ? -2.962  11.012  9.483   1.00 0.13 ? 111 GLU A N     1 
ATOM   827  C CA    . GLU A 1 111 ? -3.160  11.416  10.880  1.00 0.16 ? 111 GLU A CA    1 
ATOM   828  C C     . GLU A 1 111 ? -1.815  11.822  11.526  1.00 0.25 ? 111 GLU A C     1 
ATOM   829  O O     . GLU A 1 111 ? -0.751  11.326  11.149  1.00 0.16 ? 111 GLU A O     1 
ATOM   830  C CB    . GLU A 1 111 ? -3.623  10.227  11.727  1.00 0.17 ? 111 GLU A CB    1 
ATOM   831  C CG    . GLU A 1 111 ? -5.111  10.012  11.823  1.00 0.42 ? 111 GLU A CG    1 
ATOM   832  C CD    . GLU A 1 111 ? -5.436  8.607   12.344  1.00 0.45 ? 111 GLU A CD    1 
ATOM   833  O OE1   . GLU A 1 111 ? -4.649  8.177   13.216  1.00 0.53 ? 111 GLU A OE1   1 
ATOM   834  O OE2   . GLU A 1 111 ? -6.442  7.992   11.889  1.00 0.49 ? 111 GLU A OE2   1 
ATOM   835  N N     . GLY A 1 112 ? -1.899  12.645  12.616  1.00 0.27 ? 112 GLY A N     1 
ATOM   836  C CA    . GLY A 1 112 ? -0.755  12.722  13.621  1.00 0.24 ? 112 GLY A CA    1 
ATOM   837  C C     . GLY A 1 112 ? -0.079  14.107  13.483  1.00 0.14 ? 112 GLY A C     1 
ATOM   838  O O     . GLY A 1 112 ? -0.519  14.944  12.652  1.00 0.15 ? 112 GLY A O     1 
ATOM   839  N N     . ASN A 1 113 ? 0.990   14.339  14.287  1.00 0.30 ? 113 ASN A N     1 
ATOM   840  C CA    . ASN A 1 113 ? 2.127   15.257  14.294  1.00 0.31 ? 113 ASN A CA    1 
ATOM   841  C C     . ASN A 1 113 ? 3.502   14.574  14.395  1.00 0.31 ? 113 ASN A C     1 
ATOM   842  O O     . ASN A 1 113 ? 3.765   14.130  15.553  1.00 0.51 ? 113 ASN A O     1 
ATOM   843  C CB    . ASN A 1 113 ? 2.229   16.575  15.046  1.00 0.45 ? 113 ASN A CB    1 
ATOM   844  C CG    . ASN A 1 113 ? 1.062   17.516  14.735  1.00 0.72 ? 113 ASN A CG    1 
ATOM   845  O OD1   . ASN A 1 113 ? 0.432   17.950  15.863  1.00 0.80 ? 113 ASN A OD1   1 
ATOM   846  N ND2   . ASN A 1 113 ? 0.620   17.939  13.538  1.00 0.74 ? 113 ASN A ND2   1 
ATOM   847  N N     . PRO A 1 114 ? 4.244   14.537  13.263  1.00 0.26 ? 114 PRO A N     1 
ATOM   848  C CA    . PRO A 1 114 ? 4.001   15.173  11.945  1.00 0.18 ? 114 PRO A CA    1 
ATOM   849  C C     . PRO A 1 114 ? 2.763   14.575  11.167  1.00 0.18 ? 114 PRO A C     1 
ATOM   850  O O     . PRO A 1 114 ? 2.404   13.444  11.554  1.00 0.17 ? 114 PRO A O     1 
ATOM   851  C CB    . PRO A 1 114 ? 5.250   14.654  11.202  1.00 0.19 ? 114 PRO A CB    1 
ATOM   852  C CG    . PRO A 1 114 ? 6.286   14.178  12.176  1.00 0.27 ? 114 PRO A CG    1 
ATOM   853  C CD    . PRO A 1 114 ? 5.515   13.804  13.415  1.00 0.42 ? 114 PRO A CD    1 
ATOM   854  N N     . TYR A 1 115 ? 2.079   15.072  10.180  1.00 0.17 ? 115 TYR A N     1 
ATOM   855  C CA    . TYR A 1 115 ? 0.805   14.508  9.585   1.00 0.15 ? 115 TYR A CA    1 
ATOM   856  C C     . TYR A 1 115 ? 1.322   13.633  8.390   1.00 0.10 ? 115 TYR A C     1 
ATOM   857  O O     . TYR A 1 115 ? 1.715   14.101  7.360   1.00 0.20 ? 115 TYR A O     1 
ATOM   858  C CB    . TYR A 1 115 ? 0.016   15.632  8.989   1.00 0.16 ? 115 TYR A CB    1 
ATOM   859  C CG    . TYR A 1 115 ? -1.452  15.443  8.631   1.00 0.13 ? 115 TYR A CG    1 
ATOM   860  C CD1   . TYR A 1 115 ? -2.404  14.909  9.521   1.00 0.15 ? 115 TYR A CD1   1 
ATOM   861  C CD2   . TYR A 1 115 ? -1.906  15.868  7.375   1.00 0.13 ? 115 TYR A CD2   1 
ATOM   862  C CE1   . TYR A 1 115 ? -3.735  14.746  9.203   1.00 0.15 ? 115 TYR A CE1   1 
ATOM   863  C CE2   . TYR A 1 115 ? -3.264  15.724  7.055   1.00 0.24 ? 115 TYR A CE2   1 
ATOM   864  C CZ    . TYR A 1 115 ? -4.178  15.163  7.961   1.00 0.16 ? 115 TYR A CZ    1 
ATOM   865  O OH    . TYR A 1 115 ? -5.489  15.000  7.692   1.00 0.21 ? 115 TYR A OH    1 
ATOM   866  N N     . VAL A 1 116 ? 1.160   12.298  8.697   1.00 0.14 ? 116 VAL A N     1 
ATOM   867  C CA    . VAL A 1 116 ? 1.674   11.266  7.743   1.00 0.11 ? 116 VAL A CA    1 
ATOM   868  C C     . VAL A 1 116 ? 0.622   10.215  7.339   1.00 0.10 ? 116 VAL A C     1 
ATOM   869  O O     . VAL A 1 116 ? -0.371  10.040  8.101   1.00 0.09 ? 116 VAL A O     1 
ATOM   870  C CB    . VAL A 1 116 ? 2.845   10.561  8.478   1.00 0.13 ? 116 VAL A CB    1 
ATOM   871  C CG1   . VAL A 1 116 ? 4.026   11.571  8.630   1.00 0.14 ? 116 VAL A CG1   1 
ATOM   872  C CG2   . VAL A 1 116 ? 2.616   9.930   9.815   1.00 0.11 ? 116 VAL A CG2   1 
ATOM   873  N N     . PRO A 1 117 ? 0.842   9.469   6.241   1.00 0.13 ? 117 PRO A N     1 
ATOM   874  C CA    . PRO A 1 117 ? -0.142  8.381   5.882   1.00 0.08 ? 117 PRO A CA    1 
ATOM   875  C C     . PRO A 1 117 ? -0.159  7.266   6.907   1.00 0.12 ? 117 PRO A C     1 
ATOM   876  O O     . PRO A 1 117 ? 0.848   6.706   7.395   1.00 0.12 ? 117 PRO A O     1 
ATOM   877  C CB    . PRO A 1 117 ? 0.496   7.845   4.602   1.00 0.08 ? 117 PRO A CB    1 
ATOM   878  C CG    . PRO A 1 117 ? 1.366   8.933   4.037   1.00 0.12 ? 117 PRO A CG    1 
ATOM   879  C CD    . PRO A 1 117 ? 1.880   9.703   5.234   1.00 0.12 ? 117 PRO A CD    1 
ATOM   880  N N     . VAL A 1 118 ? -1.357  6.826   7.300   1.00 0.10 ? 118 VAL A N     1 
ATOM   881  C CA    . VAL A 1 118 ? -1.574  5.663   8.144   1.00 0.11 ? 118 VAL A CA    1 
ATOM   882  C C     . VAL A 1 118 ? -2.446  4.539   7.533   1.00 0.08 ? 118 VAL A C     1 
ATOM   883  O O     . VAL A 1 118 ? -2.651  3.502   8.179   1.00 0.16 ? 118 VAL A O     1 
ATOM   884  C CB    . VAL A 1 118 ? -2.140  6.135   9.491   1.00 0.10 ? 118 VAL A CB    1 
ATOM   885  C CG1   . VAL A 1 118 ? -1.194  7.050   10.227  1.00 0.10 ? 118 VAL A CG1   1 
ATOM   886  C CG2   . VAL A 1 118 ? -3.482  6.826   9.218   1.00 0.13 ? 118 VAL A CG2   1 
ATOM   887  N N     . HIS A 1 119 ? -2.993  4.725   6.365   1.00 0.09 ? 119 HIS A N     1 
ATOM   888  C CA    . HIS A 1 119 ? -3.923  3.746   5.715   1.00 0.09 ? 119 HIS A CA    1 
ATOM   889  C C     . HIS A 1 119 ? -3.814  4.090   4.232   1.00 0.07 ? 119 HIS A C     1 
ATOM   890  O O     . HIS A 1 119 ? -3.831  5.196   3.784   1.00 0.13 ? 119 HIS A O     1 
ATOM   891  C CB    . HIS A 1 119 ? -5.316  3.959   6.400   1.00 0.11 ? 119 HIS A CB    1 
ATOM   892  C CG    . HIS A 1 119 ? -6.402  3.414   5.522   1.00 0.11 ? 119 HIS A CG    1 
ATOM   893  N ND1   . HIS A 1 119 ? -6.662  2.069   5.291   1.00 0.14 ? 119 HIS A ND1   1 
ATOM   894  C CD2   . HIS A 1 119 ? -7.291  4.150   4.765   1.00 0.14 ? 119 HIS A CD2   1 
ATOM   895  C CE1   . HIS A 1 119 ? -7.725  1.980   4.403   1.00 0.15 ? 119 HIS A CE1   1 
ATOM   896  N NE2   . HIS A 1 119 ? -8.108  3.265   4.075   1.00 0.14 ? 119 HIS A NE2   1 
ATOM   897  N N     . PHE A 1 120 ? -3.734  3.044   3.437   1.00 0.09 ? 120 PHE A N     1 
ATOM   898  C CA    . PHE A 1 120 ? -3.905  2.950   1.985   1.00 0.09 ? 120 PHE A CA    1 
ATOM   899  C C     . PHE A 1 120 ? -5.362  2.757   1.610   1.00 0.10 ? 120 PHE A C     1 
ATOM   900  O O     . PHE A 1 120 ? -5.919  1.680   1.941   1.00 0.10 ? 120 PHE A O     1 
ATOM   901  C CB    . PHE A 1 120 ? -2.980  1.896   1.354   1.00 0.11 ? 120 PHE A CB    1 
ATOM   902  C CG    . PHE A 1 120 ? -2.864  2.169   -0.127  1.00 0.09 ? 120 PHE A CG    1 
ATOM   903  C CD1   . PHE A 1 120 ? -3.908  1.705   -0.983  1.00 0.09 ? 120 PHE A CD1   1 
ATOM   904  C CD2   . PHE A 1 120 ? -1.792  2.881   -0.652  1.00 0.08 ? 120 PHE A CD2   1 
ATOM   905  C CE1   . PHE A 1 120 ? -3.857  1.975   -2.360  1.00 0.11 ? 120 PHE A CE1   1 
ATOM   906  C CE2   . PHE A 1 120 ? -1.775  3.112   -2.038  1.00 0.11 ? 120 PHE A CE2   1 
ATOM   907  C CZ    . PHE A 1 120 ? -2.763  2.702   -2.890  1.00 0.15 ? 120 PHE A CZ    1 
ATOM   908  N N     . ASP A 1 121 ? -6.024  3.704   0.950   1.00 0.09 ? 121 ASP A N     1 
ATOM   909  C CA    . ASP A 1 121 ? -7.450  3.733   0.722   1.00 0.09 ? 121 ASP A CA    1 
ATOM   910  C C     . ASP A 1 121 ? -7.725  3.113   -0.648  1.00 0.15 ? 121 ASP A C     1 
ATOM   911  O O     . ASP A 1 121 ? -8.617  2.267   -0.728  1.00 0.15 ? 121 ASP A O     1 
ATOM   912  C CB    . ASP A 1 121 ? -8.133  5.074   0.885   1.00 0.09 ? 121 ASP A CB    1 
ATOM   913  C CG    . ASP A 1 121 ? -9.650  4.953   1.245   1.00 0.11 ? 121 ASP A CG    1 
ATOM   914  O OD1   . ASP A 1 121 ? -9.871  4.202   2.251   1.00 0.15 ? 121 ASP A OD1   1 
ATOM   915  O OD2   . ASP A 1 121 ? -10.403 5.612   0.535   1.00 0.13 ? 121 ASP A OD2   1 
ATOM   916  N N     . ALA A 1 122 ? -7.081  3.466   -1.748  1.00 0.11 ? 122 ALA A N     1 
ATOM   917  C CA    . ALA A 1 122 ? -7.502  3.084   -3.074  1.00 0.11 ? 122 ALA A CA    1 
ATOM   918  C C     . ALA A 1 122 ? -6.486  3.682   -4.049  1.00 0.12 ? 122 ALA A C     1 
ATOM   919  O O     . ALA A 1 122 ? -5.745  4.600   -3.733  1.00 0.16 ? 122 ALA A O     1 
ATOM   920  C CB    . ALA A 1 122 ? -8.801  3.716   -3.410  1.00 0.12 ? 122 ALA A CB    1 
ATOM   921  N N     . SER A 1 123 ? -6.364  2.997   -5.158  1.00 0.14 ? 123 SER A N     1 
ATOM   922  C CA    . SER A 1 123 ? -5.637  3.589   -6.295  1.00 0.12 ? 123 SER A CA    1 
ATOM   923  C C     . SER A 1 123 ? -6.670  3.883   -7.355  1.00 0.23 ? 123 SER A C     1 
ATOM   924  O O     . SER A 1 123 ? -7.636  3.144   -7.538  1.00 0.25 ? 123 SER A O     1 
ATOM   925  C CB    . SER A 1 123 ? -4.466  2.756   -6.709  1.00 0.13 ? 123 SER A CB    1 
ATOM   926  O OG    . SER A 1 123 ? -4.971  1.558   -7.215  1.00 0.28 ? 123 SER A OG    1 
ATOM   927  N N     . VAL A 1 124 ? -6.571  5.001   -8.045  1.00 0.16 ? 124 VAL A N     1 
ATOM   928  C CA    . VAL A 1 124 ? -7.525  5.547   -9.057  1.00 0.22 ? 124 VAL A CA    1 
ATOM   929  C C     . VAL A 1 124 ? -6.862  6.057   -10.323 1.00 0.37 ? 124 VAL A C     1 
ATOM   930  O O     . VAL A 1 124 ? -5.677  6.431   -10.376 1.00 0.21 ? 124 VAL A O     1 
ATOM   931  C CB    . VAL A 1 124 ? -8.592  6.422   -8.403  1.00 0.31 ? 124 VAL A CB    1 
ATOM   932  C CG1   . VAL A 1 124 ? -9.288  5.844   -7.141  1.00 0.25 ? 124 VAL A CG1   1 
ATOM   933  C CG2   . VAL A 1 124 ? -8.007  7.792   -8.107  1.00 0.27 ? 124 VAL A CG2   1 
ATOM   934  O OXT   . VAL A 1 124 ? -7.454  6.103   -11.498 1.00 0.33 ? 124 VAL A OXT   1 
HETATM 935  S S     . SO4 B 2 .   ? -4.228  -0.839  5.353   0.88 0.11 ? 125 SO4 A S     1 
HETATM 936  O O1    . SO4 B 2 .   ? -4.072  -1.744  4.146   0.88 0.16 ? 125 SO4 A O1    1 
HETATM 937  O O2    . SO4 B 2 .   ? -3.943  -1.418  6.640   0.88 0.14 ? 125 SO4 A O2    1 
HETATM 938  O O3    . SO4 B 2 .   ? -3.448  0.328   5.039   0.88 0.14 ? 125 SO4 A O3    1 
HETATM 939  O O4    . SO4 B 2 .   ? -5.672  -0.429  5.489   0.88 0.17 ? 125 SO4 A O4    1 
HETATM 940  P P     . DGP C 3 .   ? -11.744 -3.596  -6.594  0.51 0.45 ? 126 DGP A P     1 
HETATM 941  O OP1   . DGP C 3 .   ? -10.395 -3.041  -7.081  0.51 0.47 ? 126 DGP A OP1   1 
HETATM 942  O OP2   . DGP C 3 .   ? -13.227 -3.194  -6.399  0.51 0.68 ? 126 DGP A OP2   1 
HETATM 943  O OP3   . DGP C 3 .   ? -11.891 -4.957  -7.463  0.51 0.68 ? 126 DGP A OP3   1 
HETATM 944  O "O5'" . DGP C 3 .   ? -11.504 -4.198  -5.120  0.72 0.76 ? 126 DGP A "O5'" 1 
HETATM 945  C "C5'" . DGP C 3 .   ? -10.675 -3.699  -4.111  0.72 0.56 ? 126 DGP A "C5'" 1 
HETATM 946  C "C4'" . DGP C 3 .   ? -10.535 -2.507  -3.271  0.72 0.45 ? 126 DGP A "C4'" 1 
HETATM 947  O "O4'" . DGP C 3 .   ? -9.567  -2.644  -2.205  0.72 0.26 ? 126 DGP A "O4'" 1 
HETATM 948  C "C3'" . DGP C 3 .   ? -10.435 -1.058  -3.711  0.72 0.36 ? 126 DGP A "C3'" 1 
HETATM 949  O "O3'" . DGP C 3 .   ? -11.448 -0.327  -3.018  0.72 0.39 ? 126 DGP A "O3'" 1 
HETATM 950  C "C2'" . DGP C 3 .   ? -9.206  -0.473  -3.053  0.72 0.24 ? 126 DGP A "C2'" 1 
HETATM 951  C "C1'" . DGP C 3 .   ? -8.889  -1.455  -1.977  0.72 0.14 ? 126 DGP A "C1'" 1 
HETATM 952  N N9    . DGP C 3 .   ? -7.454  -1.622  -1.660  0.94 0.14 ? 126 DGP A N9    1 
HETATM 953  C C8    . DGP C 3 .   ? -6.419  -1.656  -2.592  0.94 0.18 ? 126 DGP A C8    1 
HETATM 954  N N7    . DGP C 3 .   ? -5.281  -1.744  -1.992  0.94 0.14 ? 126 DGP A N7    1 
HETATM 955  C C5    . DGP C 3 .   ? -5.518  -1.735  -0.671  0.94 0.11 ? 126 DGP A C5    1 
HETATM 956  C C6    . DGP C 3 .   ? -4.658  -1.783  0.418   0.94 0.11 ? 126 DGP A C6    1 
HETATM 957  O O6    . DGP C 3 .   ? -3.450  -1.849  0.333   0.94 0.13 ? 126 DGP A O6    1 
HETATM 958  N N1    . DGP C 3 .   ? -5.309  -1.728  1.683   0.94 0.13 ? 126 DGP A N1    1 
HETATM 959  C C2    . DGP C 3 .   ? -6.650  -1.623  1.767   0.94 0.16 ? 126 DGP A C2    1 
HETATM 960  N N2    . DGP C 3 .   ? -7.196  -1.590  2.981   0.94 0.17 ? 126 DGP A N2    1 
HETATM 961  N N3    . DGP C 3 .   ? -7.502  -1.583  0.744   0.94 0.18 ? 126 DGP A N3    1 
HETATM 962  C C4    . DGP C 3 .   ? -6.863  -1.662  -0.442  0.94 0.13 ? 126 DGP A C4    1 
HETATM 963  O O     . HOH D 4 .   ? 2.608   -15.095 0.379   1.00 0.26 ? 127 HOH A O     1 
HETATM 964  O O     . HOH D 4 .   ? 9.557   8.949   -5.765  1.00 0.17 ? 128 HOH A O     1 
HETATM 965  O O     . HOH D 4 .   ? 11.527  3.441   -6.306  1.00 0.27 ? 129 HOH A O     1 
HETATM 966  O O     . HOH D 4 .   ? 12.505  9.946   1.448   1.00 0.26 ? 130 HOH A O     1 
HETATM 967  O O     . HOH D 4 .   ? 4.033   13.516  -3.902  1.00 0.21 ? 131 HOH A O     1 
HETATM 968  O O     . HOH D 4 .   ? 3.834   6.563   7.322   1.00 0.18 ? 132 HOH A O     1 
HETATM 969  O O     . HOH D 4 .   ? 10.957  16.071  -1.508  1.00 0.57 ? 133 HOH A O     1 
HETATM 970  O O     . HOH D 4 .   ? -18.576 12.001  4.726   1.00 0.23 ? 134 HOH A O     1 
HETATM 971  O O     . HOH D 4 .   ? -17.698 8.696   0.230   1.00 0.41 ? 135 HOH A O     1 
HETATM 972  O O     . HOH D 4 .   ? 6.559   7.250   -10.863 1.00 0.33 ? 136 HOH A O     1 
HETATM 973  O O     . HOH D 4 .   ? 4.688   0.791   -13.863 1.00 0.38 ? 137 HOH A O     1 
HETATM 974  O O     . HOH D 4 .   ? -7.427  -12.840 -8.295  1.00 0.43 ? 138 HOH A O     1 
HETATM 975  O O     . HOH D 4 .   ? -0.322  -21.465 -6.887  1.00 0.55 ? 139 HOH A O     1 
HETATM 976  O O     . HOH D 4 .   ? 6.953   1.673   15.436  1.00 0.37 ? 140 HOH A O     1 
HETATM 977  O O     . HOH D 4 .   ? 7.800   -1.999  11.251  1.00 0.24 ? 141 HOH A O     1 
HETATM 978  O O     . HOH D 4 .   ? 8.347   0.115   9.193   1.00 0.30 ? 142 HOH A O     1 
HETATM 979  O O     . HOH D 4 .   ? 8.792   -0.350  14.489  1.00 0.32 ? 143 HOH A O     1 
HETATM 980  O O     . HOH D 4 .   ? 8.382   13.121  17.855  1.00 0.34 ? 144 HOH A O     1 
HETATM 981  O O     . HOH D 4 .   ? 2.906   -13.127 -6.664  1.00 0.14 ? 145 HOH A O     1 
HETATM 982  O O     . HOH D 4 .   ? 1.183   -13.003 -10.439 1.00 0.19 ? 146 HOH A O     1 
HETATM 983  O O     . HOH D 4 .   ? 3.928   -8.306  -13.865 1.00 0.46 ? 147 HOH A O     1 
HETATM 984  O O     . HOH D 4 .   ? 0.799   -16.659 -7.559  1.00 0.39 ? 148 HOH A O     1 
HETATM 985  O O     . HOH D 4 .   ? 1.837   -17.203 -12.038 1.00 0.44 ? 149 HOH A O     1 
HETATM 986  O O     . HOH D 4 .   ? 0.433   9.226   13.309  1.00 0.33 ? 150 HOH A O     1 
HETATM 987  O O     . HOH D 4 .   ? 7.008   17.651  17.528  1.00 0.46 ? 151 HOH A O     1 
HETATM 988  O O     . HOH D 4 .   ? -4.365  -0.998  -5.756  1.00 0.21 ? 152 HOH A O     1 
HETATM 989  O O     . HOH D 4 .   ? 1.927   -17.586 6.501   1.00 0.31 ? 153 HOH A O     1 
HETATM 990  O O     . HOH D 4 .   ? 2.837   18.313  -1.635  1.00 0.39 ? 154 HOH A O     1 
HETATM 991  O O     . HOH D 4 .   ? 7.955   2.415   17.937  1.00 0.52 ? 155 HOH A O     1 
HETATM 992  O O     . HOH D 4 .   ? 6.492   0.143   20.744  1.00 0.37 ? 156 HOH A O     1 
HETATM 993  O O     . HOH D 4 .   ? 10.308  3.473   3.228   1.00 0.60 ? 157 HOH A O     1 
HETATM 994  O O     . HOH D 4 .   ? -7.422  19.976  -1.315  1.00 0.35 ? 158 HOH A O     1 
HETATM 995  O O     . HOH D 4 .   ? 0.646   -5.885  -15.098 1.00 0.50 ? 159 HOH A O     1 
HETATM 996  O O     . HOH D 4 .   ? -3.294  -8.059  -8.727  1.00 0.16 ? 160 HOH A O     1 
HETATM 997  O O     . HOH D 4 .   ? 2.899   16.039  5.013   1.00 0.54 ? 161 HOH A O     1 
HETATM 998  O O     . HOH D 4 .   ? 3.269   10.699  13.534  1.00 0.46 ? 162 HOH A O     1 
HETATM 999  O O     . HOH D 4 .   ? 1.739   13.582  -6.158  1.00 0.22 ? 163 HOH A O     1 
HETATM 1000 O O     . HOH D 4 .   ? 11.053  0.861   1.502   1.00 0.36 ? 164 HOH A O     1 
HETATM 1001 O O     . HOH D 4 .   ? 12.104  -4.068  0.488   1.00 0.34 ? 165 HOH A O     1 
HETATM 1002 O O     . HOH D 4 .   ? 10.172  0.229   3.965   1.00 0.52 ? 166 HOH A O     1 
HETATM 1003 O O     . HOH D 4 .   ? 11.162  -5.831  -3.017  1.00 0.46 ? 167 HOH A O     1 
HETATM 1004 O O     . HOH D 4 .   ? 10.160  -6.746  7.396   1.00 0.46 ? 168 HOH A O     1 
HETATM 1005 O O     . HOH D 4 .   ? 1.344   6.776   13.821  1.00 0.28 ? 169 HOH A O     1 
HETATM 1006 O O     . HOH D 4 .   ? 7.894   7.102   11.951  1.00 0.56 ? 170 HOH A O     1 
HETATM 1007 O O     . HOH D 4 .   ? 10.851  6.572   8.795   1.00 0.46 ? 171 HOH A O     1 
HETATM 1008 O O     . HOH D 4 .   ? -1.109  0.823   6.781   1.00 0.17 ? 172 HOH A O     1 
HETATM 1009 O O     . HOH D 4 .   ? -1.142  1.786   9.626   1.00 0.21 ? 173 HOH A O     1 
HETATM 1010 O O     . HOH D 4 .   ? -10.382 5.379   6.008   1.00 0.32 ? 174 HOH A O     1 
HETATM 1011 O O     . HOH D 4 .   ? -11.969 3.976   3.939   1.00 0.19 ? 175 HOH A O     1 
HETATM 1012 O O     . HOH D 4 .   ? -7.745  7.351   9.573   1.00 0.26 ? 176 HOH A O     1 
HETATM 1013 O O     . HOH D 4 .   ? -9.917  3.036   8.032   1.00 0.62 ? 178 HOH A O     1 
HETATM 1014 O O     . HOH D 4 .   ? -6.455  3.183   10.452  1.00 0.74 ? 179 HOH A O     1 
HETATM 1015 O O     . HOH D 4 .   ? -5.092  4.656   12.416  1.00 0.58 ? 180 HOH A O     1 
HETATM 1016 O O     . HOH D 4 .   ? -7.958  -1.065  7.180   1.00 0.58 ? 181 HOH A O     1 
HETATM 1017 O O     . HOH D 4 .   ? -4.245  0.090   9.745   1.00 0.56 ? 182 HOH A O     1 
HETATM 1018 O O     . HOH D 4 .   ? 14.668  -5.821  -9.585  1.00 0.64 ? 183 HOH A O     1 
HETATM 1019 O O     . HOH D 4 .   ? 10.946  -6.160  -8.242  1.00 0.52 ? 184 HOH A O     1 
HETATM 1020 O O     . HOH D 4 .   ? 11.856  -7.603  -5.595  1.00 0.55 ? 185 HOH A O     1 
HETATM 1021 O O     . HOH D 4 .   ? 14.421  -9.002  -8.970  1.00 0.58 ? 186 HOH A O     1 
HETATM 1022 O O     . HOH D 4 .   ? 11.876  -3.206  -12.365 1.00 0.62 ? 187 HOH A O     1 
HETATM 1023 O O     . HOH D 4 .   ? 9.857   -10.165 -8.027  1.00 0.44 ? 188 HOH A O     1 
HETATM 1024 O O     . HOH D 4 .   ? 11.613  -8.539  -15.459 1.00 0.32 ? 189 HOH A O     1 
HETATM 1025 O O     . HOH D 4 .   ? 0.430   -7.066  9.664   1.00 0.45 ? 190 HOH A O     1 
HETATM 1026 O O     . HOH D 4 .   ? 5.597   7.922   7.386   1.00 0.44 ? 191 HOH A O     1 
HETATM 1027 O O     . HOH D 4 .   ? 11.601  3.316   11.509  1.00 0.48 ? 193 HOH A O     1 
HETATM 1028 O O     . HOH D 4 .   ? 3.676   -17.838 1.007   1.00 0.54 ? 194 HOH A O     1 
HETATM 1029 O O     . HOH D 4 .   ? 4.353   -13.610 6.745   1.00 0.26 ? 195 HOH A O     1 
HETATM 1030 O O     . HOH D 4 .   ? 11.238  -14.512 4.080   1.00 0.71 ? 196 HOH A O     1 
HETATM 1031 O O     . HOH D 4 .   ? 2.754   -12.773 13.671  1.00 0.57 ? 197 HOH A O     1 
HETATM 1032 O O     . HOH D 4 .   ? -1.684  -11.495 8.921   1.00 0.27 ? 198 HOH A O     1 
HETATM 1033 O O     . HOH D 4 .   ? -2.144  -14.934 17.851  1.00 0.41 ? 199 HOH A O     1 
HETATM 1034 O O     . HOH D 4 .   ? -6.030  -10.616 12.264  1.00 0.53 ? 200 HOH A O     1 
HETATM 1035 O O     . HOH D 4 .   ? -3.042  -11.068 16.397  1.00 0.64 ? 201 HOH A O     1 
HETATM 1036 O O     . HOH D 4 .   ? -1.824  -9.490  11.881  1.00 0.61 ? 202 HOH A O     1 
HETATM 1037 O O     . HOH D 4 .   ? 11.241  -6.536  2.873   1.00 0.35 ? 203 HOH A O     1 
HETATM 1038 O O     . HOH D 4 .   ? -6.375  -16.759 5.300   1.00 0.18 ? 204 HOH A O     1 
HETATM 1039 O O     . HOH D 4 .   ? -9.825  0.537   1.261   1.00 0.32 ? 205 HOH A O     1 
HETATM 1040 O O     . HOH D 4 .   ? -12.163 2.316   -5.084  1.00 0.61 ? 206 HOH A O     1 
HETATM 1041 O O     . HOH D 4 .   ? -11.582 6.781   -2.113  1.00 0.41 ? 207 HOH A O     1 
HETATM 1042 O O     . HOH D 4 .   ? -4.765  -1.743  -9.792  1.00 0.45 ? 208 HOH A O     1 
HETATM 1043 O O     . HOH D 4 .   ? 3.283   21.472  16.507  1.00 0.73 ? 209 HOH A O     1 
HETATM 1044 O O     . HOH D 4 .   ? 5.323   18.862  12.992  1.00 0.52 ? 210 HOH A O     1 
HETATM 1045 O O     . HOH D 4 .   ? -16.362 -4.639  -2.623  1.00 0.80 ? 211 HOH A O     1 
HETATM 1046 O O     . HOH D 4 .   ? -14.804 -2.306  -4.107  1.00 0.52 ? 212 HOH A O     1 
HETATM 1047 O O     . HOH D 4 .   ? -14.305 -1.081  -2.174  1.00 0.64 ? 213 HOH A O     1 
HETATM 1048 O O     . HOH D 4 .   ? -12.971 -5.456  -1.461  1.00 0.56 ? 214 HOH A O     1 
HETATM 1049 O O     . HOH D 4 .   ? -10.177 -4.453  0.657   1.00 0.67 ? 215 HOH A O     1 
HETATM 1050 O O     . HOH D 4 .   ? -7.236  -0.056  -5.204  1.00 0.39 ? 216 HOH A O     1 
HETATM 1051 O O     . HOH D 4 .   ? -8.197  -0.428  -7.454  1.00 0.59 ? 217 HOH A O     1 
HETATM 1052 O O     . HOH D 4 .   ? 2.476   -0.067  -16.222 1.00 0.47 ? 218 HOH A O     1 
HETATM 1053 O O     . HOH D 4 .   ? -0.396  2.215   -15.980 1.00 0.60 ? 219 HOH A O     1 
HETATM 1054 O O     . HOH D 4 .   ? -0.663  0.599   -18.084 1.00 0.75 ? 220 HOH A O     1 
HETATM 1055 O O     . HOH D 4 .   ? 8.677   4.737   -11.448 1.00 0.56 ? 221 HOH A O     1 
HETATM 1056 O O     . HOH D 4 .   ? -5.079  6.761   -14.259 1.00 0.79 ? 222 HOH A O     1 
HETATM 1057 O O     . HOH D 4 .   ? -6.576  -1.213  -14.181 1.00 0.80 ? 223 HOH A O     1 
HETATM 1058 O O     . HOH D 4 .   ? -0.083  4.835   16.465  1.00 0.45 ? 224 HOH A O     1 
# 
